data_8G27
#
_entry.id   8G27
#
_cell.length_a   1.00
_cell.length_b   1.00
_cell.length_c   1.00
_cell.angle_alpha   90.00
_cell.angle_beta   90.00
_cell.angle_gamma   90.00
#
_symmetry.space_group_name_H-M   'P 1'
#
loop_
_entity.id
_entity.type
_entity.pdbx_description
1 polymer 'Cellulose synthase'
2 branched beta-D-glucopyranose-(1-4)-beta-D-glucopyranose
3 non-polymer "URIDINE-5'-DIPHOSPHATE"
#
_entity_poly.entity_id   1
_entity_poly.type   'polypeptide(L)'
_entity_poly.pdbx_seq_one_letter_code
;MHHHHHHHHHHHHMMESGAPICHTCGEQVGHDANGDLFVACHECNYHICKSCFEYEIKEGRKVCLRCGSPYDENLLDDVE
KKGSGNQSTMASHLNNSQDVGIHARHISSVSTVDSEMNDEYGNPIWKNRVESWKDKRNKKKKSNTKPETEPAQVPPEQQM
ENKPSAEASEPLSIVYPIPRNKLTPYRAVIIMRLIILGLFFHYRITNPVDSAFGLWLTSVICEIWFAFSWVLDQFPKWKP
VNRETFIERLSARYEREGEPSQLAAVDFFVSTVDPLKEPPLITANTVLSILAVDYPVDKVSCYVSDDGAAMLTFESLVET
AEFARKWVPFCKKFSIEPRAPEFYFSQKIDYLKDKVQPSFVKERRAMKRDYEEYKVRVNALVAKAQKTPDEGWTMQDGTP
WPGNNTRDHPGMIQVFLGNTGARDIEGNELPRLVYVSREKRPGYQHHKKAGAENALVRVSAVLTNAPYILNLDCDHYVNN
SKAVREAMCILMDPQVGRDVCYVQFPQRFDGIDRSDRYANRNIVFFDVNMKGLDGIQGPMYVGTGCVFNRQALYGYGPPS
MPRLRKGKESSSCFSCCCPTKKKPAQDPAEVYRDAKREDLNAAIFNLTEIDNYDDYERSMLISQLSFEKTFGLSPVFIES
TLMENGGVPESANSSTLIKEAIHVIGCGFEEKTEWGKEIGWIYGSVTEDILSGFKMHCRGWRSIYCMPVRPAFKGSAPIN
LSDRLHQVLRWALGSVEIFFSRHCPFWYGYGGGRLKWLQRLAYINTIVYPFTSLPLIAYCTIPAVCLLTGKFIIPTLSNL
ASMLFLGLFISIIVTAVLELRWSGVSIEDLWRNEQFWVIGGVSAHLFAVFQGFLKMLAGIDTNFTVTAKAADDTEFGELY
MVKWTTLLIPPTTLLIINIVGVVAGFSDALNKGYEAWGPLFGKVFFAFWVILHLYPFLKGLMGRQNRTPTIVVLWSVLLT
SVFSLVWVKINPFVNKVDNTLAGETCISIDC
;
_entity_poly.pdbx_strand_id   D,I,C
#
# COMPACT_ATOMS: atom_id res chain seq x y z
N GLU A 170 -8.35 30.93 42.95
CA GLU A 170 -8.41 30.61 41.53
C GLU A 170 -8.96 29.18 41.33
N PRO A 171 -9.78 28.98 40.30
CA PRO A 171 -10.31 27.65 40.04
C PRO A 171 -9.30 26.75 39.35
N LEU A 172 -9.40 25.46 39.66
CA LEU A 172 -8.52 24.46 39.05
C LEU A 172 -9.06 23.91 37.75
N SER A 173 -10.37 24.00 37.52
CA SER A 173 -10.98 23.51 36.28
C SER A 173 -12.20 24.36 35.98
N ILE A 174 -12.60 24.36 34.71
CA ILE A 174 -13.75 25.13 34.25
C ILE A 174 -14.65 24.21 33.43
N VAL A 175 -15.95 24.53 33.43
CA VAL A 175 -16.96 23.79 32.69
C VAL A 175 -17.81 24.80 31.93
N TYR A 176 -18.02 24.56 30.64
CA TYR A 176 -18.82 25.43 29.82
C TYR A 176 -19.80 24.62 28.98
N PRO A 177 -20.99 25.16 28.71
CA PRO A 177 -21.96 24.43 27.88
C PRO A 177 -21.79 24.71 26.39
N ILE A 178 -22.70 24.17 25.58
CA ILE A 178 -22.67 24.45 24.14
C ILE A 178 -22.78 25.95 23.93
N PRO A 179 -22.11 26.53 22.92
CA PRO A 179 -22.16 27.99 22.75
C PRO A 179 -23.54 28.55 22.42
N ARG A 180 -24.56 27.70 22.41
CA ARG A 180 -25.98 28.04 22.23
C ARG A 180 -26.28 28.36 20.77
N ASN A 181 -25.28 28.46 19.88
CA ASN A 181 -25.57 28.68 18.47
C ASN A 181 -26.09 27.42 17.79
N LYS A 182 -25.61 26.26 18.22
CA LYS A 182 -26.02 24.98 17.64
C LYS A 182 -26.97 24.21 18.54
N LEU A 183 -27.47 24.82 19.61
CA LEU A 183 -28.33 24.14 20.57
C LEU A 183 -29.81 24.37 20.30
N THR A 184 -30.22 25.64 20.15
CA THR A 184 -31.64 25.93 19.93
C THR A 184 -32.18 25.25 18.68
N PRO A 185 -31.51 25.31 17.52
CA PRO A 185 -32.06 24.60 16.35
C PRO A 185 -32.21 23.11 16.59
N TYR A 186 -31.27 22.51 17.33
CA TYR A 186 -31.37 21.08 17.62
C TYR A 186 -32.62 20.75 18.43
N ARG A 187 -32.90 21.57 19.44
CA ARG A 187 -34.10 21.34 20.26
C ARG A 187 -35.36 21.60 19.45
N ALA A 188 -35.35 22.61 18.59
CA ALA A 188 -36.55 22.94 17.81
C ALA A 188 -36.89 21.84 16.82
N VAL A 189 -35.89 21.12 16.32
CA VAL A 189 -36.15 20.06 15.34
C VAL A 189 -36.86 18.89 16.00
N ILE A 190 -36.39 18.47 17.18
CA ILE A 190 -36.98 17.31 17.84
C ILE A 190 -38.39 17.62 18.33
N ILE A 191 -38.60 18.84 18.83
CA ILE A 191 -39.93 19.19 19.35
C ILE A 191 -40.96 19.18 18.22
N MET A 192 -40.57 19.62 17.03
CA MET A 192 -41.48 19.58 15.89
C MET A 192 -41.71 18.15 15.41
N ARG A 193 -40.69 17.29 15.53
CA ARG A 193 -40.83 15.93 15.04
C ARG A 193 -41.92 15.17 15.79
N LEU A 194 -42.05 15.42 17.09
CA LEU A 194 -43.05 14.71 17.88
C LEU A 194 -44.45 14.98 17.36
N ILE A 195 -44.77 16.22 17.03
CA ILE A 195 -46.10 16.55 16.54
C ILE A 195 -46.37 15.85 15.21
N ILE A 196 -45.37 15.82 14.32
CA ILE A 196 -45.55 15.18 13.03
C ILE A 196 -45.86 13.69 13.21
N LEU A 197 -45.14 13.03 14.12
CA LEU A 197 -45.39 11.61 14.37
C LEU A 197 -46.81 11.37 14.88
N GLY A 198 -47.28 12.23 15.78
CA GLY A 198 -48.62 12.04 16.32
C GLY A 198 -49.70 12.14 15.26
N LEU A 199 -49.60 13.14 14.39
CA LEU A 199 -50.60 13.30 13.33
C LEU A 199 -50.58 12.12 12.38
N PHE A 200 -49.39 11.54 12.12
CA PHE A 200 -49.29 10.46 11.15
C PHE A 200 -50.11 9.24 11.57
N PHE A 201 -50.26 9.00 12.88
CA PHE A 201 -51.00 7.84 13.34
C PHE A 201 -52.50 7.99 13.16
N HIS A 202 -52.99 9.22 13.03
CA HIS A 202 -54.42 9.41 12.74
C HIS A 202 -54.80 8.79 11.41
N TYR A 203 -53.95 8.97 10.40
CA TYR A 203 -54.22 8.38 9.09
C TYR A 203 -54.20 6.85 9.16
N ARG A 204 -53.28 6.28 9.93
CA ARG A 204 -53.12 4.84 10.01
C ARG A 204 -54.18 4.16 10.88
N ILE A 205 -54.96 4.93 11.64
CA ILE A 205 -56.03 4.37 12.45
C ILE A 205 -57.41 4.63 11.87
N THR A 206 -57.55 5.58 10.95
CA THR A 206 -58.81 5.84 10.28
C THR A 206 -58.93 5.10 8.95
N ASN A 207 -58.01 4.17 8.67
CA ASN A 207 -58.01 3.36 7.46
C ASN A 207 -57.97 1.90 7.89
N PRO A 208 -59.12 1.32 8.24
CA PRO A 208 -59.11 -0.01 8.88
C PRO A 208 -58.98 -1.19 7.93
N VAL A 209 -59.01 -0.98 6.61
CA VAL A 209 -59.03 -2.06 5.64
C VAL A 209 -57.90 -1.86 4.65
N ASP A 210 -57.12 -2.92 4.42
CA ASP A 210 -56.13 -2.94 3.34
C ASP A 210 -56.18 -4.27 2.59
N SER A 211 -57.35 -4.92 2.58
CA SER A 211 -57.62 -6.22 1.97
C SER A 211 -57.12 -7.36 2.86
N ALA A 212 -56.54 -7.08 4.02
CA ALA A 212 -56.09 -8.15 4.92
C ALA A 212 -56.03 -7.57 6.34
N PHE A 213 -56.98 -7.97 7.18
CA PHE A 213 -56.99 -7.47 8.55
C PHE A 213 -55.78 -7.96 9.34
N GLY A 214 -55.39 -9.21 9.12
CA GLY A 214 -54.25 -9.76 9.87
C GLY A 214 -52.99 -8.94 9.69
N LEU A 215 -52.68 -8.59 8.45
CA LEU A 215 -51.51 -7.76 8.19
C LEU A 215 -51.67 -6.37 8.81
N TRP A 216 -52.87 -5.81 8.74
CA TRP A 216 -53.10 -4.48 9.32
C TRP A 216 -52.86 -4.49 10.83
N LEU A 217 -53.35 -5.53 11.52
CA LEU A 217 -53.19 -5.59 12.97
C LEU A 217 -51.72 -5.69 13.35
N THR A 218 -50.96 -6.53 12.65
CA THR A 218 -49.55 -6.71 12.99
C THR A 218 -48.75 -5.44 12.72
N SER A 219 -48.99 -4.79 11.58
CA SER A 219 -48.19 -3.64 11.18
C SER A 219 -48.35 -2.49 12.17
N VAL A 220 -49.60 -2.18 12.55
CA VAL A 220 -49.84 -1.03 13.41
C VAL A 220 -49.20 -1.24 14.78
N ILE A 221 -49.33 -2.44 15.34
CA ILE A 221 -48.77 -2.72 16.66
C ILE A 221 -47.26 -2.61 16.63
N CYS A 222 -46.63 -3.18 15.59
CA CYS A 222 -45.17 -3.15 15.51
C CYS A 222 -44.66 -1.72 15.37
N GLU A 223 -45.33 -0.90 14.57
CA GLU A 223 -44.89 0.49 14.39
C GLU A 223 -44.97 1.28 15.68
N ILE A 224 -46.01 1.04 16.47
CA ILE A 224 -46.19 1.81 17.71
C ILE A 224 -45.01 1.58 18.64
N TRP A 225 -44.48 0.36 18.69
CA TRP A 225 -43.34 0.07 19.55
C TRP A 225 -42.14 0.91 19.16
N PHE A 226 -41.88 1.06 17.86
CA PHE A 226 -40.72 1.81 17.41
C PHE A 226 -40.78 3.26 17.89
N ALA A 227 -41.98 3.85 17.87
CA ALA A 227 -42.12 5.22 18.35
C ALA A 227 -41.73 5.33 19.82
N PHE A 228 -42.17 4.38 20.64
CA PHE A 228 -41.83 4.41 22.06
C PHE A 228 -40.32 4.24 22.25
N SER A 229 -39.69 3.36 21.47
CA SER A 229 -38.25 3.15 21.60
C SER A 229 -37.49 4.43 21.31
N TRP A 230 -37.89 5.17 20.27
CA TRP A 230 -37.23 6.43 19.95
C TRP A 230 -37.39 7.43 21.09
N VAL A 231 -38.56 7.47 21.71
CA VAL A 231 -38.80 8.42 22.79
C VAL A 231 -37.85 8.17 23.94
N LEU A 232 -37.65 6.90 24.31
CA LEU A 232 -36.79 6.56 25.43
C LEU A 232 -35.32 6.81 25.14
N ASP A 233 -34.95 7.05 23.89
CA ASP A 233 -33.55 7.19 23.50
C ASP A 233 -33.14 8.61 23.14
N GLN A 234 -34.09 9.45 22.72
CA GLN A 234 -33.74 10.79 22.25
C GLN A 234 -33.59 11.77 23.41
N PHE A 235 -34.50 11.73 24.38
CA PHE A 235 -34.48 12.72 25.45
C PHE A 235 -33.18 12.71 26.25
N PRO A 236 -32.59 11.57 26.61
CA PRO A 236 -31.38 11.60 27.46
C PRO A 236 -30.24 12.42 26.89
N LYS A 237 -30.27 12.75 25.60
CA LYS A 237 -29.21 13.53 24.96
C LYS A 237 -29.42 15.04 25.10
N TRP A 238 -30.17 15.47 26.11
CA TRP A 238 -30.48 16.88 26.31
C TRP A 238 -29.42 17.53 27.21
N LYS A 239 -29.09 18.78 26.90
CA LYS A 239 -28.18 19.60 27.71
C LYS A 239 -26.78 18.99 27.76
N PRO A 240 -26.05 18.98 26.66
CA PRO A 240 -24.64 18.54 26.72
C PRO A 240 -23.79 19.58 27.44
N VAL A 241 -22.59 19.14 27.84
CA VAL A 241 -21.67 19.98 28.60
C VAL A 241 -20.24 19.59 28.25
N ASN A 242 -19.33 20.56 28.37
CA ASN A 242 -17.92 20.35 28.11
C ASN A 242 -17.10 20.89 29.27
N ARG A 243 -15.89 20.34 29.44
CA ARG A 243 -15.03 20.68 30.56
C ARG A 243 -13.61 20.91 30.08
N GLU A 244 -12.81 21.54 30.93
CA GLU A 244 -11.40 21.78 30.66
C GLU A 244 -10.64 21.76 31.98
N THR A 245 -9.34 21.48 31.90
CA THR A 245 -8.50 21.39 33.09
C THR A 245 -7.09 21.87 32.75
N PHE A 246 -6.41 22.37 33.78
CA PHE A 246 -5.03 22.81 33.67
C PHE A 246 -4.20 22.13 34.77
N ILE A 247 -2.91 21.94 34.48
CA ILE A 247 -2.02 21.24 35.39
C ILE A 247 -1.01 22.17 36.06
N GLU A 248 -0.69 23.32 35.45
CA GLU A 248 0.33 24.19 36.01
C GLU A 248 -0.09 24.72 37.37
N ARG A 249 -1.35 25.12 37.51
CA ARG A 249 -1.81 25.71 38.77
C ARG A 249 -1.79 24.68 39.89
N LEU A 250 -2.12 23.42 39.59
CA LEU A 250 -2.15 22.40 40.63
C LEU A 250 -0.77 22.22 41.25
N SER A 251 0.27 22.15 40.43
CA SER A 251 1.62 21.96 40.95
C SER A 251 2.04 23.13 41.82
N ALA A 252 1.75 24.36 41.39
CA ALA A 252 2.16 25.54 42.15
C ALA A 252 1.49 25.59 43.51
N ARG A 253 0.20 25.24 43.56
CA ARG A 253 -0.55 25.39 44.81
C ARG A 253 -0.15 24.33 45.84
N TYR A 254 -0.17 23.06 45.45
CA TYR A 254 0.03 21.97 46.39
C TYR A 254 1.49 21.57 46.55
N GLU A 255 2.29 21.69 45.49
CA GLU A 255 3.68 21.24 45.49
C GLU A 255 4.66 22.41 45.60
N ARG A 256 4.30 23.45 46.36
CA ARG A 256 5.22 24.56 46.54
C ARG A 256 6.49 24.09 47.23
N GLU A 257 7.62 24.64 46.79
CA GLU A 257 8.92 24.22 47.31
C GLU A 257 9.03 24.59 48.80
N GLY A 258 10.14 24.17 49.41
CA GLY A 258 10.37 24.42 50.81
C GLY A 258 9.93 23.26 51.70
N GLU A 259 8.63 22.98 51.72
CA GLU A 259 8.09 21.89 52.53
C GLU A 259 7.78 20.68 51.66
N PRO A 260 7.60 19.51 52.26
CA PRO A 260 7.35 18.30 51.48
C PRO A 260 6.05 18.40 50.68
N SER A 261 5.85 17.42 49.80
CA SER A 261 4.67 17.39 48.97
C SER A 261 3.42 17.14 49.81
N GLN A 262 2.30 17.67 49.32
CA GLN A 262 1.00 17.53 49.99
C GLN A 262 -0.02 16.83 49.12
N LEU A 263 0.44 15.92 48.26
CA LEU A 263 -0.44 15.19 47.37
C LEU A 263 -0.97 13.92 48.04
N ALA A 264 -1.95 13.31 47.40
CA ALA A 264 -2.56 12.08 47.90
C ALA A 264 -1.92 10.87 47.24
N ALA A 265 -2.20 9.69 47.80
CA ALA A 265 -1.65 8.43 47.32
C ALA A 265 -2.65 7.73 46.42
N VAL A 266 -2.12 6.85 45.56
CA VAL A 266 -2.93 6.08 44.62
C VAL A 266 -2.47 4.63 44.66
N ASP A 267 -3.37 3.74 44.23
CA ASP A 267 -3.09 2.31 44.18
C ASP A 267 -3.55 1.76 42.84
N PHE A 268 -2.90 0.67 42.42
CA PHE A 268 -3.20 0.02 41.15
C PHE A 268 -3.45 -1.46 41.39
N PHE A 269 -4.35 -2.03 40.59
CA PHE A 269 -4.70 -3.44 40.67
C PHE A 269 -4.62 -4.07 39.29
N VAL A 270 -4.06 -5.27 39.23
CA VAL A 270 -3.95 -6.05 38.01
C VAL A 270 -4.43 -7.47 38.29
N SER A 271 -5.28 -7.99 37.41
CA SER A 271 -5.89 -9.30 37.59
C SER A 271 -5.45 -10.21 36.45
N THR A 272 -4.98 -11.42 36.80
CA THR A 272 -4.61 -12.44 35.83
C THR A 272 -5.20 -13.77 36.28
N VAL A 273 -5.39 -14.68 35.32
CA VAL A 273 -6.05 -15.95 35.55
C VAL A 273 -5.16 -17.13 35.15
N ASP A 274 -4.73 -17.16 33.89
CA ASP A 274 -3.97 -18.30 33.37
C ASP A 274 -2.79 -17.81 32.53
N PRO A 275 -1.64 -18.48 32.61
CA PRO A 275 -0.48 -18.07 31.80
C PRO A 275 -0.52 -18.58 30.36
N LEU A 276 -1.06 -19.79 30.17
CA LEU A 276 -1.01 -20.40 28.85
C LEU A 276 -1.99 -19.75 27.88
N LYS A 277 -3.21 -19.49 28.34
CA LYS A 277 -4.22 -18.92 27.44
C LYS A 277 -3.85 -17.51 26.99
N GLU A 278 -3.25 -16.72 27.88
CA GLU A 278 -2.85 -15.35 27.57
C GLU A 278 -1.35 -15.23 27.76
N PRO A 279 -0.59 -14.81 26.74
CA PRO A 279 0.88 -14.81 26.84
C PRO A 279 1.35 -13.92 27.98
N PRO A 280 2.45 -14.30 28.66
CA PRO A 280 2.93 -13.49 29.78
C PRO A 280 3.69 -12.25 29.36
N LEU A 281 4.16 -12.17 28.12
CA LEU A 281 4.92 -11.00 27.69
C LEU A 281 4.07 -9.74 27.76
N ILE A 282 2.80 -9.82 27.35
CA ILE A 282 1.92 -8.67 27.42
C ILE A 282 1.73 -8.22 28.86
N THR A 283 1.55 -9.18 29.78
CA THR A 283 1.37 -8.83 31.18
C THR A 283 2.60 -8.12 31.73
N ALA A 284 3.79 -8.60 31.35
CA ALA A 284 5.02 -7.96 31.84
C ALA A 284 5.12 -6.52 31.37
N ASN A 285 4.74 -6.25 30.12
CA ASN A 285 4.80 -4.89 29.60
C ASN A 285 3.87 -3.97 30.38
N THR A 286 2.67 -4.44 30.71
CA THR A 286 1.74 -3.61 31.48
C THR A 286 2.30 -3.27 32.84
N VAL A 287 2.91 -4.23 33.52
CA VAL A 287 3.47 -3.98 34.85
C VAL A 287 4.55 -2.91 34.78
N LEU A 288 5.42 -2.99 33.77
CA LEU A 288 6.48 -1.99 33.64
C LEU A 288 5.90 -0.59 33.44
N SER A 289 4.82 -0.47 32.66
CA SER A 289 4.24 0.83 32.40
C SER A 289 3.72 1.48 33.68
N ILE A 290 3.12 0.67 34.57
CA ILE A 290 2.55 1.23 35.80
C ILE A 290 3.63 1.88 36.64
N LEU A 291 4.83 1.30 36.66
CA LEU A 291 5.91 1.81 37.50
C LEU A 291 6.59 3.04 36.94
N ALA A 292 6.25 3.46 35.72
CA ALA A 292 6.88 4.60 35.06
C ALA A 292 5.99 5.83 35.05
N VAL A 293 5.03 5.92 35.97
CA VAL A 293 4.14 7.08 36.00
C VAL A 293 4.92 8.31 36.48
N ASP A 294 4.38 9.48 36.17
CA ASP A 294 4.96 10.76 36.58
C ASP A 294 4.28 11.21 37.86
N TYR A 295 4.78 10.69 38.98
CA TYR A 295 4.23 10.99 40.29
C TYR A 295 5.31 10.71 41.33
N PRO A 296 5.24 11.32 42.51
CA PRO A 296 6.24 11.03 43.54
C PRO A 296 6.27 9.55 43.88
N VAL A 297 7.49 9.03 44.06
CA VAL A 297 7.67 7.60 44.30
C VAL A 297 7.23 7.17 45.69
N ASP A 298 6.99 8.12 46.60
CA ASP A 298 6.56 7.80 47.95
C ASP A 298 5.05 7.63 48.07
N LYS A 299 4.31 7.80 46.99
CA LYS A 299 2.84 7.74 47.02
C LYS A 299 2.29 6.57 46.23
N VAL A 300 2.77 6.35 45.00
CA VAL A 300 2.17 5.34 44.14
C VAL A 300 2.57 3.94 44.61
N SER A 301 1.71 2.97 44.32
CA SER A 301 1.97 1.57 44.64
C SER A 301 1.26 0.70 43.62
N CYS A 302 1.72 -0.54 43.49
CA CYS A 302 1.19 -1.48 42.52
C CYS A 302 0.88 -2.82 43.19
N TYR A 303 -0.16 -3.48 42.70
CA TYR A 303 -0.56 -4.80 43.19
C TYR A 303 -0.86 -5.70 42.01
N VAL A 304 -0.50 -6.98 42.14
CA VAL A 304 -0.74 -7.99 41.12
C VAL A 304 -1.38 -9.19 41.78
N SER A 305 -2.46 -9.69 41.18
CA SER A 305 -3.21 -10.83 41.70
C SER A 305 -3.40 -11.86 40.60
N ASP A 306 -3.12 -13.12 40.93
CA ASP A 306 -3.32 -14.24 40.01
C ASP A 306 -4.26 -15.25 40.66
N ASP A 307 -5.29 -15.65 39.92
CA ASP A 307 -6.25 -16.61 40.46
C ASP A 307 -5.65 -18.01 40.52
N GLY A 308 -5.25 -18.54 39.36
CA GLY A 308 -4.62 -19.84 39.31
C GLY A 308 -3.13 -19.77 39.55
N ALA A 309 -2.67 -20.32 40.68
CA ALA A 309 -1.25 -20.26 41.01
C ALA A 309 -0.43 -20.95 39.93
N ALA A 310 0.63 -20.29 39.50
CA ALA A 310 1.51 -20.82 38.47
C ALA A 310 2.94 -20.35 38.74
N MET A 311 3.91 -21.23 38.48
CA MET A 311 5.31 -20.87 38.69
C MET A 311 5.80 -19.91 37.63
N LEU A 312 5.24 -19.99 36.41
CA LEU A 312 5.68 -19.11 35.35
C LEU A 312 5.41 -17.65 35.68
N THR A 313 4.23 -17.35 36.23
CA THR A 313 3.90 -15.97 36.57
C THR A 313 4.84 -15.44 37.65
N PHE A 314 5.10 -16.24 38.69
CA PHE A 314 6.00 -15.82 39.74
C PHE A 314 7.42 -15.63 39.21
N GLU A 315 7.89 -16.57 38.38
CA GLU A 315 9.23 -16.46 37.83
C GLU A 315 9.34 -15.31 36.83
N SER A 316 8.27 -15.06 36.07
CA SER A 316 8.30 -13.96 35.11
C SER A 316 8.38 -12.61 35.81
N LEU A 317 7.67 -12.46 36.93
CA LEU A 317 7.69 -11.20 37.65
C LEU A 317 9.09 -10.89 38.17
N VAL A 318 9.82 -11.92 38.64
CA VAL A 318 11.17 -11.70 39.15
C VAL A 318 12.06 -11.15 38.05
N GLU A 319 11.97 -11.71 36.84
CA GLU A 319 12.77 -11.20 35.74
C GLU A 319 12.40 -9.76 35.40
N THR A 320 11.10 -9.44 35.42
CA THR A 320 10.68 -8.08 35.10
C THR A 320 11.23 -7.08 36.12
N ALA A 321 11.22 -7.46 37.40
CA ALA A 321 11.75 -6.55 38.42
C ALA A 321 13.22 -6.25 38.20
N GLU A 322 13.99 -7.26 37.80
CA GLU A 322 15.42 -7.04 37.55
C GLU A 322 15.63 -6.03 36.43
N PHE A 323 14.85 -6.14 35.35
CA PHE A 323 15.01 -5.23 34.23
C PHE A 323 14.49 -3.83 34.53
N ALA A 324 13.60 -3.69 35.52
CA ALA A 324 13.04 -2.38 35.84
C ALA A 324 14.11 -1.41 36.32
N ARG A 325 15.24 -1.90 36.84
CA ARG A 325 16.27 -1.02 37.34
C ARG A 325 16.82 -0.12 36.23
N LYS A 326 17.05 -0.69 35.04
CA LYS A 326 17.60 0.10 33.94
C LYS A 326 16.52 0.88 33.22
N TRP A 327 15.32 0.31 33.09
CA TRP A 327 14.27 0.94 32.28
C TRP A 327 13.80 2.26 32.88
N VAL A 328 13.64 2.29 34.21
CA VAL A 328 13.03 3.44 34.87
C VAL A 328 13.88 4.70 34.66
N PRO A 329 15.12 4.74 35.13
CA PRO A 329 15.89 5.99 35.04
C PRO A 329 16.06 6.49 33.61
N PHE A 330 16.20 5.59 32.63
CA PHE A 330 16.36 6.02 31.25
C PHE A 330 15.14 6.78 30.76
N CYS A 331 13.94 6.28 31.06
CA CYS A 331 12.72 6.94 30.59
C CYS A 331 12.56 8.31 31.23
N LYS A 332 12.82 8.42 32.53
CA LYS A 332 12.58 9.67 33.23
C LYS A 332 13.46 10.79 32.70
N LYS A 333 14.75 10.50 32.46
CA LYS A 333 15.68 11.54 32.07
C LYS A 333 15.30 12.14 30.72
N PHE A 334 14.97 11.30 29.74
CA PHE A 334 14.68 11.75 28.39
C PHE A 334 13.20 12.04 28.16
N SER A 335 12.33 11.72 29.11
CA SER A 335 10.90 11.99 29.01
C SER A 335 10.35 11.46 27.68
N ILE A 336 10.43 10.15 27.51
CA ILE A 336 9.96 9.48 26.30
C ILE A 336 8.55 8.96 26.54
N GLU A 337 7.78 8.83 25.45
CA GLU A 337 6.43 8.33 25.51
C GLU A 337 6.11 7.64 24.19
N PRO A 338 5.42 6.49 24.20
CA PRO A 338 4.93 5.76 25.38
C PRO A 338 6.04 5.04 26.12
N ARG A 339 5.78 4.67 27.38
CA ARG A 339 6.78 4.05 28.24
C ARG A 339 6.69 2.53 28.23
N ALA A 340 6.03 1.95 27.21
CA ALA A 340 5.97 0.51 27.06
C ALA A 340 6.99 0.08 26.02
N PRO A 341 8.05 -0.65 26.37
CA PRO A 341 9.09 -0.95 25.38
C PRO A 341 8.56 -1.71 24.17
N GLU A 342 7.64 -2.65 24.36
CA GLU A 342 7.14 -3.43 23.24
C GLU A 342 6.39 -2.56 22.24
N PHE A 343 5.55 -1.64 22.73
CA PHE A 343 4.74 -0.78 21.88
C PHE A 343 5.45 0.52 21.52
N TYR A 344 6.66 0.76 22.04
CA TYR A 344 7.42 1.96 21.74
C TYR A 344 8.47 1.74 20.66
N PHE A 345 9.26 0.67 20.78
CA PHE A 345 10.28 0.40 19.79
C PHE A 345 9.67 0.12 18.42
N SER A 346 8.57 -0.64 18.38
CA SER A 346 7.92 -1.00 17.13
C SER A 346 7.05 0.16 16.63
N GLN A 347 7.71 1.29 16.37
CA GLN A 347 7.06 2.48 15.84
C GLN A 347 7.93 3.07 14.75
N LYS A 348 7.29 3.51 13.66
CA LYS A 348 7.99 4.10 12.53
C LYS A 348 8.02 5.62 12.58
N ILE A 349 7.49 6.23 13.65
CA ILE A 349 7.55 7.67 13.79
C ILE A 349 8.98 8.09 14.08
N ASP A 350 9.45 9.14 13.39
CA ASP A 350 10.81 9.62 13.58
C ASP A 350 11.07 9.92 15.04
N TYR A 351 11.99 9.18 15.64
CA TYR A 351 12.28 9.33 17.07
C TYR A 351 13.13 10.56 17.36
N LEU A 352 13.79 11.13 16.36
CA LEU A 352 14.54 12.38 16.52
C LEU A 352 13.67 13.52 15.99
N LYS A 353 12.67 13.89 16.79
CA LYS A 353 11.72 14.94 16.44
C LYS A 353 11.97 16.22 17.22
N ASP A 354 11.96 16.15 18.55
CA ASP A 354 12.15 17.32 19.39
C ASP A 354 13.24 17.15 20.45
N LYS A 355 13.95 16.03 20.44
CA LYS A 355 14.98 15.81 21.44
C LYS A 355 16.11 16.82 21.29
N VAL A 356 16.62 17.31 22.42
CA VAL A 356 17.69 18.29 22.43
C VAL A 356 18.89 17.83 23.23
N GLN A 357 18.82 16.70 23.93
CA GLN A 357 19.95 16.25 24.73
C GLN A 357 21.11 15.84 23.82
N PRO A 358 22.36 15.97 24.29
CA PRO A 358 23.51 15.67 23.43
C PRO A 358 23.80 14.19 23.28
N SER A 359 23.55 13.42 24.35
CA SER A 359 23.90 12.00 24.38
C SER A 359 22.66 11.11 24.29
N PHE A 360 21.63 11.56 23.56
CA PHE A 360 20.42 10.76 23.41
C PHE A 360 20.69 9.52 22.55
N VAL A 361 21.42 9.69 21.44
CA VAL A 361 21.64 8.58 20.52
C VAL A 361 22.47 7.49 21.18
N LYS A 362 23.53 7.87 21.89
CA LYS A 362 24.43 6.87 22.47
C LYS A 362 23.69 6.00 23.48
N GLU A 363 22.87 6.61 24.33
CA GLU A 363 22.12 5.82 25.31
C GLU A 363 21.02 4.99 24.66
N ARG A 364 20.41 5.50 23.59
CA ARG A 364 19.34 4.77 22.93
C ARG A 364 19.83 3.44 22.36
N ARG A 365 21.02 3.44 21.74
CA ARG A 365 21.53 2.21 21.15
C ARG A 365 21.75 1.13 22.20
N ALA A 366 22.33 1.50 23.35
CA ALA A 366 22.56 0.51 24.40
C ALA A 366 21.26 -0.04 24.94
N MET A 367 20.25 0.81 25.11
CA MET A 367 18.97 0.36 25.66
C MET A 367 18.31 -0.65 24.74
N LYS A 368 18.38 -0.42 23.42
CA LYS A 368 17.76 -1.35 22.48
C LYS A 368 18.38 -2.74 22.59
N ARG A 369 19.71 -2.80 22.71
CA ARG A 369 20.38 -4.10 22.85
C ARG A 369 19.93 -4.82 24.12
N ASP A 370 19.83 -4.07 25.23
CA ASP A 370 19.44 -4.69 26.49
C ASP A 370 18.03 -5.27 26.42
N TYR A 371 17.11 -4.54 25.79
CA TYR A 371 15.72 -5.00 25.71
C TYR A 371 15.63 -6.32 24.95
N GLU A 372 16.37 -6.44 23.84
CA GLU A 372 16.31 -7.66 23.05
C GLU A 372 16.78 -8.86 23.86
N GLU A 373 17.86 -8.69 24.63
CA GLU A 373 18.36 -9.80 25.45
C GLU A 373 17.33 -10.23 26.48
N TYR A 374 16.66 -9.26 27.12
CA TYR A 374 15.64 -9.59 28.10
C TYR A 374 14.50 -10.37 27.47
N LYS A 375 14.11 -10.00 26.25
CA LYS A 375 13.02 -10.69 25.57
C LYS A 375 13.36 -12.17 25.37
N VAL A 376 14.60 -12.46 24.99
CA VAL A 376 15.00 -13.84 24.77
C VAL A 376 14.89 -14.66 26.05
N ARG A 377 15.33 -14.07 27.17
CA ARG A 377 15.29 -14.79 28.44
C ARG A 377 13.86 -15.19 28.81
N VAL A 378 12.91 -14.27 28.62
CA VAL A 378 11.52 -14.59 28.93
C VAL A 378 11.01 -15.72 28.05
N ASN A 379 11.40 -15.70 26.77
CA ASN A 379 10.94 -16.74 25.85
C ASN A 379 11.42 -18.12 26.30
N ALA A 380 12.68 -18.22 26.73
CA ALA A 380 13.20 -19.51 27.18
C ALA A 380 12.44 -20.01 28.40
N LEU A 381 12.14 -19.10 29.35
CA LEU A 381 11.42 -19.50 30.55
C LEU A 381 10.04 -20.04 30.22
N VAL A 382 9.34 -19.36 29.31
CA VAL A 382 7.98 -19.79 28.95
C VAL A 382 8.02 -21.17 28.29
N ALA A 383 8.96 -21.38 27.37
CA ALA A 383 9.03 -22.66 26.66
C ALA A 383 9.47 -23.79 27.60
N LYS A 384 10.22 -23.47 28.64
CA LYS A 384 10.70 -24.51 29.55
C LYS A 384 9.54 -25.21 30.25
N ALA A 385 8.53 -24.45 30.68
CA ALA A 385 7.43 -24.97 31.46
C ALA A 385 6.35 -25.65 30.62
N GLN A 386 6.64 -25.96 29.35
CA GLN A 386 5.65 -26.67 28.54
C GLN A 386 5.36 -28.04 29.12
N LYS A 387 6.39 -28.76 29.55
CA LYS A 387 6.23 -30.04 30.23
C LYS A 387 6.11 -29.81 31.75
N THR A 388 5.63 -30.84 32.44
CA THR A 388 5.47 -30.80 33.88
C THR A 388 6.18 -32.00 34.49
N PRO A 389 7.08 -31.81 35.45
CA PRO A 389 7.75 -32.97 36.08
C PRO A 389 6.74 -33.85 36.80
N ASP A 390 7.02 -35.15 36.80
CA ASP A 390 6.10 -36.10 37.43
C ASP A 390 5.95 -35.82 38.92
N GLU A 391 7.06 -35.54 39.61
CA GLU A 391 7.00 -35.27 41.04
C GLU A 391 6.29 -33.96 41.32
N GLY A 392 6.64 -32.92 40.58
CA GLY A 392 6.06 -31.59 40.76
C GLY A 392 7.14 -30.53 40.69
N TRP A 393 6.69 -29.29 40.48
CA TRP A 393 7.61 -28.17 40.38
C TRP A 393 8.30 -27.92 41.72
N THR A 394 9.58 -27.58 41.67
CA THR A 394 10.38 -27.29 42.85
C THR A 394 11.06 -25.94 42.67
N MET A 395 11.18 -25.20 43.77
CA MET A 395 11.79 -23.89 43.74
C MET A 395 13.32 -23.99 43.70
N GLN A 396 13.96 -22.87 43.40
CA GLN A 396 15.42 -22.85 43.31
C GLN A 396 16.05 -23.16 44.67
N ASP A 397 15.48 -22.61 45.74
CA ASP A 397 16.06 -22.83 47.06
C ASP A 397 16.12 -24.31 47.42
N GLY A 398 15.18 -25.10 46.91
CA GLY A 398 15.17 -26.53 47.18
C GLY A 398 13.95 -26.97 47.97
N THR A 399 12.84 -26.26 47.79
CA THR A 399 11.59 -26.60 48.46
C THR A 399 10.47 -26.66 47.43
N PRO A 400 9.45 -27.49 47.67
CA PRO A 400 8.36 -27.61 46.71
C PRO A 400 7.55 -26.32 46.61
N TRP A 401 7.00 -26.10 45.42
CA TRP A 401 6.11 -24.96 45.21
C TRP A 401 4.85 -25.18 46.03
N PRO A 402 4.45 -24.23 46.90
CA PRO A 402 3.31 -24.50 47.79
C PRO A 402 2.05 -24.89 47.06
N GLY A 403 1.76 -24.27 45.92
CA GLY A 403 0.57 -24.61 45.16
C GLY A 403 0.82 -25.63 44.08
N ASN A 404 0.56 -26.90 44.37
CA ASN A 404 0.73 -27.96 43.40
C ASN A 404 -0.57 -28.37 42.72
N ASN A 405 -1.72 -28.02 43.30
CA ASN A 405 -3.02 -28.30 42.71
C ASN A 405 -3.71 -26.97 42.42
N THR A 406 -4.22 -26.83 41.19
CA THR A 406 -4.87 -25.58 40.80
C THR A 406 -6.12 -25.32 41.64
N ARG A 407 -6.76 -26.38 42.15
CA ARG A 407 -7.97 -26.26 42.94
C ARG A 407 -7.69 -26.24 44.45
N ASP A 408 -6.43 -26.27 44.86
CA ASP A 408 -6.11 -26.28 46.29
C ASP A 408 -4.70 -25.73 46.46
N HIS A 409 -4.59 -24.54 47.06
CA HIS A 409 -3.30 -23.93 47.33
C HIS A 409 -3.43 -22.90 48.45
N PRO A 410 -2.68 -23.01 49.54
CA PRO A 410 -2.74 -21.97 50.58
C PRO A 410 -2.35 -20.61 50.04
N GLY A 411 -3.01 -19.57 50.56
CA GLY A 411 -2.71 -18.23 50.11
C GLY A 411 -1.27 -17.84 50.40
N MET A 412 -0.69 -17.06 49.49
CA MET A 412 0.69 -16.62 49.60
C MET A 412 0.76 -15.12 49.34
N ILE A 413 1.69 -14.46 50.05
CA ILE A 413 1.91 -13.02 49.90
C ILE A 413 3.40 -12.75 49.90
N GLN A 414 3.84 -11.85 49.03
CA GLN A 414 5.24 -11.48 48.94
C GLN A 414 5.34 -10.04 48.47
N VAL A 415 6.50 -9.43 48.75
CA VAL A 415 6.76 -8.03 48.41
C VAL A 415 8.07 -7.98 47.62
N PHE A 416 8.05 -7.22 46.52
CA PHE A 416 9.23 -7.07 45.67
C PHE A 416 9.44 -5.60 45.35
N LEU A 417 10.72 -5.23 45.17
CA LEU A 417 11.08 -3.87 44.76
C LEU A 417 10.51 -2.83 45.70
N GLY A 418 10.51 -3.14 47.00
CA GLY A 418 9.97 -2.24 48.00
C GLY A 418 10.96 -1.15 48.40
N ASN A 419 10.54 -0.35 49.38
CA ASN A 419 11.40 0.71 49.87
C ASN A 419 12.68 0.13 50.49
N THR A 420 12.55 -0.95 51.27
CA THR A 420 13.69 -1.62 51.87
C THR A 420 14.01 -2.84 51.00
N GLY A 421 14.83 -2.62 49.98
CA GLY A 421 15.19 -3.68 49.07
C GLY A 421 16.01 -3.20 47.88
N ALA A 422 15.64 -3.65 46.68
CA ALA A 422 16.38 -3.27 45.49
C ALA A 422 16.27 -1.76 45.26
N ARG A 423 17.35 -1.19 44.75
CA ARG A 423 17.42 0.24 44.47
C ARG A 423 17.92 0.45 43.04
N ASP A 424 17.58 1.62 42.49
CA ASP A 424 17.98 1.95 41.13
C ASP A 424 19.51 1.99 41.03
N ILE A 425 19.99 1.98 39.79
CA ILE A 425 21.44 2.02 39.55
C ILE A 425 22.03 3.31 40.11
N GLU A 426 21.35 4.44 39.88
CA GLU A 426 21.86 5.71 40.40
C GLU A 426 21.90 5.70 41.92
N GLY A 427 20.85 5.17 42.55
CA GLY A 427 20.80 5.11 44.00
C GLY A 427 19.46 5.56 44.56
N ASN A 428 18.50 5.83 43.70
CA ASN A 428 17.17 6.26 44.13
C ASN A 428 16.29 5.04 44.40
N GLU A 429 15.05 5.31 44.79
CA GLU A 429 14.07 4.26 45.09
C GLU A 429 13.05 4.17 43.97
N LEU A 430 12.28 3.09 44.01
CA LEU A 430 11.27 2.78 43.01
C LEU A 430 9.98 2.36 43.70
N PRO A 431 8.84 2.46 43.00
CA PRO A 431 7.57 2.07 43.63
C PRO A 431 7.59 0.61 44.06
N ARG A 432 6.93 0.34 45.19
CA ARG A 432 6.86 -1.00 45.73
C ARG A 432 5.89 -1.85 44.93
N LEU A 433 6.20 -3.14 44.81
CA LEU A 433 5.38 -4.11 44.11
C LEU A 433 5.01 -5.24 45.07
N VAL A 434 3.74 -5.65 45.04
CA VAL A 434 3.21 -6.66 45.95
C VAL A 434 2.57 -7.77 45.11
N TYR A 435 2.89 -9.02 45.45
CA TYR A 435 2.31 -10.19 44.81
C TYR A 435 1.47 -10.95 45.84
N VAL A 436 0.21 -11.19 45.51
CA VAL A 436 -0.74 -11.79 46.43
C VAL A 436 -1.53 -12.88 45.70
N SER A 437 -1.76 -13.99 46.38
CA SER A 437 -2.57 -15.09 45.87
C SER A 437 -3.57 -15.53 46.92
N ARG A 438 -4.74 -15.96 46.46
CA ARG A 438 -5.83 -16.33 47.35
C ARG A 438 -5.71 -17.78 47.78
N GLU A 439 -6.65 -18.22 48.61
CA GLU A 439 -6.72 -19.59 49.10
C GLU A 439 -7.98 -20.25 48.56
N LYS A 440 -7.85 -21.47 48.08
CA LYS A 440 -8.97 -22.22 47.51
C LYS A 440 -9.02 -23.61 48.12
N ARG A 441 -10.22 -24.06 48.46
CA ARG A 441 -10.45 -25.40 49.00
C ARG A 441 -11.69 -25.98 48.33
N PRO A 442 -11.77 -27.30 48.21
CA PRO A 442 -12.94 -27.92 47.58
C PRO A 442 -14.19 -27.76 48.43
N GLY A 443 -15.34 -27.77 47.75
CA GLY A 443 -16.62 -27.67 48.41
C GLY A 443 -17.15 -26.28 48.60
N TYR A 444 -16.51 -25.27 48.02
CA TYR A 444 -16.95 -23.88 48.15
C TYR A 444 -17.04 -23.25 46.76
N GLN A 445 -17.92 -22.26 46.64
CA GLN A 445 -18.14 -21.54 45.40
C GLN A 445 -17.37 -20.22 45.46
N HIS A 446 -16.50 -20.01 44.48
CA HIS A 446 -15.67 -18.80 44.41
C HIS A 446 -16.15 -17.94 43.25
N HIS A 447 -16.55 -16.72 43.55
CA HIS A 447 -16.96 -15.78 42.51
C HIS A 447 -15.75 -15.29 41.73
N LYS A 448 -15.96 -15.01 40.45
CA LYS A 448 -14.89 -14.73 39.51
C LYS A 448 -14.83 -13.24 39.20
N LYS A 449 -13.70 -12.62 39.53
CA LYS A 449 -13.43 -11.21 39.22
C LYS A 449 -14.23 -10.28 40.12
N ALA A 450 -15.10 -10.83 40.96
CA ALA A 450 -15.83 -10.05 41.94
C ALA A 450 -15.35 -10.29 43.37
N GLY A 451 -14.92 -11.51 43.67
CA GLY A 451 -14.28 -11.79 44.96
C GLY A 451 -12.81 -11.45 44.92
N ALA A 452 -12.22 -11.48 43.73
CA ALA A 452 -10.81 -11.11 43.60
C ALA A 452 -10.59 -9.64 43.90
N GLU A 453 -11.45 -8.77 43.36
CA GLU A 453 -11.35 -7.34 43.65
C GLU A 453 -11.57 -7.07 45.13
N ASN A 454 -12.57 -7.72 45.73
CA ASN A 454 -12.84 -7.53 47.15
C ASN A 454 -11.66 -7.97 48.00
N ALA A 455 -11.04 -9.11 47.64
CA ALA A 455 -9.89 -9.60 48.40
C ALA A 455 -8.74 -8.62 48.33
N LEU A 456 -8.48 -8.04 47.15
CA LEU A 456 -7.40 -7.07 47.03
C LEU A 456 -7.64 -5.85 47.90
N VAL A 457 -8.88 -5.36 47.94
CA VAL A 457 -9.20 -4.18 48.73
C VAL A 457 -8.89 -4.45 50.21
N ARG A 458 -9.31 -5.61 50.71
CA ARG A 458 -9.06 -5.93 52.12
C ARG A 458 -7.57 -6.02 52.41
N VAL A 459 -6.82 -6.69 51.53
CA VAL A 459 -5.38 -6.83 51.76
C VAL A 459 -4.69 -5.48 51.70
N SER A 460 -5.06 -4.64 50.73
CA SER A 460 -4.40 -3.35 50.59
C SER A 460 -4.61 -2.47 51.81
N ALA A 461 -5.80 -2.50 52.40
CA ALA A 461 -6.08 -1.66 53.56
C ALA A 461 -5.15 -2.00 54.72
N VAL A 462 -4.93 -3.28 54.98
CA VAL A 462 -4.09 -3.67 56.10
C VAL A 462 -2.64 -3.28 55.85
N LEU A 463 -2.14 -3.52 54.64
CA LEU A 463 -0.73 -3.27 54.35
C LEU A 463 -0.46 -1.78 54.24
N THR A 464 -1.09 -1.11 53.27
CA THR A 464 -0.88 0.32 53.03
C THR A 464 -2.24 0.92 52.66
N ASN A 465 -2.83 1.65 53.61
CA ASN A 465 -4.10 2.31 53.34
C ASN A 465 -3.89 3.49 52.39
N ALA A 466 -4.81 3.65 51.45
CA ALA A 466 -4.78 4.72 50.48
C ALA A 466 -6.17 5.30 50.33
N PRO A 467 -6.29 6.57 49.92
CA PRO A 467 -7.62 7.18 49.76
C PRO A 467 -8.27 6.97 48.41
N TYR A 468 -7.53 6.47 47.42
CA TYR A 468 -8.07 6.25 46.08
C TYR A 468 -7.61 4.90 45.56
N ILE A 469 -8.42 4.33 44.66
CA ILE A 469 -8.17 3.02 44.08
C ILE A 469 -8.36 3.11 42.58
N LEU A 470 -7.43 2.53 41.83
CA LEU A 470 -7.48 2.50 40.38
C LEU A 470 -7.51 1.05 39.90
N ASN A 471 -8.36 0.78 38.91
CA ASN A 471 -8.56 -0.56 38.38
C ASN A 471 -8.18 -0.59 36.91
N LEU A 472 -7.54 -1.69 36.50
CA LEU A 472 -7.12 -1.86 35.11
C LEU A 472 -7.10 -3.34 34.78
N ASP A 473 -7.17 -3.63 33.48
CA ASP A 473 -7.07 -4.99 32.98
C ASP A 473 -5.61 -5.32 32.67
N CYS A 474 -5.36 -6.56 32.27
CA CYS A 474 -4.02 -7.01 31.93
C CYS A 474 -3.66 -6.77 30.48
N ASP A 475 -4.58 -6.23 29.67
CA ASP A 475 -4.33 -5.92 28.28
C ASP A 475 -4.09 -4.44 28.03
N HIS A 476 -4.83 -3.57 28.71
CA HIS A 476 -4.65 -2.14 28.53
C HIS A 476 -3.36 -1.66 29.19
N TYR A 477 -2.83 -0.55 28.67
CA TYR A 477 -1.61 0.04 29.20
C TYR A 477 -1.74 1.55 29.17
N VAL A 478 -0.94 2.20 30.02
CA VAL A 478 -0.96 3.65 30.12
C VAL A 478 -0.23 4.26 28.94
N ASN A 479 -0.85 5.26 28.31
CA ASN A 479 -0.26 5.94 27.16
C ASN A 479 0.23 7.35 27.48
N ASN A 480 -0.27 7.97 28.54
CA ASN A 480 0.11 9.32 28.93
C ASN A 480 0.69 9.30 30.34
N SER A 481 1.83 9.98 30.52
CA SER A 481 2.48 10.01 31.83
C SER A 481 1.86 11.03 32.77
N LYS A 482 1.03 11.94 32.27
CA LYS A 482 0.39 12.96 33.10
C LYS A 482 -1.05 12.61 33.43
N ALA A 483 -1.48 11.37 33.18
CA ALA A 483 -2.87 10.99 33.46
C ALA A 483 -3.19 11.11 34.94
N VAL A 484 -2.26 10.70 35.80
CA VAL A 484 -2.51 10.73 37.24
C VAL A 484 -2.76 12.16 37.71
N ARG A 485 -1.94 13.10 37.24
CA ARG A 485 -2.12 14.49 37.63
C ARG A 485 -3.45 15.05 37.16
N GLU A 486 -3.84 14.70 35.92
CA GLU A 486 -5.10 15.19 35.39
C GLU A 486 -6.28 14.68 36.21
N ALA A 487 -6.25 13.40 36.58
CA ALA A 487 -7.32 12.83 37.38
C ALA A 487 -7.38 13.47 38.77
N MET A 488 -6.21 13.70 39.37
CA MET A 488 -6.18 14.26 40.72
C MET A 488 -6.55 15.73 40.76
N CYS A 489 -6.46 16.44 39.63
CA CYS A 489 -6.78 17.86 39.62
C CYS A 489 -8.27 18.14 39.77
N ILE A 490 -9.12 17.11 39.62
CA ILE A 490 -10.56 17.28 39.77
C ILE A 490 -11.04 16.79 41.14
N LEU A 491 -10.47 15.67 41.62
CA LEU A 491 -10.94 15.11 42.88
C LEU A 491 -10.46 15.91 44.08
N MET A 492 -9.32 16.59 43.96
CA MET A 492 -8.73 17.33 45.07
C MET A 492 -9.18 18.78 45.13
N ASP A 493 -10.04 19.22 44.21
CA ASP A 493 -10.54 20.59 44.25
C ASP A 493 -11.49 20.74 45.44
N PRO A 494 -11.25 21.69 46.35
CA PRO A 494 -12.11 21.77 47.54
C PRO A 494 -13.59 21.96 47.24
N GLN A 495 -13.93 22.69 46.18
CA GLN A 495 -15.33 23.03 45.94
C GLN A 495 -16.07 21.92 45.20
N VAL A 496 -15.61 21.58 43.99
CA VAL A 496 -16.35 20.63 43.17
C VAL A 496 -16.06 19.18 43.56
N GLY A 497 -14.99 18.93 44.31
CA GLY A 497 -14.63 17.58 44.69
C GLY A 497 -15.32 17.04 45.92
N ARG A 498 -16.26 17.80 46.49
CA ARG A 498 -16.93 17.35 47.72
C ARG A 498 -17.73 16.08 47.47
N ASP A 499 -18.45 16.01 46.35
CA ASP A 499 -19.33 14.88 46.03
C ASP A 499 -18.91 14.30 44.69
N VAL A 500 -17.98 13.35 44.73
CA VAL A 500 -17.53 12.64 43.53
C VAL A 500 -17.18 11.21 43.92
N CYS A 501 -17.83 10.24 43.28
CA CYS A 501 -17.55 8.83 43.56
C CYS A 501 -16.41 8.31 42.70
N TYR A 502 -16.42 8.58 41.40
CA TYR A 502 -15.35 8.14 40.53
C TYR A 502 -15.32 9.01 39.29
N VAL A 503 -14.20 8.95 38.57
CA VAL A 503 -14.00 9.68 37.33
C VAL A 503 -13.80 8.66 36.21
N GLN A 504 -14.64 8.75 35.18
CA GLN A 504 -14.59 7.81 34.07
C GLN A 504 -13.70 8.34 32.96
N PHE A 505 -12.97 7.42 32.33
CA PHE A 505 -12.10 7.74 31.20
C PHE A 505 -12.51 6.92 29.98
N PRO A 506 -12.56 7.52 28.79
CA PRO A 506 -12.91 6.74 27.60
C PRO A 506 -11.87 5.70 27.28
N GLN A 507 -12.32 4.59 26.70
CA GLN A 507 -11.45 3.48 26.31
C GLN A 507 -11.24 3.51 24.80
N ARG A 508 -9.98 3.38 24.38
CA ARG A 508 -9.62 3.41 22.98
C ARG A 508 -8.80 2.17 22.64
N PHE A 509 -8.86 1.77 21.37
CA PHE A 509 -8.17 0.59 20.88
C PHE A 509 -7.27 0.95 19.71
N ASP A 510 -6.17 0.22 19.59
CA ASP A 510 -5.20 0.41 18.51
C ASP A 510 -5.13 -0.84 17.65
N GLY A 511 -4.24 -0.82 16.67
CA GLY A 511 -4.10 -1.95 15.78
C GLY A 511 -5.35 -2.26 14.99
N ILE A 512 -6.02 -1.23 14.46
CA ILE A 512 -7.26 -1.38 13.73
C ILE A 512 -7.05 -0.93 12.29
N ASP A 513 -7.63 -1.68 11.36
CA ASP A 513 -7.51 -1.35 9.95
C ASP A 513 -8.28 -0.08 9.63
N ARG A 514 -7.94 0.52 8.47
CA ARG A 514 -8.61 1.74 8.06
C ARG A 514 -10.11 1.52 7.90
N SER A 515 -10.51 0.36 7.39
CA SER A 515 -11.92 0.03 7.18
C SER A 515 -12.37 -0.85 8.35
N ASP A 516 -12.97 -0.21 9.35
CA ASP A 516 -13.50 -0.91 10.51
C ASP A 516 -14.85 -1.51 10.12
N ARG A 517 -14.81 -2.72 9.57
CA ARG A 517 -16.03 -3.35 9.09
C ARG A 517 -17.03 -3.61 10.21
N TYR A 518 -16.53 -4.05 11.36
CA TYR A 518 -17.38 -4.49 12.47
C TYR A 518 -17.57 -3.41 13.53
N ALA A 519 -17.17 -2.18 13.26
CA ALA A 519 -17.40 -1.06 14.18
C ALA A 519 -16.84 -1.37 15.57
N ASN A 520 -15.62 -1.91 15.61
CA ASN A 520 -15.01 -2.26 16.89
C ASN A 520 -14.74 -1.01 17.74
N ARG A 521 -14.38 0.10 17.10
CA ARG A 521 -14.06 1.31 17.86
C ARG A 521 -15.26 1.80 18.67
N ASN A 522 -16.45 1.79 18.07
CA ASN A 522 -17.67 2.18 18.77
C ASN A 522 -17.55 3.61 19.30
N ILE A 523 -17.43 4.55 18.38
CA ILE A 523 -17.25 5.96 18.75
C ILE A 523 -18.58 6.65 19.02
N VAL A 524 -19.68 6.19 18.41
CA VAL A 524 -20.96 6.88 18.56
C VAL A 524 -21.39 6.89 20.01
N PHE A 525 -21.29 5.75 20.69
CA PHE A 525 -21.70 5.69 22.09
C PHE A 525 -20.85 6.59 22.97
N PHE A 526 -19.53 6.57 22.76
CA PHE A 526 -18.64 7.34 23.62
C PHE A 526 -18.69 8.82 23.32
N ASP A 527 -18.77 9.19 22.04
CA ASP A 527 -18.71 10.60 21.64
C ASP A 527 -20.06 11.28 21.62
N VAL A 528 -21.16 10.56 21.80
CA VAL A 528 -22.49 11.15 21.75
C VAL A 528 -23.24 10.86 23.05
N ASN A 529 -23.47 9.58 23.32
CA ASN A 529 -24.29 9.20 24.48
C ASN A 529 -23.62 9.62 25.79
N MET A 530 -22.33 9.35 25.93
CA MET A 530 -21.65 9.64 27.19
C MET A 530 -21.64 11.13 27.48
N LYS A 531 -21.35 11.95 26.46
CA LYS A 531 -21.33 13.40 26.67
C LYS A 531 -22.70 13.93 27.07
N GLY A 532 -23.76 13.43 26.41
CA GLY A 532 -25.10 13.87 26.75
C GLY A 532 -25.50 13.47 28.16
N LEU A 533 -25.19 12.22 28.54
CA LEU A 533 -25.55 11.75 29.87
C LEU A 533 -24.71 12.38 30.97
N ASP A 534 -23.57 12.97 30.63
CA ASP A 534 -22.73 13.61 31.63
C ASP A 534 -23.39 14.85 32.23
N GLY A 535 -24.40 15.40 31.57
CA GLY A 535 -25.01 16.62 32.04
C GLY A 535 -25.90 16.46 33.25
N ILE A 536 -26.53 15.29 33.41
CA ILE A 536 -27.49 15.08 34.49
C ILE A 536 -26.76 14.75 35.77
N GLN A 537 -26.13 13.58 35.83
CA GLN A 537 -25.32 13.20 36.99
C GLN A 537 -23.89 12.89 36.57
N GLY A 538 -23.72 12.08 35.53
CA GLY A 538 -22.40 11.69 35.07
C GLY A 538 -22.41 10.42 34.25
N PRO A 539 -21.22 9.98 33.81
CA PRO A 539 -21.15 8.78 32.96
C PRO A 539 -21.45 7.48 33.70
N MET A 540 -21.29 6.37 32.99
CA MET A 540 -21.58 5.05 33.50
C MET A 540 -20.30 4.23 33.61
N TYR A 541 -20.21 3.40 34.65
CA TYR A 541 -19.06 2.54 34.82
C TYR A 541 -18.97 1.54 33.68
N VAL A 542 -17.78 1.39 33.11
CA VAL A 542 -17.54 0.47 32.01
C VAL A 542 -16.76 -0.76 32.48
N GLY A 543 -15.80 -0.58 33.39
CA GLY A 543 -15.05 -1.70 33.92
C GLY A 543 -13.57 -1.42 34.09
N THR A 544 -13.01 -0.53 33.26
CA THR A 544 -11.60 -0.20 33.30
C THR A 544 -11.41 1.30 33.25
N GLY A 545 -10.31 1.76 33.84
CA GLY A 545 -9.96 3.17 33.82
C GLY A 545 -10.87 4.02 34.69
N CYS A 546 -10.85 3.79 35.99
CA CYS A 546 -11.65 4.57 36.92
C CYS A 546 -10.93 4.69 38.25
N VAL A 547 -11.08 5.83 38.90
CA VAL A 547 -10.51 6.08 40.22
C VAL A 547 -11.67 6.11 41.22
N PHE A 548 -11.66 5.18 42.16
CA PHE A 548 -12.76 5.00 43.11
C PHE A 548 -12.35 5.53 44.48
N ASN A 549 -13.24 6.29 45.11
CA ASN A 549 -13.02 6.74 46.47
C ASN A 549 -13.17 5.58 47.43
N ARG A 550 -12.23 5.46 48.38
CA ARG A 550 -12.27 4.34 49.31
C ARG A 550 -13.53 4.36 50.16
N GLN A 551 -13.92 5.54 50.64
CA GLN A 551 -15.12 5.64 51.48
C GLN A 551 -16.37 5.26 50.71
N ALA A 552 -16.43 5.59 49.42
CA ALA A 552 -17.61 5.26 48.63
C ALA A 552 -17.82 3.76 48.54
N LEU A 553 -16.73 3.00 48.40
CA LEU A 553 -16.86 1.55 48.28
C LEU A 553 -17.48 0.94 49.53
N TYR A 554 -17.07 1.42 50.71
CA TYR A 554 -17.60 0.89 51.95
C TYR A 554 -19.11 1.11 52.08
N GLY A 555 -19.66 2.07 51.34
CA GLY A 555 -21.09 2.34 51.38
C GLY A 555 -21.50 3.17 52.58
N TYR A 556 -20.94 4.37 52.69
CA TYR A 556 -21.24 5.29 53.79
C TYR A 556 -22.25 6.36 53.38
N GLY A 557 -21.99 7.05 52.27
CA GLY A 557 -22.87 8.09 51.79
C GLY A 557 -22.12 9.39 51.58
N PRO A 558 -22.66 10.28 50.73
CA PRO A 558 -21.97 11.53 50.46
C PRO A 558 -21.91 12.39 51.71
N PRO A 559 -20.87 13.21 51.87
CA PRO A 559 -20.80 14.09 53.03
C PRO A 559 -21.77 15.25 52.90
N SER A 560 -21.88 16.02 53.99
CA SER A 560 -22.76 17.18 54.06
C SER A 560 -24.23 16.79 54.01
N MET A 561 -24.56 15.54 54.36
CA MET A 561 -25.94 15.08 54.35
C MET A 561 -26.35 14.61 55.75
N PRO A 562 -27.63 14.76 56.11
CA PRO A 562 -28.03 14.42 57.49
C PRO A 562 -27.81 12.96 57.85
N SER A 623 -21.64 0.51 67.15
CA SER A 623 -21.10 -0.36 68.18
C SER A 623 -20.20 -1.43 67.56
N GLN A 624 -19.45 -2.13 68.41
CA GLN A 624 -18.56 -3.18 67.92
C GLN A 624 -19.35 -4.30 67.26
N LEU A 625 -20.50 -4.68 67.85
CA LEU A 625 -21.29 -5.76 67.27
C LEU A 625 -21.78 -5.42 65.87
N SER A 626 -22.26 -4.20 65.68
CA SER A 626 -22.70 -3.78 64.34
C SER A 626 -21.53 -3.77 63.36
N PHE A 627 -20.39 -3.23 63.80
CA PHE A 627 -19.20 -3.25 62.94
C PHE A 627 -18.74 -4.67 62.66
N GLU A 628 -18.77 -5.52 63.68
CA GLU A 628 -18.33 -6.91 63.50
C GLU A 628 -19.19 -7.62 62.47
N LYS A 629 -20.52 -7.44 62.55
CA LYS A 629 -21.44 -8.09 61.63
C LYS A 629 -21.52 -7.45 60.25
N THR A 630 -21.07 -6.21 60.10
CA THR A 630 -21.13 -5.52 58.82
C THR A 630 -19.85 -5.62 58.01
N PHE A 631 -18.70 -5.74 58.68
CA PHE A 631 -17.41 -5.80 58.01
C PHE A 631 -16.76 -7.17 58.14
N GLY A 632 -16.59 -7.66 59.36
CA GLY A 632 -15.97 -8.95 59.57
C GLY A 632 -15.52 -9.10 61.01
N LEU A 633 -14.74 -10.16 61.24
CA LEU A 633 -14.23 -10.48 62.56
C LEU A 633 -12.84 -9.92 62.83
N SER A 634 -12.11 -9.54 61.79
CA SER A 634 -10.76 -9.02 61.99
C SER A 634 -10.81 -7.67 62.68
N PRO A 635 -10.11 -7.46 63.80
CA PRO A 635 -10.16 -6.16 64.48
C PRO A 635 -9.30 -5.12 63.80
N VAL A 636 -8.18 -5.55 63.20
CA VAL A 636 -7.27 -4.61 62.55
C VAL A 636 -7.97 -3.91 61.41
N PHE A 637 -8.70 -4.67 60.58
CA PHE A 637 -9.42 -4.07 59.47
C PHE A 637 -10.50 -3.11 59.97
N ILE A 638 -11.20 -3.47 61.05
CA ILE A 638 -12.25 -2.61 61.57
C ILE A 638 -11.69 -1.28 62.02
N GLU A 639 -10.55 -1.30 62.73
CA GLU A 639 -9.94 -0.07 63.19
C GLU A 639 -9.29 0.73 62.07
N SER A 640 -8.95 0.06 60.96
CA SER A 640 -8.27 0.76 59.87
C SER A 640 -9.19 1.80 59.22
N THR A 641 -10.47 1.50 59.09
CA THR A 641 -11.40 2.42 58.43
C THR A 641 -11.63 3.68 59.24
N LEU A 642 -11.31 3.68 60.53
CA LEU A 642 -11.53 4.85 61.37
C LEU A 642 -10.56 5.99 61.06
N MET A 643 -9.52 5.74 60.27
CA MET A 643 -8.52 6.77 60.00
C MET A 643 -9.10 7.83 59.08
N GLU A 644 -8.88 9.10 59.43
CA GLU A 644 -9.40 10.19 58.62
C GLU A 644 -8.73 10.22 57.24
N ASN A 645 -7.43 9.98 57.19
CA ASN A 645 -6.66 10.03 55.95
C ASN A 645 -6.14 8.66 55.53
N GLY A 646 -5.42 7.98 56.39
CA GLY A 646 -4.88 6.66 56.10
C GLY A 646 -3.44 6.54 56.56
N GLY A 647 -2.99 5.31 56.71
CA GLY A 647 -1.65 4.99 57.13
C GLY A 647 -1.64 3.94 58.22
N VAL A 648 -0.45 3.69 58.75
CA VAL A 648 -0.27 2.74 59.84
C VAL A 648 -0.48 3.48 61.15
N PRO A 649 -1.43 3.04 62.01
CA PRO A 649 -1.73 3.82 63.22
C PRO A 649 -0.60 3.83 64.23
N GLU A 650 -0.09 2.65 64.59
CA GLU A 650 0.91 2.52 65.65
C GLU A 650 2.22 1.95 65.13
N SER A 651 2.46 2.02 63.82
CA SER A 651 3.71 1.58 63.19
C SER A 651 4.31 0.31 63.79
N ALA A 652 3.51 -0.74 63.77
CA ALA A 652 3.95 -2.03 64.31
C ALA A 652 5.01 -2.70 63.44
N ASN A 653 5.53 -3.82 63.92
CA ASN A 653 6.56 -4.54 63.19
C ASN A 653 5.99 -5.16 61.92
N SER A 654 6.88 -5.36 60.93
CA SER A 654 6.44 -5.86 59.64
C SER A 654 5.89 -7.28 59.76
N SER A 655 6.48 -8.11 60.62
CA SER A 655 6.08 -9.51 60.70
C SER A 655 4.61 -9.63 61.09
N THR A 656 4.16 -8.85 62.08
CA THR A 656 2.77 -8.94 62.51
C THR A 656 1.82 -8.55 61.38
N LEU A 657 2.15 -7.50 60.64
CA LEU A 657 1.29 -7.06 59.54
C LEU A 657 1.15 -8.15 58.48
N ILE A 658 2.25 -8.83 58.15
CA ILE A 658 2.19 -9.91 57.17
C ILE A 658 1.27 -11.01 57.65
N LYS A 659 1.39 -11.41 58.92
CA LYS A 659 0.55 -12.47 59.45
C LYS A 659 -0.92 -12.09 59.40
N GLU A 660 -1.24 -10.85 59.75
CA GLU A 660 -2.63 -10.40 59.70
C GLU A 660 -3.16 -10.43 58.27
N ALA A 661 -2.34 -10.01 57.31
CA ALA A 661 -2.78 -10.02 55.92
C ALA A 661 -3.06 -11.43 55.43
N ILE A 662 -2.22 -12.39 55.83
CA ILE A 662 -2.44 -13.78 55.43
C ILE A 662 -3.72 -14.32 56.07
N HIS A 663 -4.01 -13.92 57.30
CA HIS A 663 -5.18 -14.42 58.02
C HIS A 663 -6.49 -13.78 57.54
N VAL A 664 -6.43 -12.62 56.90
CA VAL A 664 -7.63 -11.88 56.52
C VAL A 664 -8.02 -12.22 55.09
N ILE A 665 -7.47 -13.31 54.55
CA ILE A 665 -7.81 -13.76 53.21
C ILE A 665 -8.28 -15.20 53.26
N GLY A 666 -8.89 -15.59 54.39
CA GLY A 666 -9.36 -16.95 54.54
C GLY A 666 -10.48 -17.28 53.57
N CYS A 667 -10.62 -18.57 53.30
CA CYS A 667 -11.63 -19.03 52.36
C CYS A 667 -13.04 -18.71 52.86
N GLY A 668 -13.30 -18.92 54.15
CA GLY A 668 -14.62 -18.69 54.70
C GLY A 668 -14.70 -17.42 55.53
N PHE A 669 -14.01 -16.36 55.08
CA PHE A 669 -14.03 -15.11 55.83
C PHE A 669 -15.37 -14.39 55.67
N GLU A 670 -15.91 -14.38 54.46
CA GLU A 670 -17.16 -13.66 54.18
C GLU A 670 -18.34 -14.62 54.26
N GLU A 671 -18.63 -15.02 55.50
CA GLU A 671 -19.76 -15.91 55.79
C GLU A 671 -20.97 -15.14 56.31
N LYS A 672 -20.81 -14.40 57.40
CA LYS A 672 -21.88 -13.61 57.97
C LYS A 672 -21.77 -12.13 57.62
N THR A 673 -20.79 -11.74 56.80
CA THR A 673 -20.60 -10.35 56.46
C THR A 673 -21.57 -9.92 55.35
N GLU A 674 -21.61 -8.61 55.11
CA GLU A 674 -22.45 -8.04 54.06
C GLU A 674 -21.71 -7.86 52.74
N TRP A 675 -20.49 -8.38 52.63
CA TRP A 675 -19.73 -8.23 51.40
C TRP A 675 -20.51 -8.80 50.22
N GLY A 676 -20.55 -8.05 49.14
CA GLY A 676 -21.29 -8.45 47.95
C GLY A 676 -22.74 -8.02 47.95
N LYS A 677 -23.44 -8.25 49.06
CA LYS A 677 -24.85 -7.89 49.13
C LYS A 677 -25.03 -6.38 49.06
N GLU A 678 -24.30 -5.63 49.90
CA GLU A 678 -24.43 -4.18 49.95
C GLU A 678 -23.11 -3.45 50.10
N ILE A 679 -21.98 -4.15 50.11
CA ILE A 679 -20.67 -3.53 50.29
C ILE A 679 -19.74 -4.03 49.19
N GLY A 680 -19.04 -3.11 48.54
CA GLY A 680 -18.09 -3.49 47.52
C GLY A 680 -18.77 -3.97 46.24
N TRP A 681 -17.99 -4.72 45.46
CA TRP A 681 -18.52 -5.27 44.20
C TRP A 681 -19.69 -6.20 44.50
N ILE A 682 -20.73 -6.09 43.68
CA ILE A 682 -21.97 -6.84 43.87
C ILE A 682 -21.92 -8.09 43.02
N TYR A 683 -22.16 -9.24 43.65
CA TYR A 683 -22.22 -10.50 42.94
C TYR A 683 -23.55 -10.62 42.19
N GLY A 684 -23.65 -11.64 41.34
CA GLY A 684 -24.87 -11.90 40.60
C GLY A 684 -24.68 -11.92 39.10
N SER A 685 -25.25 -10.95 38.41
CA SER A 685 -25.21 -10.93 36.96
C SER A 685 -23.77 -10.88 36.46
N VAL A 686 -23.58 -11.33 35.21
CA VAL A 686 -22.24 -11.36 34.63
C VAL A 686 -21.69 -9.95 34.49
N THR A 687 -22.51 -9.02 34.01
CA THR A 687 -22.09 -7.63 33.86
C THR A 687 -22.34 -6.89 35.18
N GLU A 688 -21.55 -7.27 36.18
CA GLU A 688 -21.72 -6.71 37.52
C GLU A 688 -21.36 -5.23 37.57
N ASP A 689 -20.58 -4.73 36.62
CA ASP A 689 -20.15 -3.33 36.67
C ASP A 689 -21.34 -2.38 36.57
N ILE A 690 -22.32 -2.71 35.72
CA ILE A 690 -23.52 -1.88 35.62
C ILE A 690 -24.27 -1.88 36.94
N LEU A 691 -24.43 -3.06 37.55
CA LEU A 691 -25.19 -3.16 38.79
C LEU A 691 -24.50 -2.40 39.91
N SER A 692 -23.17 -2.48 40.00
CA SER A 692 -22.45 -1.82 41.08
C SER A 692 -22.62 -0.31 41.01
N GLY A 693 -22.54 0.26 39.82
CA GLY A 693 -22.68 1.70 39.68
C GLY A 693 -24.05 2.20 40.06
N PHE A 694 -25.09 1.42 39.74
CA PHE A 694 -26.45 1.86 40.01
C PHE A 694 -26.69 2.05 41.51
N LYS A 695 -26.20 1.13 42.32
CA LYS A 695 -26.42 1.24 43.77
C LYS A 695 -25.76 2.49 44.33
N MET A 696 -24.54 2.80 43.90
CA MET A 696 -23.85 3.98 44.40
C MET A 696 -24.59 5.26 44.03
N HIS A 697 -25.07 5.34 42.79
CA HIS A 697 -25.77 6.55 42.35
C HIS A 697 -27.06 6.77 43.12
N CYS A 698 -27.70 5.68 43.59
CA CYS A 698 -28.97 5.79 44.29
C CYS A 698 -28.85 6.52 45.62
N ARG A 699 -27.64 6.71 46.14
CA ARG A 699 -27.43 7.37 47.42
C ARG A 699 -27.05 8.83 47.28
N GLY A 700 -27.10 9.37 46.06
CA GLY A 700 -26.85 10.78 45.85
C GLY A 700 -25.45 11.13 45.38
N TRP A 701 -24.62 10.16 45.04
CA TRP A 701 -23.27 10.43 44.58
C TRP A 701 -23.28 10.98 43.16
N ARG A 702 -22.15 11.56 42.76
CA ARG A 702 -21.99 12.14 41.43
C ARG A 702 -20.70 11.65 40.81
N SER A 703 -20.68 11.59 39.47
CA SER A 703 -19.52 11.14 38.72
C SER A 703 -19.19 12.17 37.66
N ILE A 704 -17.92 12.14 37.21
CA ILE A 704 -17.39 13.13 36.27
C ILE A 704 -16.79 12.39 35.08
N TYR A 705 -16.67 13.13 33.97
CA TYR A 705 -16.11 12.60 32.74
C TYR A 705 -14.85 13.39 32.37
N CYS A 706 -13.88 12.71 31.78
CA CYS A 706 -12.62 13.33 31.37
C CYS A 706 -12.32 12.92 29.93
N MET A 707 -11.72 13.86 29.19
CA MET A 707 -11.35 13.61 27.79
C MET A 707 -10.06 14.36 27.50
N PRO A 708 -8.92 13.83 27.94
CA PRO A 708 -7.64 14.48 27.63
C PRO A 708 -7.33 14.40 26.14
N VAL A 709 -6.42 15.29 25.72
CA VAL A 709 -6.04 15.33 24.30
C VAL A 709 -5.45 14.00 23.88
N ARG A 710 -4.55 13.44 24.71
CA ARG A 710 -4.02 12.11 24.43
C ARG A 710 -4.99 11.03 24.94
N PRO A 711 -4.98 9.85 24.32
CA PRO A 711 -5.91 8.80 24.78
C PRO A 711 -5.76 8.46 26.25
N ALA A 712 -4.53 8.43 26.76
CA ALA A 712 -4.19 8.11 28.14
C ALA A 712 -4.45 6.64 28.48
N PHE A 713 -4.99 5.85 27.57
CA PHE A 713 -5.26 4.44 27.82
C PHE A 713 -5.51 3.77 26.47
N LYS A 714 -4.84 2.64 26.24
CA LYS A 714 -4.96 1.90 24.99
C LYS A 714 -4.89 0.41 25.27
N GLY A 715 -5.65 -0.36 24.49
CA GLY A 715 -5.68 -1.81 24.65
C GLY A 715 -5.77 -2.54 23.34
N SER A 716 -6.46 -3.67 23.33
CA SER A 716 -6.62 -4.50 22.15
C SER A 716 -8.10 -4.77 21.93
N ALA A 717 -8.44 -5.10 20.69
CA ALA A 717 -9.80 -5.37 20.26
C ALA A 717 -9.87 -6.69 19.50
N PRO A 718 -11.04 -7.32 19.46
CA PRO A 718 -11.14 -8.59 18.72
C PRO A 718 -10.87 -8.42 17.23
N ILE A 719 -10.35 -9.48 16.62
CA ILE A 719 -10.02 -9.48 15.20
C ILE A 719 -11.05 -10.26 14.39
N ASN A 720 -11.33 -11.49 14.79
CA ASN A 720 -12.26 -12.34 14.06
C ASN A 720 -13.71 -12.06 14.48
N LEU A 721 -14.64 -12.48 13.62
CA LEU A 721 -16.05 -12.24 13.89
C LEU A 721 -16.58 -13.15 14.99
N SER A 722 -16.00 -14.34 15.17
CA SER A 722 -16.50 -15.26 16.18
C SER A 722 -16.45 -14.62 17.57
N ASP A 723 -15.34 -13.95 17.90
CA ASP A 723 -15.25 -13.29 19.19
C ASP A 723 -16.21 -12.10 19.28
N ARG A 724 -16.34 -11.34 18.19
CA ARG A 724 -17.20 -10.16 18.23
C ARG A 724 -18.65 -10.54 18.48
N LEU A 725 -19.14 -11.57 17.77
CA LEU A 725 -20.51 -12.01 17.99
C LEU A 725 -20.71 -12.53 19.41
N HIS A 726 -19.74 -13.29 19.92
CA HIS A 726 -19.83 -13.77 21.30
C HIS A 726 -19.81 -12.60 22.28
N GLN A 727 -18.99 -11.58 22.01
CA GLN A 727 -18.91 -10.43 22.90
C GLN A 727 -20.26 -9.72 22.98
N VAL A 728 -20.93 -9.53 21.85
CA VAL A 728 -22.25 -8.90 21.86
C VAL A 728 -23.24 -9.78 22.61
N LEU A 729 -23.17 -11.09 22.43
CA LEU A 729 -24.10 -12.05 23.10
C LEU A 729 -23.88 -11.99 24.61
N ARG A 730 -22.64 -11.86 25.07
CA ARG A 730 -22.38 -11.85 26.51
C ARG A 730 -23.01 -10.64 27.17
N TRP A 731 -22.91 -9.47 26.55
CA TRP A 731 -23.49 -8.27 27.13
C TRP A 731 -25.00 -8.38 27.24
N ALA A 732 -25.66 -8.92 26.21
CA ALA A 732 -27.11 -9.00 26.21
C ALA A 732 -27.61 -9.89 27.35
N LEU A 733 -26.93 -11.01 27.61
CA LEU A 733 -27.39 -11.93 28.65
C LEU A 733 -27.38 -11.25 30.02
N GLY A 734 -26.35 -10.47 30.31
CA GLY A 734 -26.28 -9.80 31.60
C GLY A 734 -27.44 -8.86 31.84
N SER A 735 -27.83 -8.12 30.81
CA SER A 735 -28.95 -7.18 30.96
C SER A 735 -30.24 -7.92 31.28
N VAL A 736 -30.47 -9.06 30.62
CA VAL A 736 -31.70 -9.82 30.85
C VAL A 736 -31.77 -10.29 32.29
N GLU A 737 -30.64 -10.77 32.83
CA GLU A 737 -30.64 -11.26 34.21
C GLU A 737 -30.98 -10.16 35.19
N ILE A 738 -30.44 -8.95 34.97
CA ILE A 738 -30.69 -7.84 35.89
C ILE A 738 -32.16 -7.47 35.88
N PHE A 739 -32.82 -7.57 34.71
CA PHE A 739 -34.21 -7.15 34.61
C PHE A 739 -35.12 -7.96 35.53
N PHE A 740 -34.91 -9.28 35.58
CA PHE A 740 -35.76 -10.17 36.34
C PHE A 740 -35.33 -10.32 37.79
N SER A 741 -34.25 -9.65 38.21
CA SER A 741 -33.78 -9.73 39.58
C SER A 741 -34.43 -8.63 40.42
N ARG A 742 -34.11 -8.62 41.71
CA ARG A 742 -34.65 -7.60 42.60
C ARG A 742 -34.16 -6.21 42.20
N HIS A 743 -32.91 -6.10 41.78
CA HIS A 743 -32.34 -4.81 41.42
C HIS A 743 -32.86 -4.35 40.06
N CYS A 744 -34.16 -4.01 40.02
CA CYS A 744 -34.79 -3.54 38.80
C CYS A 744 -35.17 -2.06 38.95
N PRO A 745 -34.74 -1.18 38.05
CA PRO A 745 -35.07 0.25 38.21
C PRO A 745 -36.57 0.53 38.20
N PHE A 746 -37.38 -0.39 37.70
CA PHE A 746 -38.81 -0.15 37.62
C PHE A 746 -39.42 0.09 39.00
N TRP A 747 -39.02 -0.71 39.98
CA TRP A 747 -39.58 -0.63 41.33
C TRP A 747 -38.49 -0.58 42.39
N TYR A 748 -37.31 -0.08 42.04
CA TYR A 748 -36.19 0.02 42.97
C TYR A 748 -35.68 1.44 43.00
N GLY A 749 -35.31 1.89 44.20
CA GLY A 749 -34.73 3.21 44.38
C GLY A 749 -35.73 4.34 44.56
N TYR A 750 -37.03 4.06 44.45
CA TYR A 750 -38.02 5.11 44.63
C TYR A 750 -37.96 5.69 46.04
N GLY A 751 -37.85 4.82 47.04
CA GLY A 751 -37.75 5.27 48.41
C GLY A 751 -36.51 6.09 48.68
N GLY A 752 -36.69 7.29 49.22
CA GLY A 752 -35.59 8.18 49.52
C GLY A 752 -35.20 9.12 48.40
N GLY A 753 -35.72 8.91 47.19
CA GLY A 753 -35.37 9.80 46.09
C GLY A 753 -33.88 9.84 45.86
N ARG A 754 -33.35 11.05 45.72
CA ARG A 754 -31.93 11.35 45.50
C ARG A 754 -31.45 10.97 44.12
N LEU A 755 -32.32 10.45 43.25
CA LEU A 755 -31.97 10.09 41.89
C LEU A 755 -32.77 10.97 40.92
N LYS A 756 -32.07 11.68 40.05
CA LYS A 756 -32.74 12.55 39.09
C LYS A 756 -33.68 11.73 38.21
N TRP A 757 -34.90 12.24 38.01
CA TRP A 757 -35.89 11.52 37.24
C TRP A 757 -35.45 11.32 35.79
N LEU A 758 -34.59 12.19 35.27
CA LEU A 758 -34.13 12.06 33.89
C LEU A 758 -33.03 11.02 33.73
N GLN A 759 -32.37 10.61 34.81
CA GLN A 759 -31.38 9.53 34.73
C GLN A 759 -32.01 8.16 34.95
N ARG A 760 -33.02 8.06 35.81
CA ARG A 760 -33.73 6.79 35.93
C ARG A 760 -34.27 6.33 34.58
N LEU A 761 -34.71 7.28 33.75
CA LEU A 761 -35.09 6.93 32.38
C LEU A 761 -33.89 6.44 31.58
N ALA A 762 -32.72 7.07 31.77
CA ALA A 762 -31.52 6.59 31.10
C ALA A 762 -31.16 5.17 31.56
N TYR A 763 -31.40 4.86 32.82
CA TYR A 763 -31.18 3.49 33.32
C TYR A 763 -32.16 2.52 32.69
N ILE A 764 -33.42 2.95 32.51
CA ILE A 764 -34.44 2.05 31.97
C ILE A 764 -34.08 1.61 30.56
N ASN A 765 -33.62 2.55 29.73
CA ASN A 765 -33.29 2.21 28.35
C ASN A 765 -32.19 1.18 28.28
N THR A 766 -31.16 1.31 29.13
CA THR A 766 -30.04 0.39 29.12
C THR A 766 -30.44 -1.02 29.54
N ILE A 767 -31.58 -1.18 30.21
CA ILE A 767 -32.00 -2.47 30.73
C ILE A 767 -33.01 -3.14 29.79
N VAL A 768 -33.82 -2.32 29.13
CA VAL A 768 -34.90 -2.83 28.29
C VAL A 768 -34.55 -2.77 26.80
N TYR A 769 -33.33 -2.38 26.45
CA TYR A 769 -32.96 -2.33 25.05
C TYR A 769 -33.06 -3.66 24.34
N PRO A 770 -32.70 -4.80 24.94
CA PRO A 770 -32.70 -6.06 24.16
C PRO A 770 -34.07 -6.42 23.60
N PHE A 771 -35.16 -6.08 24.30
CA PHE A 771 -36.49 -6.48 23.85
C PHE A 771 -36.87 -5.82 22.53
N THR A 772 -36.17 -4.76 22.11
CA THR A 772 -36.48 -4.10 20.86
C THR A 772 -36.19 -4.97 19.65
N SER A 773 -35.45 -6.08 19.82
CA SER A 773 -35.10 -6.92 18.69
C SER A 773 -36.31 -7.69 18.16
N LEU A 774 -37.18 -8.15 19.05
CA LEU A 774 -38.28 -9.02 18.62
C LEU A 774 -39.19 -8.33 17.60
N PRO A 775 -39.72 -7.14 17.87
CA PRO A 775 -40.53 -6.48 16.82
C PRO A 775 -39.75 -6.20 15.55
N LEU A 776 -38.43 -5.97 15.67
CA LEU A 776 -37.64 -5.63 14.49
C LEU A 776 -37.67 -6.75 13.46
N ILE A 777 -37.59 -8.01 13.91
CA ILE A 777 -37.67 -9.13 12.98
C ILE A 777 -39.05 -9.19 12.33
N ALA A 778 -40.10 -8.85 13.09
CA ALA A 778 -41.44 -8.86 12.53
C ALA A 778 -41.57 -7.84 11.40
N TYR A 779 -41.02 -6.65 11.58
CA TYR A 779 -41.11 -5.62 10.55
C TYR A 779 -40.41 -6.06 9.28
N CYS A 780 -39.24 -6.70 9.41
CA CYS A 780 -38.48 -7.14 8.26
C CYS A 780 -39.18 -8.25 7.47
N THR A 781 -40.22 -8.86 8.03
CA THR A 781 -40.94 -9.93 7.35
C THR A 781 -42.08 -9.41 6.49
N ILE A 782 -42.66 -8.25 6.84
CA ILE A 782 -43.81 -7.74 6.09
C ILE A 782 -43.48 -7.52 4.62
N PRO A 783 -42.32 -6.97 4.24
CA PRO A 783 -42.11 -6.68 2.80
C PRO A 783 -42.22 -7.91 1.92
N ALA A 784 -41.73 -9.06 2.40
CA ALA A 784 -41.79 -10.27 1.59
C ALA A 784 -43.21 -10.81 1.50
N VAL A 785 -43.92 -10.84 2.62
CA VAL A 785 -45.29 -11.38 2.61
C VAL A 785 -46.19 -10.53 1.73
N CYS A 786 -46.09 -9.20 1.87
CA CYS A 786 -46.92 -8.31 1.07
C CYS A 786 -46.60 -8.46 -0.42
N LEU A 787 -45.32 -8.52 -0.77
CA LEU A 787 -44.93 -8.59 -2.17
C LEU A 787 -45.33 -9.92 -2.82
N LEU A 788 -45.61 -10.94 -2.02
CA LEU A 788 -45.93 -12.26 -2.58
C LEU A 788 -47.41 -12.36 -2.95
N THR A 789 -48.29 -12.18 -1.97
CA THR A 789 -49.73 -12.34 -2.17
C THR A 789 -50.49 -11.03 -1.98
N GLY A 790 -50.33 -10.37 -0.84
CA GLY A 790 -51.09 -9.17 -0.54
C GLY A 790 -50.84 -8.05 -1.52
N LYS A 791 -49.62 -7.52 -1.55
CA LYS A 791 -49.23 -6.41 -2.41
C LYS A 791 -49.94 -5.11 -2.04
N PHE A 792 -50.48 -5.03 -0.82
CA PHE A 792 -51.17 -3.83 -0.37
C PHE A 792 -51.04 -3.73 1.14
N ILE A 793 -50.48 -2.62 1.62
CA ILE A 793 -50.29 -2.38 3.04
C ILE A 793 -51.13 -1.21 3.53
N ILE A 794 -51.13 -0.10 2.80
CA ILE A 794 -51.88 1.09 3.19
C ILE A 794 -52.71 1.57 2.00
N PRO A 795 -53.83 2.25 2.22
CA PRO A 795 -54.61 2.76 1.09
C PRO A 795 -53.85 3.83 0.32
N THR A 796 -54.23 3.97 -0.94
CA THR A 796 -53.60 4.98 -1.80
C THR A 796 -53.81 6.37 -1.20
N LEU A 797 -52.79 7.21 -1.34
CA LEU A 797 -52.86 8.56 -0.78
C LEU A 797 -54.04 9.39 -1.26
N SER A 798 -54.70 10.08 -0.33
CA SER A 798 -55.88 10.87 -0.63
C SER A 798 -55.56 12.37 -0.76
N ASN A 799 -54.37 12.70 -1.24
CA ASN A 799 -53.88 14.06 -1.42
C ASN A 799 -53.49 14.72 -0.10
N LEU A 800 -53.69 14.04 1.03
CA LEU A 800 -53.32 14.57 2.34
C LEU A 800 -52.12 13.86 2.95
N ALA A 801 -51.93 12.58 2.65
CA ALA A 801 -50.79 11.84 3.18
C ALA A 801 -49.49 12.19 2.48
N SER A 802 -49.55 12.73 1.26
CA SER A 802 -48.33 13.07 0.54
C SER A 802 -47.53 14.12 1.32
N MET A 803 -48.20 15.17 1.79
CA MET A 803 -47.52 16.18 2.59
C MET A 803 -47.01 15.59 3.91
N LEU A 804 -47.84 14.76 4.54
CA LEU A 804 -47.41 14.13 5.79
C LEU A 804 -46.22 13.20 5.57
N PHE A 805 -46.26 12.40 4.50
CA PHE A 805 -45.12 11.54 4.19
C PHE A 805 -43.89 12.36 3.87
N LEU A 806 -44.04 13.44 3.10
CA LEU A 806 -42.90 14.30 2.78
C LEU A 806 -42.33 14.93 4.04
N GLY A 807 -43.20 15.40 4.94
CA GLY A 807 -42.73 15.98 6.19
C GLY A 807 -42.00 14.98 7.06
N LEU A 808 -42.44 13.72 7.05
CA LEU A 808 -41.77 12.70 7.85
C LEU A 808 -40.35 12.43 7.34
N PHE A 809 -40.21 12.23 6.03
CA PHE A 809 -38.90 11.89 5.47
C PHE A 809 -37.90 13.02 5.67
N ILE A 810 -38.33 14.27 5.44
CA ILE A 810 -37.42 15.40 5.58
C ILE A 810 -37.01 15.59 7.04
N SER A 811 -37.92 15.30 7.98
CA SER A 811 -37.61 15.53 9.39
C SER A 811 -36.41 14.71 9.84
N ILE A 812 -36.33 13.45 9.42
CA ILE A 812 -35.22 12.60 9.84
C ILE A 812 -33.91 13.13 9.29
N ILE A 813 -33.92 13.67 8.06
CA ILE A 813 -32.69 14.16 7.46
C ILE A 813 -32.17 15.38 8.20
N VAL A 814 -33.05 16.32 8.54
CA VAL A 814 -32.61 17.58 9.13
C VAL A 814 -32.01 17.34 10.52
N THR A 815 -32.60 16.42 11.29
CA THR A 815 -32.06 16.16 12.63
C THR A 815 -30.68 15.52 12.55
N ALA A 816 -30.45 14.65 11.57
CA ALA A 816 -29.16 13.97 11.46
C ALA A 816 -28.04 14.95 11.19
N VAL A 817 -28.26 15.88 10.26
CA VAL A 817 -27.19 16.82 9.89
C VAL A 817 -26.84 17.73 11.08
N LEU A 818 -27.85 18.19 11.82
CA LEU A 818 -27.58 19.04 12.96
C LEU A 818 -26.76 18.32 14.02
N GLU A 819 -27.08 17.04 14.26
CA GLU A 819 -26.29 16.26 15.22
C GLU A 819 -24.84 16.15 14.77
N LEU A 820 -24.62 15.93 13.47
CA LEU A 820 -23.26 15.86 12.95
C LEU A 820 -22.53 17.18 13.14
N ARG A 821 -23.24 18.30 12.99
CA ARG A 821 -22.60 19.61 13.02
C ARG A 821 -21.92 19.85 14.37
N TRP A 822 -22.59 19.52 15.48
CA TRP A 822 -22.04 19.75 16.80
C TRP A 822 -21.35 18.54 17.39
N SER A 823 -21.80 17.32 17.06
CA SER A 823 -21.17 16.12 17.61
C SER A 823 -19.74 15.98 17.13
N GLY A 824 -19.49 16.28 15.85
CA GLY A 824 -18.16 16.15 15.28
C GLY A 824 -17.87 14.81 14.64
N VAL A 825 -18.76 13.83 14.78
CA VAL A 825 -18.54 12.52 14.18
C VAL A 825 -18.80 12.61 12.68
N SER A 826 -18.07 11.80 11.92
CA SER A 826 -18.22 11.79 10.47
C SER A 826 -19.53 11.10 10.08
N ILE A 827 -20.02 11.47 8.89
CA ILE A 827 -21.27 10.89 8.39
C ILE A 827 -21.13 9.39 8.19
N GLU A 828 -19.98 8.95 7.66
CA GLU A 828 -19.78 7.54 7.38
C GLU A 828 -19.97 6.69 8.63
N ASP A 829 -19.30 7.06 9.72
CA ASP A 829 -19.36 6.26 10.94
C ASP A 829 -20.79 6.10 11.43
N LEU A 830 -21.64 7.11 11.23
CA LEU A 830 -23.04 6.98 11.62
C LEU A 830 -23.71 5.85 10.87
N TRP A 831 -23.43 5.72 9.57
CA TRP A 831 -24.02 4.65 8.78
C TRP A 831 -23.56 3.29 9.27
N ARG A 832 -22.28 3.16 9.65
CA ARG A 832 -21.78 1.87 10.11
C ARG A 832 -22.49 1.44 11.39
N ASN A 833 -22.71 2.38 12.31
CA ASN A 833 -23.37 2.04 13.57
C ASN A 833 -24.78 1.51 13.32
N GLU A 834 -25.53 2.18 12.44
CA GLU A 834 -26.88 1.72 12.12
C GLU A 834 -26.86 0.34 11.49
N GLN A 835 -25.93 0.11 10.57
CA GLN A 835 -25.84 -1.20 9.91
C GLN A 835 -25.52 -2.30 10.91
N PHE A 836 -24.57 -2.03 11.80
CA PHE A 836 -24.17 -3.05 12.77
C PHE A 836 -25.30 -3.36 13.75
N TRP A 837 -26.08 -2.34 14.13
CA TRP A 837 -27.13 -2.55 15.12
C TRP A 837 -28.14 -3.58 14.66
N VAL A 838 -28.61 -3.45 13.42
CA VAL A 838 -29.69 -4.33 12.95
C VAL A 838 -29.22 -5.78 12.89
N ILE A 839 -28.02 -6.01 12.38
CA ILE A 839 -27.53 -7.39 12.26
C ILE A 839 -27.34 -8.00 13.65
N GLY A 840 -26.80 -7.23 14.58
CA GLY A 840 -26.56 -7.72 15.92
C GLY A 840 -27.81 -8.04 16.72
N GLY A 841 -28.97 -7.57 16.27
CA GLY A 841 -30.22 -7.81 16.97
C GLY A 841 -30.87 -9.12 16.58
N VAL A 842 -30.83 -9.45 15.29
CA VAL A 842 -31.49 -10.66 14.81
C VAL A 842 -30.69 -11.92 15.16
N SER A 843 -29.43 -11.79 15.55
CA SER A 843 -28.52 -12.95 15.79
C SER A 843 -28.45 -13.34 17.27
N ALA A 844 -27.95 -12.46 18.15
CA ALA A 844 -27.74 -12.75 19.58
C ALA A 844 -28.85 -12.16 20.46
N HIS A 845 -29.22 -10.89 20.28
CA HIS A 845 -30.20 -10.21 21.17
C HIS A 845 -31.46 -11.08 21.16
N LEU A 846 -31.75 -11.74 20.05
CA LEU A 846 -32.91 -12.67 19.97
C LEU A 846 -32.74 -13.76 21.03
N PHE A 847 -31.57 -14.41 21.08
CA PHE A 847 -31.34 -15.56 21.99
C PHE A 847 -31.49 -15.06 23.43
N ALA A 848 -30.96 -13.90 23.77
CA ALA A 848 -30.97 -13.41 25.17
C ALA A 848 -32.41 -13.37 25.70
N VAL A 849 -33.38 -12.99 24.86
CA VAL A 849 -34.81 -12.82 25.30
C VAL A 849 -35.51 -14.17 25.37
N PHE A 850 -35.11 -15.18 24.57
CA PHE A 850 -35.79 -16.50 24.49
C PHE A 850 -34.93 -17.58 25.16
N GLN A 851 -33.66 -17.68 24.79
CA GLN A 851 -32.72 -18.61 25.48
C GLN A 851 -32.77 -18.25 26.96
N GLY A 852 -32.87 -16.96 27.33
CA GLY A 852 -32.86 -16.48 28.73
C GLY A 852 -34.22 -16.66 29.41
N PHE A 853 -35.33 -16.37 28.73
CA PHE A 853 -36.65 -16.73 29.24
C PHE A 853 -36.68 -18.21 29.64
N LEU A 854 -36.10 -19.08 28.81
CA LEU A 854 -36.04 -20.49 29.13
C LEU A 854 -34.96 -20.79 30.18
N LYS A 855 -33.91 -19.97 30.23
CA LYS A 855 -32.81 -20.20 31.17
C LYS A 855 -33.12 -19.70 32.57
N MET A 856 -34.16 -18.90 32.75
CA MET A 856 -34.50 -18.37 34.06
C MET A 856 -35.16 -19.48 34.88
N VAL A 882 -24.21 -21.10 21.70
CA VAL A 882 -24.74 -21.25 20.32
C VAL A 882 -23.54 -21.28 19.37
N LYS A 883 -23.55 -22.06 18.27
CA LYS A 883 -22.36 -22.16 17.43
C LYS A 883 -22.31 -21.02 16.42
N TRP A 884 -21.09 -20.74 15.95
CA TRP A 884 -20.92 -19.74 14.88
C TRP A 884 -21.81 -20.07 13.70
N THR A 885 -21.95 -21.35 13.36
CA THR A 885 -22.85 -21.74 12.28
C THR A 885 -24.30 -21.50 12.69
N THR A 886 -24.67 -21.72 13.96
CA THR A 886 -26.10 -21.64 14.43
C THR A 886 -26.54 -20.17 14.57
N LEU A 887 -25.65 -19.28 14.99
CA LEU A 887 -26.00 -17.84 15.17
C LEU A 887 -26.31 -17.28 13.78
N LEU A 888 -25.67 -17.77 12.71
CA LEU A 888 -25.89 -17.17 11.41
C LEU A 888 -27.17 -17.64 10.74
N ILE A 889 -27.95 -18.49 11.40
CA ILE A 889 -29.14 -19.09 10.79
C ILE A 889 -30.23 -18.04 10.59
N PRO A 890 -30.74 -17.35 11.65
CA PRO A 890 -31.83 -16.38 11.46
C PRO A 890 -31.48 -15.34 10.39
N PRO A 891 -30.29 -14.70 10.39
CA PRO A 891 -30.01 -13.71 9.32
C PRO A 891 -30.07 -14.30 7.92
N THR A 892 -29.61 -15.54 7.74
CA THR A 892 -29.60 -16.14 6.41
C THR A 892 -31.01 -16.33 5.88
N THR A 893 -31.95 -16.72 6.74
CA THR A 893 -33.31 -16.96 6.31
C THR A 893 -33.93 -15.71 5.70
N LEU A 894 -33.72 -14.55 6.34
CA LEU A 894 -34.29 -13.31 5.82
C LEU A 894 -33.73 -12.98 4.44
N LEU A 895 -32.42 -13.18 4.25
CA LEU A 895 -31.80 -12.84 2.97
C LEU A 895 -32.40 -13.66 1.84
N ILE A 896 -32.57 -14.97 2.05
CA ILE A 896 -33.10 -15.84 0.99
C ILE A 896 -34.54 -15.48 0.67
N ILE A 897 -35.36 -15.27 1.70
CA ILE A 897 -36.77 -14.97 1.47
C ILE A 897 -36.93 -13.64 0.73
N ASN A 898 -36.15 -12.64 1.13
CA ASN A 898 -36.31 -11.29 0.59
C ASN A 898 -35.68 -11.11 -0.79
N ILE A 899 -34.90 -12.09 -1.26
CA ILE A 899 -34.32 -12.02 -2.60
C ILE A 899 -35.09 -12.91 -3.58
N VAL A 900 -35.56 -14.07 -3.14
CA VAL A 900 -36.38 -14.90 -4.01
C VAL A 900 -37.75 -14.26 -4.23
N GLY A 901 -38.32 -13.66 -3.17
CA GLY A 901 -39.63 -13.04 -3.32
C GLY A 901 -39.60 -11.82 -4.23
N VAL A 902 -38.59 -10.95 -4.07
CA VAL A 902 -38.55 -9.72 -4.83
C VAL A 902 -38.42 -10.02 -6.32
N VAL A 903 -37.55 -10.97 -6.68
CA VAL A 903 -37.39 -11.31 -8.09
C VAL A 903 -38.67 -11.95 -8.63
N ALA A 904 -39.35 -12.75 -7.81
CA ALA A 904 -40.60 -13.36 -8.23
C ALA A 904 -41.66 -12.30 -8.52
N GLY A 905 -41.67 -11.22 -7.72
CA GLY A 905 -42.63 -10.16 -7.95
C GLY A 905 -42.54 -9.57 -9.35
N PHE A 906 -41.31 -9.39 -9.84
CA PHE A 906 -41.13 -8.87 -11.19
C PHE A 906 -41.71 -9.82 -12.23
N SER A 907 -41.52 -11.13 -12.05
CA SER A 907 -41.99 -12.09 -13.03
C SER A 907 -43.51 -12.04 -13.16
N ASP A 908 -44.22 -12.00 -12.03
CA ASP A 908 -45.67 -11.91 -12.07
C ASP A 908 -46.16 -10.53 -12.49
N ALA A 909 -45.30 -9.50 -12.41
CA ALA A 909 -45.67 -8.18 -12.88
C ALA A 909 -45.81 -8.13 -14.39
N LEU A 910 -45.32 -9.13 -15.12
CA LEU A 910 -45.51 -9.19 -16.56
C LEU A 910 -46.96 -9.39 -16.95
N ASN A 911 -47.82 -9.75 -16.00
CA ASN A 911 -49.24 -9.91 -16.31
C ASN A 911 -49.83 -8.59 -16.80
N LYS A 912 -49.44 -7.48 -16.18
CA LYS A 912 -49.90 -6.16 -16.57
C LYS A 912 -49.01 -5.63 -17.70
N GLY A 913 -49.17 -4.36 -18.03
CA GLY A 913 -48.44 -3.73 -19.11
C GLY A 913 -47.11 -3.16 -18.65
N TYR A 914 -46.59 -2.22 -19.45
CA TYR A 914 -45.33 -1.57 -19.10
C TYR A 914 -45.40 -0.90 -17.74
N GLU A 915 -46.54 -0.29 -17.42
CA GLU A 915 -46.74 0.34 -16.12
C GLU A 915 -47.48 -0.63 -15.21
N ALA A 916 -46.80 -1.07 -14.15
CA ALA A 916 -47.36 -1.99 -13.17
C ALA A 916 -47.89 -1.27 -11.93
N TRP A 917 -48.38 -0.04 -12.10
CA TRP A 917 -49.13 0.79 -11.13
C TRP A 917 -48.37 1.54 -10.04
N GLY A 918 -47.05 1.40 -9.93
CA GLY A 918 -46.27 2.23 -9.05
C GLY A 918 -45.67 1.53 -7.85
N PRO A 919 -46.43 0.66 -7.17
CA PRO A 919 -45.91 0.02 -5.95
C PRO A 919 -44.62 -0.76 -6.17
N LEU A 920 -44.25 -1.07 -7.41
CA LEU A 920 -43.01 -1.80 -7.62
C LEU A 920 -41.84 -1.02 -7.03
N PHE A 921 -41.71 0.25 -7.38
CA PHE A 921 -40.72 1.10 -6.73
C PHE A 921 -41.02 1.24 -5.24
N GLY A 922 -42.30 1.18 -4.88
CA GLY A 922 -42.70 1.18 -3.48
C GLY A 922 -42.12 0.01 -2.72
N LYS A 923 -42.23 -1.20 -3.28
CA LYS A 923 -41.64 -2.37 -2.65
C LYS A 923 -40.17 -2.56 -3.01
N VAL A 924 -39.72 -2.01 -4.14
CA VAL A 924 -38.33 -2.21 -4.54
C VAL A 924 -37.39 -1.51 -3.58
N PHE A 925 -37.67 -0.24 -3.25
CA PHE A 925 -36.81 0.43 -2.27
C PHE A 925 -37.13 0.01 -0.85
N PHE A 926 -38.29 -0.62 -0.63
CA PHE A 926 -38.60 -1.17 0.68
C PHE A 926 -37.78 -2.43 0.94
N ALA A 927 -37.60 -3.26 -0.09
CA ALA A 927 -36.74 -4.44 0.02
C ALA A 927 -35.27 -4.13 -0.20
N PHE A 928 -34.96 -3.11 -1.00
CA PHE A 928 -33.57 -2.68 -1.13
C PHE A 928 -33.00 -2.29 0.24
N TRP A 929 -33.75 -1.48 0.99
CA TRP A 929 -33.34 -1.12 2.34
C TRP A 929 -33.02 -2.37 3.15
N VAL A 930 -33.89 -3.38 3.07
CA VAL A 930 -33.65 -4.62 3.79
C VAL A 930 -32.37 -5.28 3.30
N ILE A 931 -32.16 -5.30 1.98
CA ILE A 931 -30.98 -5.92 1.39
C ILE A 931 -29.91 -4.87 1.05
N LEU A 932 -29.97 -3.69 1.65
CA LEU A 932 -28.92 -2.69 1.54
C LEU A 932 -28.12 -2.52 2.84
N HIS A 933 -28.74 -2.78 3.99
CA HIS A 933 -28.06 -2.75 5.27
C HIS A 933 -27.63 -4.13 5.75
N LEU A 934 -28.47 -5.15 5.51
CA LEU A 934 -28.12 -6.53 5.81
C LEU A 934 -27.27 -7.23 4.75
N TYR A 935 -27.19 -6.66 3.53
CA TYR A 935 -26.39 -7.28 2.49
C TYR A 935 -24.89 -7.15 2.74
N PRO A 936 -24.34 -5.96 3.01
CA PRO A 936 -22.88 -5.84 3.07
C PRO A 936 -22.23 -6.63 4.19
N PHE A 937 -22.97 -7.00 5.22
CA PHE A 937 -22.40 -7.79 6.32
C PHE A 937 -22.44 -9.28 6.02
N LEU A 938 -23.64 -9.82 5.77
CA LEU A 938 -23.75 -11.25 5.50
C LEU A 938 -22.88 -11.66 4.33
N LYS A 939 -22.91 -10.89 3.24
CA LYS A 939 -22.00 -11.15 2.13
C LYS A 939 -20.57 -10.77 2.48
N GLY A 940 -20.39 -9.63 3.15
CA GLY A 940 -19.06 -9.16 3.45
C GLY A 940 -18.32 -10.05 4.43
N LEU A 941 -19.01 -10.53 5.46
CA LEU A 941 -18.33 -11.31 6.50
C LEU A 941 -17.83 -12.63 5.97
N MET A 942 -18.46 -13.19 4.94
CA MET A 942 -18.04 -14.46 4.36
C MET A 942 -17.52 -14.31 2.94
N GLY A 943 -18.35 -13.83 2.00
CA GLY A 943 -17.94 -13.66 0.63
C GLY A 943 -17.24 -14.88 0.08
N ARG A 944 -16.54 -14.73 -1.05
CA ARG A 944 -15.52 -15.70 -1.44
C ARG A 944 -14.14 -15.05 -1.50
N GLN A 945 -13.94 -14.08 -2.39
CA GLN A 945 -12.84 -13.13 -2.30
C GLN A 945 -13.02 -12.06 -3.39
N ASN A 946 -12.96 -10.79 -3.01
CA ASN A 946 -13.01 -9.68 -3.96
C ASN A 946 -14.39 -9.52 -4.58
N ARG A 947 -15.31 -10.45 -4.32
CA ARG A 947 -16.69 -10.35 -4.77
C ARG A 947 -16.78 -10.03 -6.26
N THR A 948 -16.05 -10.81 -7.06
CA THR A 948 -16.06 -10.65 -8.51
C THR A 948 -16.03 -12.03 -9.19
N GLU B 170 5.92 -51.71 11.73
CA GLU B 170 5.16 -50.47 11.71
C GLU B 170 5.38 -49.72 10.39
N PRO B 171 4.30 -49.28 9.75
CA PRO B 171 4.46 -48.58 8.48
C PRO B 171 5.11 -47.21 8.66
N LEU B 172 5.82 -46.78 7.62
CA LEU B 172 6.46 -45.47 7.61
C LEU B 172 5.72 -44.44 6.79
N SER B 173 4.68 -44.85 6.05
CA SER B 173 3.88 -43.92 5.27
C SER B 173 2.51 -44.53 5.05
N ILE B 174 1.51 -43.67 4.86
CA ILE B 174 0.13 -44.09 4.65
C ILE B 174 -0.45 -43.34 3.48
N VAL B 175 -1.44 -43.95 2.83
CA VAL B 175 -2.15 -43.35 1.70
C VAL B 175 -3.64 -43.60 1.88
N TYR B 176 -4.44 -42.56 1.72
CA TYR B 176 -5.88 -42.67 1.88
C TYR B 176 -6.59 -41.97 0.73
N PRO B 177 -7.76 -42.46 0.32
CA PRO B 177 -8.51 -41.80 -0.75
C PRO B 177 -9.46 -40.72 -0.23
N ILE B 178 -10.26 -40.15 -1.12
CA ILE B 178 -11.26 -39.17 -0.71
C ILE B 178 -12.20 -39.83 0.30
N PRO B 179 -12.70 -39.12 1.32
CA PRO B 179 -13.55 -39.78 2.33
C PRO B 179 -14.88 -40.30 1.80
N ARG B 180 -15.14 -40.23 0.49
CA ARG B 180 -16.31 -40.75 -0.20
C ARG B 180 -17.54 -39.86 0.02
N ASN B 181 -17.47 -38.86 0.90
CA ASN B 181 -18.61 -37.96 1.07
C ASN B 181 -18.73 -37.01 -0.12
N LYS B 182 -17.59 -36.50 -0.61
CA LYS B 182 -17.56 -35.58 -1.75
C LYS B 182 -17.21 -36.29 -3.05
N LEU B 183 -17.08 -37.62 -3.04
CA LEU B 183 -16.69 -38.36 -4.22
C LEU B 183 -17.89 -38.88 -5.00
N THR B 184 -18.81 -39.57 -4.33
CA THR B 184 -19.97 -40.12 -5.02
C THR B 184 -20.78 -39.05 -5.73
N PRO B 185 -21.13 -37.92 -5.09
CA PRO B 185 -21.83 -36.87 -5.84
C PRO B 185 -21.03 -36.35 -7.03
N TYR B 186 -19.71 -36.26 -6.89
CA TYR B 186 -18.88 -35.78 -7.99
C TYR B 186 -18.93 -36.74 -9.17
N ARG B 187 -18.83 -38.04 -8.90
CA ARG B 187 -18.86 -39.03 -9.98
C ARG B 187 -20.23 -39.03 -10.67
N ALA B 188 -21.31 -38.89 -9.91
CA ALA B 188 -22.64 -38.95 -10.50
C ALA B 188 -22.88 -37.79 -11.45
N VAL B 189 -22.38 -36.59 -11.10
CA VAL B 189 -22.67 -35.41 -11.91
C VAL B 189 -22.12 -35.56 -13.32
N ILE B 190 -20.86 -36.02 -13.43
CA ILE B 190 -20.25 -36.15 -14.75
C ILE B 190 -20.94 -37.24 -15.56
N ILE B 191 -21.38 -38.31 -14.89
CA ILE B 191 -22.06 -39.39 -15.60
C ILE B 191 -23.35 -38.87 -16.22
N MET B 192 -24.12 -38.09 -15.46
CA MET B 192 -25.36 -37.52 -15.98
C MET B 192 -25.08 -36.56 -17.13
N ARG B 193 -24.02 -35.76 -17.01
CA ARG B 193 -23.72 -34.77 -18.05
C ARG B 193 -23.49 -35.42 -19.40
N LEU B 194 -22.91 -36.63 -19.41
CA LEU B 194 -22.65 -37.31 -20.68
C LEU B 194 -23.93 -37.60 -21.43
N ILE B 195 -24.97 -38.07 -20.72
CA ILE B 195 -26.24 -38.38 -21.37
C ILE B 195 -26.89 -37.12 -21.91
N ILE B 196 -26.84 -36.03 -21.15
CA ILE B 196 -27.46 -34.78 -21.57
C ILE B 196 -26.82 -34.30 -22.88
N LEU B 197 -25.51 -34.42 -22.99
CA LEU B 197 -24.83 -33.99 -24.20
C LEU B 197 -25.29 -34.79 -25.41
N GLY B 198 -25.46 -36.10 -25.25
CA GLY B 198 -25.91 -36.92 -26.37
C GLY B 198 -27.27 -36.52 -26.89
N LEU B 199 -28.22 -36.28 -25.98
CA LEU B 199 -29.56 -35.88 -26.40
C LEU B 199 -29.55 -34.53 -27.09
N PHE B 200 -28.72 -33.60 -26.61
CA PHE B 200 -28.70 -32.26 -27.19
C PHE B 200 -28.26 -32.30 -28.64
N PHE B 201 -27.31 -33.17 -28.98
CA PHE B 201 -26.76 -33.21 -30.34
C PHE B 201 -27.82 -33.63 -31.35
N HIS B 202 -28.59 -34.68 -31.04
CA HIS B 202 -29.54 -35.22 -32.00
C HIS B 202 -30.50 -34.15 -32.50
N TYR B 203 -30.88 -33.21 -31.63
CA TYR B 203 -31.79 -32.15 -32.04
C TYR B 203 -31.17 -31.28 -33.14
N ARG B 204 -29.88 -30.95 -33.01
CA ARG B 204 -29.26 -30.03 -33.95
C ARG B 204 -29.03 -30.67 -35.32
N ILE B 205 -28.64 -31.93 -35.36
CA ILE B 205 -28.39 -32.60 -36.63
C ILE B 205 -29.68 -32.87 -37.41
N THR B 206 -30.82 -32.93 -36.73
CA THR B 206 -32.10 -33.22 -37.37
C THR B 206 -32.87 -31.94 -37.72
N ASN B 207 -32.19 -30.80 -37.78
CA ASN B 207 -32.77 -29.53 -38.22
C ASN B 207 -31.88 -28.96 -39.31
N PRO B 208 -31.89 -29.57 -40.50
CA PRO B 208 -30.88 -29.21 -41.52
C PRO B 208 -30.91 -27.75 -41.92
N VAL B 209 -32.09 -27.13 -41.96
CA VAL B 209 -32.25 -25.81 -42.58
C VAL B 209 -32.22 -24.73 -41.51
N ASP B 210 -31.36 -23.73 -41.71
CA ASP B 210 -31.38 -22.51 -40.92
C ASP B 210 -31.16 -21.28 -41.79
N SER B 211 -31.56 -21.35 -43.06
CA SER B 211 -31.44 -20.32 -44.07
C SER B 211 -30.03 -20.25 -44.65
N ALA B 212 -29.11 -21.10 -44.21
CA ALA B 212 -27.75 -21.10 -44.75
C ALA B 212 -27.14 -22.47 -44.48
N PHE B 213 -27.00 -23.29 -45.53
CA PHE B 213 -26.42 -24.62 -45.36
C PHE B 213 -24.96 -24.55 -44.97
N GLY B 214 -24.22 -23.59 -45.55
CA GLY B 214 -22.79 -23.50 -45.24
C GLY B 214 -22.53 -23.29 -43.77
N LEU B 215 -23.27 -22.38 -43.14
CA LEU B 215 -23.11 -22.16 -41.71
C LEU B 215 -23.52 -23.39 -40.92
N TRP B 216 -24.58 -24.08 -41.35
CA TRP B 216 -25.03 -25.26 -40.62
C TRP B 216 -23.95 -26.34 -40.60
N LEU B 217 -23.32 -26.60 -41.76
CA LEU B 217 -22.32 -27.64 -41.83
C LEU B 217 -21.09 -27.29 -40.98
N THR B 218 -20.61 -26.05 -41.10
CA THR B 218 -19.43 -25.65 -40.35
C THR B 218 -19.69 -25.66 -38.84
N SER B 219 -20.85 -25.16 -38.41
CA SER B 219 -21.13 -25.08 -36.99
C SER B 219 -21.23 -26.46 -36.36
N VAL B 220 -21.89 -27.40 -37.05
CA VAL B 220 -22.07 -28.74 -36.49
C VAL B 220 -20.73 -29.43 -36.32
N ILE B 221 -19.86 -29.33 -37.32
CA ILE B 221 -18.57 -30.01 -37.26
C ILE B 221 -17.73 -29.44 -36.12
N CYS B 222 -17.71 -28.11 -35.98
CA CYS B 222 -16.86 -27.49 -34.97
C CYS B 222 -17.27 -27.90 -33.56
N GLU B 223 -18.58 -27.92 -33.29
CA GLU B 223 -19.05 -28.26 -31.96
C GLU B 223 -18.70 -29.70 -31.59
N ILE B 224 -18.76 -30.61 -32.56
CA ILE B 224 -18.44 -32.01 -32.29
C ILE B 224 -17.00 -32.14 -31.83
N TRP B 225 -16.10 -31.34 -32.40
CA TRP B 225 -14.70 -31.38 -31.98
C TRP B 225 -14.55 -31.02 -30.51
N PHE B 226 -15.29 -30.00 -30.05
CA PHE B 226 -15.19 -29.58 -28.67
C PHE B 226 -15.64 -30.68 -27.72
N ALA B 227 -16.68 -31.43 -28.09
CA ALA B 227 -17.21 -32.46 -27.21
C ALA B 227 -16.15 -33.52 -26.90
N PHE B 228 -15.40 -33.95 -27.91
CA PHE B 228 -14.36 -34.96 -27.68
C PHE B 228 -13.23 -34.40 -26.84
N SER B 229 -12.95 -33.11 -26.97
CA SER B 229 -11.88 -32.50 -26.16
C SER B 229 -12.19 -32.62 -24.67
N TRP B 230 -13.45 -32.37 -24.29
CA TRP B 230 -13.83 -32.48 -22.88
C TRP B 230 -13.70 -33.91 -22.39
N VAL B 231 -14.05 -34.89 -23.23
CA VAL B 231 -14.01 -36.29 -22.81
C VAL B 231 -12.59 -36.68 -22.45
N LEU B 232 -11.61 -36.29 -23.28
CA LEU B 232 -10.23 -36.66 -23.03
C LEU B 232 -9.64 -35.95 -21.82
N ASP B 233 -10.30 -34.93 -21.28
CA ASP B 233 -9.78 -34.15 -20.17
C ASP B 233 -10.45 -34.45 -18.84
N GLN B 234 -11.69 -34.93 -18.84
CA GLN B 234 -12.42 -35.16 -17.59
C GLN B 234 -12.15 -36.54 -17.01
N PHE B 235 -12.12 -37.57 -17.85
CA PHE B 235 -11.92 -38.93 -17.34
C PHE B 235 -10.65 -39.08 -16.51
N PRO B 236 -9.50 -38.53 -16.91
CA PRO B 236 -8.28 -38.73 -16.11
C PRO B 236 -8.38 -38.26 -14.68
N LYS B 237 -9.36 -37.42 -14.35
CA LYS B 237 -9.53 -36.89 -13.00
C LYS B 237 -10.35 -37.84 -12.11
N TRP B 238 -10.39 -39.12 -12.44
CA TRP B 238 -11.16 -40.10 -11.67
C TRP B 238 -10.28 -40.72 -10.59
N LYS B 239 -10.88 -40.95 -9.43
CA LYS B 239 -10.21 -41.63 -8.32
C LYS B 239 -9.01 -40.86 -7.82
N PRO B 240 -9.20 -39.68 -7.21
CA PRO B 240 -8.07 -38.99 -6.58
C PRO B 240 -7.59 -39.71 -5.34
N VAL B 241 -6.34 -39.47 -4.98
CA VAL B 241 -5.70 -40.10 -3.82
C VAL B 241 -4.87 -39.07 -3.08
N ASN B 242 -4.66 -39.33 -1.78
CA ASN B 242 -3.87 -38.47 -0.92
C ASN B 242 -2.92 -39.33 -0.09
N ARG B 243 -1.84 -38.71 0.37
CA ARG B 243 -0.77 -39.43 1.06
C ARG B 243 -0.29 -38.63 2.27
N GLU B 244 0.44 -39.31 3.15
CA GLU B 244 1.01 -38.71 4.33
C GLU B 244 2.24 -39.51 4.74
N THR B 245 3.19 -38.83 5.39
CA THR B 245 4.44 -39.46 5.80
C THR B 245 4.81 -39.03 7.21
N PHE B 246 5.63 -39.86 7.87
CA PHE B 246 6.13 -39.58 9.21
C PHE B 246 7.65 -39.69 9.19
N ILE B 247 8.31 -38.80 9.91
CA ILE B 247 9.76 -38.72 9.94
C ILE B 247 10.34 -39.34 11.21
N GLU B 248 9.71 -39.09 12.35
CA GLU B 248 10.29 -39.52 13.63
C GLU B 248 10.48 -41.04 13.67
N ARG B 249 9.62 -41.79 13.00
CA ARG B 249 9.76 -43.24 13.01
C ARG B 249 10.93 -43.70 12.15
N LEU B 250 11.27 -42.94 11.10
CA LEU B 250 12.41 -43.30 10.27
C LEU B 250 13.71 -43.22 11.06
N SER B 251 13.89 -42.15 11.84
CA SER B 251 15.14 -41.97 12.59
C SER B 251 15.35 -43.08 13.60
N ALA B 252 14.28 -43.45 14.32
CA ALA B 252 14.42 -44.49 15.35
C ALA B 252 14.82 -45.83 14.74
N ARG B 253 14.21 -46.19 13.61
CA ARG B 253 14.46 -47.50 13.03
C ARG B 253 15.89 -47.61 12.49
N TYR B 254 16.33 -46.60 11.74
CA TYR B 254 17.62 -46.67 11.07
C TYR B 254 18.74 -46.02 11.89
N GLU B 255 18.55 -44.77 12.31
CA GLU B 255 19.57 -44.06 13.09
C GLU B 255 19.47 -44.50 14.55
N ARG B 256 19.83 -45.75 14.79
CA ARG B 256 19.80 -46.33 16.11
C ARG B 256 21.00 -45.84 16.94
N GLU B 257 20.97 -46.15 18.24
CA GLU B 257 22.08 -45.76 19.10
C GLU B 257 23.37 -46.42 18.64
N GLY B 258 23.32 -47.68 18.26
CA GLY B 258 24.50 -48.34 17.74
C GLY B 258 24.99 -47.69 16.46
N GLU B 259 26.30 -47.72 16.27
CA GLU B 259 26.95 -47.11 15.12
C GLU B 259 27.31 -48.15 14.08
N PRO B 260 27.46 -47.75 12.80
CA PRO B 260 27.21 -46.41 12.25
C PRO B 260 25.80 -46.27 11.70
N SER B 261 25.54 -45.17 10.99
CA SER B 261 24.25 -44.98 10.35
C SER B 261 24.12 -45.88 9.12
N GLN B 262 22.87 -46.19 8.76
CA GLN B 262 22.56 -47.06 7.65
C GLN B 262 21.79 -46.35 6.54
N LEU B 263 21.85 -45.03 6.49
CA LEU B 263 21.14 -44.27 5.47
C LEU B 263 21.87 -44.34 4.14
N ALA B 264 21.16 -43.99 3.07
CA ALA B 264 21.68 -44.03 1.71
C ALA B 264 22.23 -42.65 1.31
N ALA B 265 23.05 -42.66 0.27
CA ALA B 265 23.69 -41.45 -0.23
C ALA B 265 22.85 -40.80 -1.32
N VAL B 266 23.07 -39.50 -1.52
CA VAL B 266 22.37 -38.73 -2.53
C VAL B 266 23.37 -37.85 -3.27
N ASP B 267 22.98 -37.42 -4.47
CA ASP B 267 23.82 -36.57 -5.30
C ASP B 267 22.98 -35.42 -5.84
N PHE B 268 23.66 -34.31 -6.14
CA PHE B 268 23.02 -33.11 -6.65
C PHE B 268 23.73 -32.63 -7.91
N PHE B 269 22.98 -32.02 -8.82
CA PHE B 269 23.50 -31.51 -10.07
C PHE B 269 23.03 -30.08 -10.29
N VAL B 270 23.90 -29.26 -10.88
CA VAL B 270 23.59 -27.87 -11.21
C VAL B 270 24.12 -27.57 -12.59
N SER B 271 23.25 -26.94 -13.36
CA SER B 271 23.50 -26.69 -14.79
C SER B 271 23.49 -25.19 -15.06
N THR B 272 24.52 -24.63 -15.72
CA THR B 272 24.66 -23.18 -16.01
C THR B 272 25.05 -23.03 -17.50
N VAL B 273 24.88 -21.86 -18.15
CA VAL B 273 25.16 -21.71 -19.57
C VAL B 273 25.94 -20.43 -19.87
N ASP B 274 25.82 -19.42 -19.01
CA ASP B 274 26.45 -18.14 -19.30
C ASP B 274 26.48 -17.24 -18.08
N PRO B 275 27.64 -16.70 -17.69
CA PRO B 275 27.66 -15.74 -16.57
C PRO B 275 27.02 -14.41 -16.91
N LEU B 276 27.32 -13.85 -18.08
CA LEU B 276 26.83 -12.51 -18.42
C LEU B 276 25.32 -12.48 -18.52
N LYS B 277 24.73 -13.47 -19.19
CA LYS B 277 23.28 -13.46 -19.41
C LYS B 277 22.51 -13.55 -18.10
N GLU B 278 22.97 -14.41 -17.17
CA GLU B 278 22.32 -14.60 -15.90
C GLU B 278 23.31 -14.28 -14.77
N PRO B 279 22.96 -13.40 -13.84
CA PRO B 279 23.94 -12.94 -12.84
C PRO B 279 24.48 -14.10 -12.03
N PRO B 280 25.76 -14.07 -11.65
CA PRO B 280 26.33 -15.19 -10.89
C PRO B 280 25.98 -15.17 -9.41
N LEU B 281 25.47 -14.07 -8.88
CA LEU B 281 25.11 -14.02 -7.46
C LEU B 281 24.02 -15.02 -7.13
N ILE B 282 23.03 -15.16 -8.01
CA ILE B 282 21.95 -16.11 -7.78
C ILE B 282 22.49 -17.53 -7.73
N THR B 283 23.39 -17.87 -8.65
CA THR B 283 23.97 -19.21 -8.67
C THR B 283 24.73 -19.50 -7.38
N ALA B 284 25.48 -18.52 -6.88
CA ALA B 284 26.24 -18.73 -5.65
C ALA B 284 25.31 -19.04 -4.47
N ASN B 285 24.18 -18.34 -4.39
CA ASN B 285 23.24 -18.59 -3.30
C ASN B 285 22.70 -20.01 -3.35
N THR B 286 22.38 -20.50 -4.56
CA THR B 286 21.86 -21.86 -4.69
C THR B 286 22.89 -22.89 -4.22
N VAL B 287 24.16 -22.70 -4.58
CA VAL B 287 25.20 -23.64 -4.19
C VAL B 287 25.31 -23.71 -2.66
N LEU B 288 25.26 -22.55 -2.01
CA LEU B 288 25.37 -22.52 -0.54
C LEU B 288 24.23 -23.30 0.10
N SER B 289 23.02 -23.17 -0.45
CA SER B 289 21.87 -23.85 0.13
C SER B 289 22.03 -25.37 0.10
N ILE B 290 22.60 -25.90 -0.98
CA ILE B 290 22.74 -27.35 -1.12
C ILE B 290 23.61 -27.91 0.00
N LEU B 291 24.64 -27.17 0.40
CA LEU B 291 25.59 -27.67 1.39
C LEU B 291 25.08 -27.57 2.82
N ALA B 292 23.91 -26.96 3.04
CA ALA B 292 23.37 -26.77 4.38
C ALA B 292 22.21 -27.71 4.68
N VAL B 293 22.10 -28.82 3.94
CA VAL B 293 21.01 -29.77 4.19
C VAL B 293 21.19 -30.44 5.55
N ASP B 294 20.10 -31.00 6.05
CA ASP B 294 20.09 -31.72 7.33
C ASP B 294 20.25 -33.20 7.03
N TYR B 295 21.50 -33.62 6.87
CA TYR B 295 21.83 -35.00 6.53
C TYR B 295 23.27 -35.26 6.96
N PRO B 296 23.64 -36.52 7.17
CA PRO B 296 25.04 -36.80 7.53
C PRO B 296 25.99 -36.29 6.47
N VAL B 297 27.12 -35.74 6.92
CA VAL B 297 28.08 -35.12 6.02
C VAL B 297 28.89 -36.13 5.22
N ASP B 298 28.78 -37.42 5.54
CA ASP B 298 29.52 -38.46 4.84
C ASP B 298 28.75 -39.08 3.69
N LYS B 299 27.56 -38.57 3.38
CA LYS B 299 26.70 -39.14 2.35
C LYS B 299 26.43 -38.17 1.21
N VAL B 300 26.08 -36.92 1.51
CA VAL B 300 25.66 -35.98 0.48
C VAL B 300 26.87 -35.50 -0.32
N SER B 301 26.64 -35.14 -1.57
CA SER B 301 27.67 -34.59 -2.44
C SER B 301 27.01 -33.64 -3.43
N CYS B 302 27.83 -32.75 -4.00
CA CYS B 302 27.35 -31.73 -4.92
C CYS B 302 28.22 -31.70 -6.17
N TYR B 303 27.60 -31.37 -7.30
CA TYR B 303 28.29 -31.25 -8.58
C TYR B 303 27.83 -29.99 -9.28
N VAL B 304 28.69 -29.30 -10.04
CA VAL B 304 28.35 -28.05 -10.81
C VAL B 304 28.91 -28.13 -12.21
N SER B 305 28.13 -27.88 -13.27
CA SER B 305 28.54 -27.99 -14.69
C SER B 305 28.52 -26.61 -15.32
N ASP B 306 29.56 -26.15 -16.00
CA ASP B 306 29.50 -24.86 -16.75
C ASP B 306 29.80 -25.08 -18.21
N ASP B 307 28.79 -25.02 -19.08
CA ASP B 307 29.02 -25.03 -20.54
C ASP B 307 29.73 -23.71 -20.75
N GLY B 308 30.44 -23.49 -21.84
CA GLY B 308 31.32 -22.31 -21.92
C GLY B 308 32.46 -22.64 -20.98
N ALA B 309 33.39 -21.75 -20.67
CA ALA B 309 34.41 -22.02 -19.65
C ALA B 309 34.26 -20.91 -18.61
N ALA B 310 34.44 -19.66 -19.00
CA ALA B 310 34.20 -18.48 -18.14
C ALA B 310 35.00 -18.52 -16.84
N MET B 311 36.13 -17.85 -16.75
CA MET B 311 36.83 -17.72 -15.47
C MET B 311 35.96 -17.07 -14.42
N LEU B 312 34.92 -16.33 -14.80
CA LEU B 312 34.06 -15.68 -13.82
C LEU B 312 33.38 -16.70 -12.92
N THR B 313 32.86 -17.81 -13.48
CA THR B 313 32.13 -18.86 -12.70
C THR B 313 33.14 -19.74 -11.96
N PHE B 314 34.35 -19.93 -12.44
CA PHE B 314 35.36 -20.66 -11.68
C PHE B 314 35.87 -19.83 -10.50
N GLU B 315 36.16 -18.55 -10.74
CA GLU B 315 36.62 -17.69 -9.65
C GLU B 315 35.52 -17.48 -8.62
N SER B 316 34.28 -17.32 -9.07
CA SER B 316 33.17 -17.11 -8.13
C SER B 316 32.99 -18.32 -7.22
N LEU B 317 33.13 -19.53 -7.77
CA LEU B 317 33.00 -20.73 -6.95
C LEU B 317 34.05 -20.76 -5.85
N VAL B 318 35.27 -20.33 -6.15
CA VAL B 318 36.33 -20.32 -5.15
C VAL B 318 35.94 -19.41 -3.99
N GLU B 319 35.40 -18.23 -4.29
CA GLU B 319 35.00 -17.30 -3.24
C GLU B 319 33.88 -17.91 -2.38
N THR B 320 32.93 -18.59 -3.01
CA THR B 320 31.82 -19.18 -2.26
C THR B 320 32.33 -20.24 -1.29
N ALA B 321 33.30 -21.04 -1.71
CA ALA B 321 33.83 -22.08 -0.83
C ALA B 321 34.45 -21.48 0.42
N GLU B 322 35.18 -20.38 0.28
CA GLU B 322 35.81 -19.75 1.44
C GLU B 322 34.77 -19.29 2.45
N PHE B 323 33.68 -18.68 1.96
CA PHE B 323 32.63 -18.19 2.86
C PHE B 323 31.82 -19.32 3.48
N ALA B 324 31.81 -20.51 2.86
CA ALA B 324 31.03 -21.62 3.38
C ALA B 324 31.52 -22.06 4.76
N ARG B 325 32.78 -21.79 5.10
CA ARG B 325 33.29 -22.22 6.40
C ARG B 325 32.52 -21.58 7.54
N LYS B 326 32.23 -20.28 7.44
CA LYS B 326 31.52 -19.60 8.52
C LYS B 326 30.02 -19.85 8.44
N TRP B 327 29.46 -19.92 7.23
CA TRP B 327 28.01 -20.01 7.08
C TRP B 327 27.46 -21.32 7.64
N VAL B 328 28.14 -22.43 7.38
CA VAL B 328 27.63 -23.76 7.71
C VAL B 328 27.40 -23.89 9.21
N PRO B 329 28.44 -23.77 10.05
CA PRO B 329 28.23 -24.02 11.48
C PRO B 329 27.21 -23.10 12.11
N PHE B 330 27.15 -21.84 11.67
CA PHE B 330 26.19 -20.90 12.25
C PHE B 330 24.75 -21.35 12.00
N CYS B 331 24.46 -21.80 10.77
CA CYS B 331 23.11 -22.23 10.45
C CYS B 331 22.70 -23.45 11.26
N LYS B 332 23.60 -24.43 11.38
CA LYS B 332 23.24 -25.69 12.04
C LYS B 332 22.92 -25.48 13.51
N LYS B 333 23.72 -24.67 14.21
CA LYS B 333 23.56 -24.53 15.65
C LYS B 333 22.21 -23.91 16.00
N PHE B 334 21.81 -22.85 15.29
CA PHE B 334 20.60 -22.13 15.63
C PHE B 334 19.36 -22.62 14.88
N SER B 335 19.52 -23.50 13.89
CA SER B 335 18.40 -24.08 13.15
C SER B 335 17.53 -22.97 12.56
N ILE B 336 18.12 -22.20 11.66
CA ILE B 336 17.48 -21.05 11.02
C ILE B 336 17.14 -21.42 9.58
N GLU B 337 15.91 -21.12 9.18
CA GLU B 337 15.45 -21.35 7.82
C GLU B 337 14.77 -20.09 7.29
N PRO B 338 14.88 -19.81 5.98
CA PRO B 338 15.64 -20.57 4.98
C PRO B 338 17.13 -20.36 5.10
N ARG B 339 17.92 -21.28 4.54
CA ARG B 339 19.37 -21.26 4.66
C ARG B 339 20.04 -20.53 3.50
N ALA B 340 19.31 -19.67 2.79
CA ALA B 340 19.89 -18.87 1.72
C ALA B 340 20.09 -17.45 2.23
N PRO B 341 21.33 -16.98 2.39
CA PRO B 341 21.52 -15.65 3.02
C PRO B 341 20.83 -14.52 2.27
N GLU B 342 20.83 -14.56 0.93
CA GLU B 342 20.22 -13.48 0.17
C GLU B 342 18.71 -13.43 0.38
N PHE B 343 18.05 -14.59 0.39
CA PHE B 343 16.61 -14.67 0.54
C PHE B 343 16.17 -14.76 2.00
N TYR B 344 17.10 -14.81 2.95
CA TYR B 344 16.79 -14.90 4.37
C TYR B 344 16.88 -13.54 5.07
N PHE B 345 17.98 -12.82 4.87
CA PHE B 345 18.13 -11.52 5.52
C PHE B 345 17.06 -10.54 5.07
N SER B 346 16.76 -10.52 3.77
CA SER B 346 15.77 -9.60 3.21
C SER B 346 14.36 -10.15 3.47
N GLN B 347 14.02 -10.23 4.75
CA GLN B 347 12.71 -10.72 5.19
C GLN B 347 12.20 -9.84 6.31
N LYS B 348 10.94 -9.41 6.21
CA LYS B 348 10.34 -8.53 7.20
C LYS B 348 9.81 -9.28 8.41
N ILE B 349 9.75 -10.61 8.36
CA ILE B 349 9.25 -11.37 9.49
C ILE B 349 10.18 -11.20 10.68
N ASP B 350 9.60 -11.10 11.87
CA ASP B 350 10.39 -10.98 13.08
C ASP B 350 11.29 -12.19 13.25
N TYR B 351 12.55 -11.95 13.56
CA TYR B 351 13.54 -13.02 13.66
C TYR B 351 13.68 -13.59 15.07
N LEU B 352 13.03 -12.99 16.06
CA LEU B 352 13.05 -13.48 17.44
C LEU B 352 11.64 -13.98 17.77
N LYS B 353 11.38 -15.24 17.43
CA LYS B 353 10.07 -15.84 17.63
C LYS B 353 10.09 -17.01 18.60
N ASP B 354 11.00 -17.97 18.38
CA ASP B 354 11.07 -19.16 19.23
C ASP B 354 12.48 -19.47 19.71
N LYS B 355 13.46 -18.61 19.44
CA LYS B 355 14.82 -18.86 19.87
C LYS B 355 14.91 -18.80 21.40
N VAL B 356 15.74 -19.67 21.97
CA VAL B 356 15.89 -19.75 23.42
C VAL B 356 17.37 -19.65 23.81
N GLN B 357 18.25 -19.69 22.81
CA GLN B 357 19.67 -19.62 23.10
C GLN B 357 20.03 -18.26 23.70
N PRO B 358 21.02 -18.21 24.59
CA PRO B 358 21.33 -16.95 25.28
C PRO B 358 22.15 -15.98 24.42
N SER B 359 23.04 -16.51 23.59
CA SER B 359 23.96 -15.71 22.79
C SER B 359 23.54 -15.64 21.33
N PHE B 360 22.23 -15.61 21.07
CA PHE B 360 21.76 -15.55 19.68
C PHE B 360 21.97 -14.16 19.09
N VAL B 361 21.71 -13.11 19.87
CA VAL B 361 21.79 -11.75 19.34
C VAL B 361 23.23 -11.38 19.02
N LYS B 362 24.17 -11.76 19.89
CA LYS B 362 25.57 -11.39 19.66
C LYS B 362 26.09 -12.00 18.37
N GLU B 363 25.82 -13.27 18.13
CA GLU B 363 26.31 -13.93 16.92
C GLU B 363 25.62 -13.40 15.68
N ARG B 364 24.33 -13.06 15.78
CA ARG B 364 23.59 -12.60 14.60
C ARG B 364 24.19 -11.31 14.05
N ARG B 365 24.54 -10.37 14.92
CA ARG B 365 25.07 -9.09 14.45
C ARG B 365 26.36 -9.28 13.67
N ALA B 366 27.25 -10.13 14.15
CA ALA B 366 28.52 -10.36 13.45
C ALA B 366 28.27 -11.01 12.09
N MET B 367 27.32 -11.94 12.02
CA MET B 367 27.06 -12.65 10.77
C MET B 367 26.60 -11.69 9.68
N LYS B 368 25.73 -10.74 10.04
CA LYS B 368 25.23 -9.80 9.04
C LYS B 368 26.35 -8.96 8.45
N ARG B 369 27.29 -8.51 9.29
CA ARG B 369 28.40 -7.71 8.79
C ARG B 369 29.26 -8.51 7.81
N ASP B 370 29.53 -9.78 8.12
CA ASP B 370 30.36 -10.59 7.25
C ASP B 370 29.72 -10.78 5.88
N TYR B 371 28.41 -11.01 5.85
CA TYR B 371 27.74 -11.25 4.58
C TYR B 371 27.84 -10.04 3.66
N GLU B 372 27.67 -8.84 4.21
CA GLU B 372 27.76 -7.63 3.40
C GLU B 372 29.14 -7.49 2.76
N GLU B 373 30.19 -7.77 3.51
CA GLU B 373 31.54 -7.68 2.95
C GLU B 373 31.75 -8.67 1.82
N TYR B 374 31.23 -9.89 1.99
CA TYR B 374 31.36 -10.89 0.93
C TYR B 374 30.64 -10.45 -0.34
N LYS B 375 29.48 -9.81 -0.20
CA LYS B 375 28.73 -9.36 -1.37
C LYS B 375 29.55 -8.35 -2.16
N VAL B 376 30.24 -7.43 -1.47
CA VAL B 376 31.04 -6.42 -2.17
C VAL B 376 32.16 -7.08 -2.97
N ARG B 377 32.82 -8.09 -2.38
CA ARG B 377 33.93 -8.73 -3.07
C ARG B 377 33.47 -9.39 -4.36
N VAL B 378 32.32 -10.06 -4.34
CA VAL B 378 31.80 -10.71 -5.54
C VAL B 378 31.49 -9.67 -6.61
N ASN B 379 30.94 -8.53 -6.20
CA ASN B 379 30.60 -7.49 -7.16
C ASN B 379 31.83 -6.99 -7.91
N ALA B 380 32.94 -6.82 -7.19
CA ALA B 380 34.16 -6.33 -7.84
C ALA B 380 34.63 -7.28 -8.92
N LEU B 381 34.59 -8.60 -8.65
CA LEU B 381 35.03 -9.57 -9.64
C LEU B 381 34.16 -9.52 -10.89
N VAL B 382 32.85 -9.41 -10.71
CA VAL B 382 31.94 -9.42 -11.85
C VAL B 382 32.21 -8.22 -12.75
N ALA B 383 32.37 -7.03 -12.15
CA ALA B 383 32.58 -5.83 -12.94
C ALA B 383 33.96 -5.77 -13.58
N LYS B 384 34.95 -6.44 -12.98
CA LYS B 384 36.30 -6.37 -13.53
C LYS B 384 36.40 -7.10 -14.87
N ALA B 385 35.67 -8.19 -15.03
CA ALA B 385 35.75 -9.02 -16.23
C ALA B 385 34.90 -8.48 -17.38
N GLN B 386 34.47 -7.22 -17.31
CA GLN B 386 33.65 -6.67 -18.40
C GLN B 386 34.42 -6.62 -19.71
N LYS B 387 35.68 -6.20 -19.66
CA LYS B 387 36.54 -6.08 -20.84
C LYS B 387 37.68 -7.09 -20.73
N THR B 388 37.77 -7.98 -21.71
CA THR B 388 38.80 -9.01 -21.70
C THR B 388 40.11 -8.47 -22.24
N PRO B 389 41.24 -9.03 -21.80
CA PRO B 389 42.54 -8.61 -22.36
C PRO B 389 42.70 -9.08 -23.79
N ASP B 390 43.52 -8.34 -24.54
CA ASP B 390 43.75 -8.68 -25.94
C ASP B 390 44.43 -10.04 -26.07
N GLU B 391 45.45 -10.30 -25.25
CA GLU B 391 46.18 -11.56 -25.37
C GLU B 391 45.36 -12.74 -24.89
N GLY B 392 44.59 -12.56 -23.82
CA GLY B 392 43.79 -13.63 -23.26
C GLY B 392 43.89 -13.71 -21.75
N TRP B 393 42.95 -14.41 -21.12
CA TRP B 393 42.94 -14.53 -19.67
C TRP B 393 44.12 -15.35 -19.19
N THR B 394 44.62 -14.99 -18.00
CA THR B 394 45.72 -15.69 -17.36
C THR B 394 45.36 -15.99 -15.92
N MET B 395 45.82 -17.13 -15.42
CA MET B 395 45.52 -17.56 -14.07
C MET B 395 46.53 -16.96 -13.09
N GLN B 396 46.19 -17.06 -11.79
CA GLN B 396 47.03 -16.47 -10.75
C GLN B 396 48.40 -17.15 -10.71
N ASP B 397 48.44 -18.47 -10.85
CA ASP B 397 49.72 -19.18 -10.75
C ASP B 397 50.72 -18.69 -11.78
N GLY B 398 50.25 -18.26 -12.94
CA GLY B 398 51.13 -17.77 -13.99
C GLY B 398 51.07 -18.63 -15.24
N THR B 399 49.92 -19.24 -15.50
CA THR B 399 49.71 -20.05 -16.69
C THR B 399 48.40 -19.64 -17.35
N PRO B 400 48.31 -19.80 -18.67
CA PRO B 400 47.10 -19.36 -19.37
C PRO B 400 45.89 -20.19 -19.00
N TRP B 401 44.73 -19.57 -19.06
CA TRP B 401 43.47 -20.29 -18.84
C TRP B 401 43.27 -21.29 -19.95
N PRO B 402 43.04 -22.58 -19.64
CA PRO B 402 42.99 -23.58 -20.73
C PRO B 402 41.97 -23.25 -21.80
N GLY B 403 40.80 -22.74 -21.43
CA GLY B 403 39.78 -22.41 -22.41
C GLY B 403 39.84 -20.97 -22.87
N ASN B 404 40.48 -20.72 -24.00
CA ASN B 404 40.56 -19.38 -24.56
C ASN B 404 39.58 -19.14 -25.70
N ASN B 405 39.12 -20.20 -26.36
CA ASN B 405 38.13 -20.10 -27.42
C ASN B 405 36.85 -20.79 -26.96
N THR B 406 35.72 -20.10 -27.10
CA THR B 406 34.46 -20.67 -26.65
C THR B 406 34.10 -21.94 -27.41
N ARG B 407 34.55 -22.07 -28.64
CA ARG B 407 34.24 -23.22 -29.48
C ARG B 407 35.34 -24.28 -29.46
N ASP B 408 36.38 -24.11 -28.66
CA ASP B 408 37.49 -25.07 -28.60
C ASP B 408 38.14 -24.97 -27.23
N HIS B 409 37.89 -25.96 -26.38
CA HIS B 409 38.50 -26.00 -25.06
C HIS B 409 38.50 -27.43 -24.52
N PRO B 410 39.66 -27.97 -24.15
CA PRO B 410 39.68 -29.32 -23.56
C PRO B 410 38.94 -29.37 -22.23
N GLY B 411 38.42 -30.55 -21.91
CA GLY B 411 37.70 -30.72 -20.67
C GLY B 411 38.59 -30.57 -19.46
N MET B 412 37.96 -30.18 -18.35
CA MET B 412 38.67 -29.95 -17.09
C MET B 412 37.83 -30.47 -15.93
N ILE B 413 38.52 -30.87 -14.86
CA ILE B 413 37.87 -31.39 -13.66
C ILE B 413 38.68 -30.94 -12.46
N GLN B 414 37.98 -30.64 -11.36
CA GLN B 414 38.64 -30.24 -10.13
C GLN B 414 37.70 -30.54 -8.96
N VAL B 415 38.29 -30.59 -7.76
CA VAL B 415 37.56 -30.91 -6.54
C VAL B 415 37.87 -29.83 -5.52
N PHE B 416 36.84 -29.31 -4.85
CA PHE B 416 36.97 -28.29 -3.84
C PHE B 416 36.20 -28.68 -2.59
N LEU B 417 36.71 -28.24 -1.44
CA LEU B 417 36.04 -28.45 -0.15
C LEU B 417 35.80 -29.94 0.10
N GLY B 418 36.75 -30.78 -0.31
CA GLY B 418 36.64 -32.20 -0.13
C GLY B 418 36.96 -32.63 1.28
N ASN B 419 36.84 -33.94 1.52
CA ASN B 419 37.14 -34.48 2.84
C ASN B 419 38.61 -34.28 3.19
N THR B 420 39.50 -34.37 2.20
CA THR B 420 40.92 -34.10 2.37
C THR B 420 41.18 -32.69 1.87
N GLY B 421 40.99 -31.71 2.74
CA GLY B 421 41.20 -30.32 2.37
C GLY B 421 40.74 -29.34 3.43
N ALA B 422 40.02 -28.30 3.02
CA ALA B 422 39.56 -27.29 3.96
C ALA B 422 38.61 -27.90 4.98
N ARG B 423 38.68 -27.40 6.21
CA ARG B 423 37.84 -27.87 7.30
C ARG B 423 37.18 -26.68 7.98
N ASP B 424 36.07 -26.94 8.65
CA ASP B 424 35.33 -25.89 9.33
C ASP B 424 36.20 -25.26 10.42
N ILE B 425 35.76 -24.10 10.90
CA ILE B 425 36.51 -23.40 11.94
C ILE B 425 36.60 -24.25 13.20
N GLU B 426 35.47 -24.88 13.59
CA GLU B 426 35.49 -25.72 14.78
C GLU B 426 36.44 -26.90 14.61
N GLY B 427 36.45 -27.52 13.43
CA GLY B 427 37.32 -28.64 13.16
C GLY B 427 36.61 -29.80 12.47
N ASN B 428 35.35 -29.62 12.13
CA ASN B 428 34.58 -30.65 11.46
C ASN B 428 34.75 -30.56 9.95
N GLU B 429 34.21 -31.55 9.24
CA GLU B 429 34.29 -31.63 7.80
C GLU B 429 33.01 -31.09 7.17
N LEU B 430 33.06 -30.89 5.85
CA LEU B 430 31.96 -30.36 5.08
C LEU B 430 31.79 -31.18 3.81
N PRO B 431 30.60 -31.13 3.19
CA PRO B 431 30.38 -31.91 1.96
C PRO B 431 31.34 -31.49 0.86
N ARG B 432 31.74 -32.47 0.05
CA ARG B 432 32.66 -32.21 -1.04
C ARG B 432 31.95 -31.50 -2.19
N LEU B 433 32.74 -30.77 -2.98
CA LEU B 433 32.25 -30.05 -4.15
C LEU B 433 33.13 -30.38 -5.35
N VAL B 434 32.50 -30.61 -6.50
CA VAL B 434 33.19 -31.00 -7.72
C VAL B 434 32.80 -30.06 -8.84
N TYR B 435 33.70 -29.64 -9.72
CA TYR B 435 33.44 -28.68 -10.83
C TYR B 435 33.78 -29.31 -12.18
N VAL B 436 32.84 -29.53 -13.11
CA VAL B 436 33.11 -30.27 -14.38
C VAL B 436 32.80 -29.36 -15.55
N SER B 437 33.61 -29.34 -16.61
CA SER B 437 33.33 -28.60 -17.88
C SER B 437 33.65 -29.55 -19.01
N ARG B 438 32.78 -29.73 -19.98
CA ARG B 438 32.95 -30.73 -21.03
C ARG B 438 33.98 -30.23 -22.03
N GLU B 439 34.27 -30.98 -23.08
CA GLU B 439 35.20 -30.70 -24.16
C GLU B 439 34.42 -30.48 -25.45
N LYS B 440 34.77 -29.42 -26.16
CA LYS B 440 34.10 -29.06 -27.41
C LYS B 440 35.12 -28.87 -28.51
N ARG B 441 34.81 -29.39 -29.70
CA ARG B 441 35.66 -29.25 -30.87
C ARG B 441 34.79 -28.92 -32.07
N PRO B 442 35.33 -28.22 -33.06
CA PRO B 442 34.52 -27.88 -34.24
C PRO B 442 34.21 -29.11 -35.08
N GLY B 443 33.10 -29.03 -35.81
CA GLY B 443 32.69 -30.10 -36.70
C GLY B 443 31.79 -31.15 -36.08
N TYR B 444 31.25 -30.90 -34.88
CA TYR B 444 30.37 -31.84 -34.21
C TYR B 444 29.17 -31.12 -33.65
N GLN B 445 28.07 -31.85 -33.49
CA GLN B 445 26.82 -31.32 -32.97
C GLN B 445 26.65 -31.72 -31.51
N HIS B 446 26.39 -30.74 -30.66
CA HIS B 446 26.20 -30.96 -29.23
C HIS B 446 24.83 -30.47 -28.81
N HIS B 447 24.17 -31.23 -27.96
CA HIS B 447 22.83 -30.89 -27.51
C HIS B 447 22.89 -29.82 -26.42
N LYS B 448 21.73 -29.43 -25.90
CA LYS B 448 21.64 -28.32 -24.95
C LYS B 448 21.75 -28.82 -23.51
N LYS B 449 20.84 -29.68 -23.08
CA LYS B 449 20.82 -30.21 -21.73
C LYS B 449 20.89 -31.73 -21.66
N ALA B 450 20.30 -32.44 -22.62
CA ALA B 450 20.34 -33.90 -22.57
C ALA B 450 21.78 -34.40 -22.60
N GLY B 451 22.61 -33.83 -23.46
CA GLY B 451 24.01 -34.21 -23.47
C GLY B 451 24.74 -33.84 -22.20
N ALA B 452 24.46 -32.64 -21.66
CA ALA B 452 25.11 -32.20 -20.44
C ALA B 452 24.75 -33.11 -19.26
N GLU B 453 23.46 -33.45 -19.14
CA GLU B 453 23.04 -34.30 -18.03
C GLU B 453 23.66 -35.69 -18.12
N ASN B 454 23.70 -36.26 -19.32
CA ASN B 454 24.27 -37.59 -19.48
C ASN B 454 25.76 -37.60 -19.12
N ALA B 455 26.46 -36.50 -19.36
CA ALA B 455 27.88 -36.45 -19.02
C ALA B 455 28.10 -36.58 -17.52
N LEU B 456 27.26 -35.91 -16.72
CA LEU B 456 27.43 -35.95 -15.27
C LEU B 456 27.13 -37.32 -14.69
N VAL B 457 26.30 -38.13 -15.36
CA VAL B 457 26.00 -39.47 -14.87
C VAL B 457 27.19 -40.41 -15.04
N ARG B 458 28.05 -40.17 -16.04
CA ARG B 458 29.24 -40.98 -16.23
C ARG B 458 30.40 -40.53 -15.37
N VAL B 459 30.53 -39.22 -15.12
CA VAL B 459 31.59 -38.72 -14.25
C VAL B 459 31.33 -39.16 -12.81
N SER B 460 30.08 -39.08 -12.36
CA SER B 460 29.77 -39.45 -10.98
C SER B 460 30.04 -40.92 -10.72
N ALA B 461 29.73 -41.78 -11.69
CA ALA B 461 29.92 -43.21 -11.48
C ALA B 461 31.38 -43.54 -11.20
N VAL B 462 32.30 -42.93 -11.97
CA VAL B 462 33.72 -43.19 -11.75
C VAL B 462 34.18 -42.61 -10.42
N LEU B 463 33.73 -41.40 -10.09
CA LEU B 463 34.25 -40.72 -8.91
C LEU B 463 33.60 -41.23 -7.64
N THR B 464 32.28 -41.07 -7.50
CA THR B 464 31.55 -41.47 -6.30
C THR B 464 30.20 -42.02 -6.72
N ASN B 465 30.09 -43.34 -6.73
CA ASN B 465 28.83 -43.98 -7.07
C ASN B 465 27.80 -43.74 -5.96
N ALA B 466 26.56 -43.45 -6.36
CA ALA B 466 25.46 -43.24 -5.43
C ALA B 466 24.23 -43.95 -5.97
N PRO B 467 23.29 -44.31 -5.08
CA PRO B 467 22.08 -45.00 -5.53
C PRO B 467 20.94 -44.08 -5.96
N TYR B 468 21.04 -42.78 -5.70
CA TYR B 468 20.00 -41.83 -6.07
C TYR B 468 20.62 -40.59 -6.66
N ILE B 469 19.87 -39.92 -7.53
CA ILE B 469 20.32 -38.72 -8.24
C ILE B 469 19.23 -37.65 -8.10
N LEU B 470 19.65 -36.44 -7.75
CA LEU B 470 18.74 -35.31 -7.61
C LEU B 470 19.14 -34.23 -8.61
N ASN B 471 18.16 -33.70 -9.33
CA ASN B 471 18.37 -32.70 -10.35
C ASN B 471 17.72 -31.38 -9.95
N LEU B 472 18.42 -30.28 -10.20
CA LEU B 472 17.91 -28.95 -9.88
C LEU B 472 18.42 -27.95 -10.90
N ASP B 473 17.71 -26.83 -11.00
CA ASP B 473 18.10 -25.75 -11.90
C ASP B 473 18.96 -24.73 -11.14
N CYS B 474 19.47 -23.75 -11.88
CA CYS B 474 20.32 -22.72 -11.28
C CYS B 474 19.52 -21.60 -10.62
N ASP B 475 18.19 -21.59 -10.78
CA ASP B 475 17.35 -20.56 -10.20
C ASP B 475 16.62 -21.03 -8.94
N HIS B 476 16.15 -22.27 -8.92
CA HIS B 476 15.43 -22.78 -7.77
C HIS B 476 16.39 -23.12 -6.64
N TYR B 477 15.91 -22.94 -5.40
CA TYR B 477 16.68 -23.22 -4.20
C TYR B 477 15.83 -24.02 -3.22
N VAL B 478 16.49 -24.55 -2.20
CA VAL B 478 15.84 -25.39 -1.21
C VAL B 478 15.30 -24.51 -0.09
N ASN B 479 14.03 -24.74 0.29
CA ASN B 479 13.38 -23.97 1.33
C ASN B 479 13.20 -24.74 2.63
N ASN B 480 13.23 -26.06 2.60
CA ASN B 480 13.07 -26.89 3.78
C ASN B 480 14.31 -27.75 3.98
N SER B 481 14.81 -27.79 5.21
CA SER B 481 16.01 -28.56 5.52
C SER B 481 15.72 -30.05 5.71
N LYS B 482 14.46 -30.44 5.88
CA LYS B 482 14.07 -31.82 6.08
C LYS B 482 13.54 -32.47 4.80
N ALA B 483 13.72 -31.83 3.65
CA ALA B 483 13.18 -32.37 2.41
C ALA B 483 13.81 -33.72 2.08
N VAL B 484 15.12 -33.86 2.32
CA VAL B 484 15.80 -35.11 1.97
C VAL B 484 15.20 -36.27 2.76
N ARG B 485 14.98 -36.07 4.06
CA ARG B 485 14.40 -37.13 4.88
C ARG B 485 12.99 -37.50 4.41
N GLU B 486 12.18 -36.50 4.10
CA GLU B 486 10.81 -36.77 3.66
C GLU B 486 10.81 -37.58 2.38
N ALA B 487 11.62 -37.16 1.39
CA ALA B 487 11.68 -37.89 0.13
C ALA B 487 12.26 -39.28 0.33
N MET B 488 13.29 -39.40 1.17
CA MET B 488 13.97 -40.68 1.37
C MET B 488 13.15 -41.67 2.19
N CYS B 489 12.17 -41.19 2.98
CA CYS B 489 11.38 -42.09 3.81
C CYS B 489 10.41 -42.94 3.00
N ILE B 490 10.23 -42.64 1.72
CA ILE B 490 9.31 -43.41 0.86
C ILE B 490 10.13 -44.37 0.00
N LEU B 491 11.40 -44.03 -0.25
CA LEU B 491 12.22 -44.85 -1.13
C LEU B 491 12.85 -46.04 -0.40
N MET B 492 13.16 -45.89 0.88
CA MET B 492 13.77 -46.98 1.64
C MET B 492 12.76 -47.87 2.34
N ASP B 493 11.47 -47.63 2.16
CA ASP B 493 10.46 -48.52 2.75
C ASP B 493 10.52 -49.86 2.04
N PRO B 494 10.78 -50.97 2.74
CA PRO B 494 10.99 -52.24 2.02
C PRO B 494 9.79 -52.69 1.20
N GLN B 495 8.57 -52.37 1.62
CA GLN B 495 7.38 -52.88 0.93
C GLN B 495 6.96 -52.01 -0.24
N VAL B 496 6.65 -50.73 0.03
CA VAL B 496 6.11 -49.87 -1.02
C VAL B 496 7.20 -49.43 -1.99
N GLY B 497 8.44 -49.33 -1.51
CA GLY B 497 9.53 -48.80 -2.32
C GLY B 497 10.20 -49.79 -3.24
N ARG B 498 9.63 -50.99 -3.42
CA ARG B 498 10.25 -51.98 -4.28
C ARG B 498 10.33 -51.50 -5.72
N ASP B 499 9.25 -50.89 -6.22
CA ASP B 499 9.16 -50.44 -7.62
C ASP B 499 8.78 -48.95 -7.60
N VAL B 500 9.79 -48.09 -7.57
CA VAL B 500 9.58 -46.64 -7.63
C VAL B 500 10.73 -46.04 -8.42
N CYS B 501 10.41 -45.36 -9.52
CA CYS B 501 11.45 -44.77 -10.37
C CYS B 501 11.90 -43.42 -9.83
N TYR B 502 10.97 -42.55 -9.49
CA TYR B 502 11.32 -41.24 -8.96
C TYR B 502 10.13 -40.67 -8.21
N VAL B 503 10.42 -39.64 -7.41
CA VAL B 503 9.41 -38.93 -6.61
C VAL B 503 9.35 -37.50 -7.10
N GLN B 504 8.15 -37.03 -7.44
CA GLN B 504 7.94 -35.69 -7.97
C GLN B 504 7.52 -34.74 -6.85
N PHE B 505 7.99 -33.50 -6.94
CA PHE B 505 7.64 -32.45 -6.01
C PHE B 505 7.03 -31.27 -6.74
N PRO B 506 5.98 -30.65 -6.20
CA PRO B 506 5.42 -29.46 -6.86
C PRO B 506 6.40 -28.30 -6.83
N GLN B 507 6.32 -27.48 -7.87
CA GLN B 507 7.18 -26.30 -8.00
C GLN B 507 6.34 -25.06 -7.74
N ARG B 508 6.85 -24.18 -6.86
CA ARG B 508 6.14 -22.97 -6.47
C ARG B 508 7.04 -21.77 -6.74
N PHE B 509 6.40 -20.63 -6.99
CA PHE B 509 7.09 -19.39 -7.33
C PHE B 509 6.76 -18.31 -6.32
N ASP B 510 7.73 -17.45 -6.06
CA ASP B 510 7.59 -16.32 -5.15
C ASP B 510 7.75 -15.01 -5.92
N GLY B 511 7.71 -13.90 -5.20
CA GLY B 511 7.84 -12.60 -5.84
C GLY B 511 6.76 -12.33 -6.85
N ILE B 512 5.51 -12.69 -6.53
CA ILE B 512 4.38 -12.54 -7.43
C ILE B 512 3.30 -11.74 -6.70
N ASP B 513 2.75 -10.74 -7.40
CA ASP B 513 1.73 -9.89 -6.80
C ASP B 513 0.52 -10.72 -6.40
N ARG B 514 -0.28 -10.16 -5.48
CA ARG B 514 -1.47 -10.85 -5.00
C ARG B 514 -2.41 -11.20 -6.15
N SER B 515 -2.47 -10.36 -7.18
CA SER B 515 -3.31 -10.60 -8.34
C SER B 515 -2.44 -11.18 -9.46
N ASP B 516 -2.58 -12.48 -9.71
CA ASP B 516 -1.84 -13.16 -10.77
C ASP B 516 -2.53 -12.85 -12.09
N ARG B 517 -2.17 -11.70 -12.67
CA ARG B 517 -2.83 -11.26 -13.90
C ARG B 517 -2.56 -12.23 -15.04
N TYR B 518 -1.33 -12.73 -15.16
CA TYR B 518 -0.93 -13.57 -16.27
C TYR B 518 -0.92 -15.05 -15.90
N ALA B 519 -1.51 -15.42 -14.76
CA ALA B 519 -1.61 -16.82 -14.34
C ALA B 519 -0.23 -17.48 -14.29
N ASN B 520 0.76 -16.74 -13.78
CA ASN B 520 2.11 -17.29 -13.68
C ASN B 520 2.17 -18.44 -12.68
N ARG B 521 1.31 -18.43 -11.66
CA ARG B 521 1.35 -19.48 -10.65
C ARG B 521 1.06 -20.84 -11.27
N ASN B 522 0.06 -20.92 -12.14
CA ASN B 522 -0.32 -22.18 -12.79
C ASN B 522 -0.65 -23.23 -11.74
N ILE B 523 -1.59 -22.90 -10.85
CA ILE B 523 -1.90 -23.78 -9.74
C ILE B 523 -2.90 -24.86 -10.16
N VAL B 524 -3.83 -24.53 -11.05
CA VAL B 524 -4.92 -25.45 -11.37
C VAL B 524 -4.38 -26.79 -11.83
N PHE B 525 -3.35 -26.78 -12.67
CA PHE B 525 -2.75 -28.02 -13.12
C PHE B 525 -2.15 -28.81 -11.96
N PHE B 526 -1.50 -28.11 -11.02
CA PHE B 526 -0.76 -28.79 -9.96
C PHE B 526 -1.69 -29.39 -8.90
N ASP B 527 -2.74 -28.67 -8.50
CA ASP B 527 -3.59 -29.12 -7.41
C ASP B 527 -4.87 -29.81 -7.88
N VAL B 528 -5.07 -29.94 -9.19
CA VAL B 528 -6.26 -30.61 -9.70
C VAL B 528 -5.85 -31.76 -10.62
N ASN B 529 -5.15 -31.42 -11.71
CA ASN B 529 -4.78 -32.43 -12.70
C ASN B 529 -3.76 -33.41 -12.14
N MET B 530 -2.72 -32.89 -11.50
CA MET B 530 -1.64 -33.75 -11.02
C MET B 530 -2.15 -34.74 -9.98
N LYS B 531 -2.99 -34.28 -9.05
CA LYS B 531 -3.52 -35.17 -8.02
C LYS B 531 -4.39 -36.26 -8.64
N GLY B 532 -5.20 -35.89 -9.63
CA GLY B 532 -6.06 -36.88 -10.26
C GLY B 532 -5.29 -37.98 -10.97
N LEU B 533 -4.12 -37.65 -11.50
CA LEU B 533 -3.29 -38.60 -12.24
C LEU B 533 -2.39 -39.42 -11.32
N ASP B 534 -2.43 -39.18 -10.01
CA ASP B 534 -1.61 -39.91 -9.06
C ASP B 534 -2.25 -41.24 -8.64
N GLY B 535 -3.46 -41.52 -9.11
CA GLY B 535 -4.17 -42.73 -8.69
C GLY B 535 -4.02 -43.89 -9.64
N ILE B 536 -3.43 -43.66 -10.82
CA ILE B 536 -3.30 -44.72 -11.81
C ILE B 536 -1.89 -45.30 -11.75
N GLN B 537 -0.90 -44.50 -12.16
CA GLN B 537 0.50 -44.89 -12.00
C GLN B 537 1.28 -43.85 -11.20
N GLY B 538 1.13 -42.59 -11.58
CA GLY B 538 1.84 -41.52 -10.90
C GLY B 538 1.94 -40.26 -11.74
N PRO B 539 2.58 -39.22 -11.19
CA PRO B 539 2.68 -37.95 -11.91
C PRO B 539 3.62 -37.99 -13.10
N MET B 540 3.82 -36.85 -13.75
CA MET B 540 4.69 -36.72 -14.90
C MET B 540 5.91 -35.89 -14.54
N TYR B 541 6.99 -36.08 -15.30
CA TYR B 541 8.22 -35.33 -15.08
C TYR B 541 8.06 -33.90 -15.57
N VAL B 542 8.47 -32.94 -14.75
CA VAL B 542 8.39 -31.53 -15.10
C VAL B 542 9.75 -30.91 -15.40
N GLY B 543 10.82 -31.39 -14.78
CA GLY B 543 12.15 -30.91 -15.10
C GLY B 543 13.03 -30.66 -13.88
N THR B 544 12.43 -30.24 -12.77
CA THR B 544 13.19 -29.91 -11.58
C THR B 544 12.53 -30.55 -10.35
N GLY B 545 13.35 -30.84 -9.35
CA GLY B 545 12.86 -31.39 -8.10
C GLY B 545 12.42 -32.83 -8.21
N CYS B 546 13.37 -33.72 -8.51
CA CYS B 546 13.06 -35.14 -8.63
C CYS B 546 14.27 -35.95 -8.19
N VAL B 547 14.01 -37.09 -7.56
CA VAL B 547 15.04 -38.04 -7.14
C VAL B 547 14.94 -39.27 -8.04
N PHE B 548 15.99 -39.53 -8.80
CA PHE B 548 15.98 -40.59 -9.80
C PHE B 548 16.81 -41.77 -9.32
N ASN B 549 16.26 -42.97 -9.48
CA ASN B 549 17.02 -44.18 -9.16
C ASN B 549 18.09 -44.41 -10.21
N ARG B 550 19.30 -44.73 -9.77
CA ARG B 550 20.41 -44.92 -10.69
C ARG B 550 20.15 -46.09 -11.64
N GLN B 551 19.61 -47.20 -11.11
CA GLN B 551 19.37 -48.37 -11.96
C GLN B 551 18.31 -48.07 -13.01
N ALA B 552 17.30 -47.26 -12.66
CA ALA B 552 16.24 -46.95 -13.61
C ALA B 552 16.78 -46.22 -14.83
N LEU B 553 17.74 -45.31 -14.63
CA LEU B 553 18.27 -44.54 -15.74
C LEU B 553 18.96 -45.44 -16.76
N TYR B 554 19.70 -46.45 -16.28
CA TYR B 554 20.38 -47.36 -17.20
C TYR B 554 19.41 -48.12 -18.09
N GLY B 555 18.14 -48.21 -17.71
CA GLY B 555 17.16 -48.90 -18.53
C GLY B 555 17.22 -50.40 -18.38
N TYR B 556 17.01 -50.89 -17.14
CA TYR B 556 17.03 -52.32 -16.85
C TYR B 556 15.63 -52.90 -16.73
N GLY B 557 14.77 -52.28 -15.93
CA GLY B 557 13.42 -52.74 -15.73
C GLY B 557 13.11 -52.98 -14.27
N PRO B 558 11.82 -52.94 -13.91
CA PRO B 558 11.45 -53.13 -12.51
C PRO B 558 11.80 -54.52 -12.03
N PRO B 559 12.12 -54.68 -10.75
CA PRO B 559 12.43 -56.02 -10.24
C PRO B 559 11.16 -56.84 -10.05
N SER B 560 11.36 -58.12 -9.76
CA SER B 560 10.26 -59.07 -9.55
C SER B 560 9.49 -59.34 -10.85
N MET B 561 10.17 -59.28 -11.99
CA MET B 561 9.56 -59.55 -13.28
C MET B 561 10.41 -60.55 -14.05
N PRO B 562 9.80 -61.32 -14.95
CA PRO B 562 10.57 -62.33 -15.70
C PRO B 562 11.59 -61.72 -16.64
N SER B 623 27.10 -60.71 -22.47
CA SER B 623 28.52 -60.93 -22.72
C SER B 623 29.27 -59.60 -22.74
N GLN B 624 30.60 -59.68 -22.84
CA GLN B 624 31.41 -58.46 -22.85
C GLN B 624 31.08 -57.59 -24.06
N LEU B 625 30.85 -58.22 -25.22
CA LEU B 625 30.54 -57.46 -26.43
C LEU B 625 29.23 -56.69 -26.25
N SER B 626 28.21 -57.34 -25.70
CA SER B 626 26.93 -56.68 -25.52
C SER B 626 27.06 -55.48 -24.59
N PHE B 627 27.79 -55.63 -23.49
CA PHE B 627 28.00 -54.50 -22.58
C PHE B 627 28.80 -53.40 -23.25
N GLU B 628 29.84 -53.77 -24.01
CA GLU B 628 30.67 -52.77 -24.66
C GLU B 628 29.87 -51.95 -25.66
N LYS B 629 29.05 -52.62 -26.47
CA LYS B 629 28.25 -51.92 -27.47
C LYS B 629 27.06 -51.13 -26.89
N THR B 630 26.59 -51.51 -25.70
CA THR B 630 25.44 -50.84 -25.10
C THR B 630 25.83 -49.64 -24.23
N PHE B 631 27.02 -49.66 -23.64
CA PHE B 631 27.46 -48.61 -22.73
C PHE B 631 28.63 -47.80 -23.31
N GLY B 632 29.71 -48.46 -23.69
CA GLY B 632 30.86 -47.76 -24.22
C GLY B 632 32.09 -48.65 -24.18
N LEU B 633 33.24 -48.00 -24.43
CA LEU B 633 34.52 -48.70 -24.46
C LEU B 633 35.27 -48.65 -23.13
N SER B 634 34.95 -47.72 -22.26
CA SER B 634 35.67 -47.60 -21.00
C SER B 634 35.39 -48.83 -20.13
N PRO B 635 36.42 -49.53 -19.64
CA PRO B 635 36.17 -50.71 -18.81
C PRO B 635 35.79 -50.38 -17.38
N VAL B 636 36.30 -49.26 -16.86
CA VAL B 636 36.02 -48.88 -15.48
C VAL B 636 34.53 -48.62 -15.30
N PHE B 637 33.93 -47.89 -16.24
CA PHE B 637 32.49 -47.61 -16.14
C PHE B 637 31.67 -48.90 -16.25
N ILE B 638 32.08 -49.81 -17.12
CA ILE B 638 31.33 -51.06 -17.30
C ILE B 638 31.33 -51.85 -16.01
N GLU B 639 32.47 -51.97 -15.34
CA GLU B 639 32.55 -52.75 -14.11
C GLU B 639 31.89 -52.06 -12.94
N SER B 640 31.79 -50.73 -12.97
CA SER B 640 31.22 -50.00 -11.83
C SER B 640 29.76 -50.39 -11.59
N THR B 641 28.98 -50.53 -12.66
CA THR B 641 27.56 -50.80 -12.51
C THR B 641 27.28 -52.15 -11.86
N LEU B 642 28.26 -53.06 -11.85
CA LEU B 642 28.05 -54.38 -11.27
C LEU B 642 27.88 -54.33 -9.76
N MET B 643 28.29 -53.25 -9.11
CA MET B 643 28.16 -53.15 -7.66
C MET B 643 26.71 -53.20 -7.25
N GLU B 644 26.40 -54.03 -6.24
CA GLU B 644 25.03 -54.17 -5.79
C GLU B 644 24.52 -52.89 -5.14
N ASN B 645 25.37 -52.20 -4.37
CA ASN B 645 25.01 -50.98 -3.67
C ASN B 645 25.70 -49.76 -4.24
N GLY B 646 27.02 -49.77 -4.30
CA GLY B 646 27.79 -48.65 -4.82
C GLY B 646 29.05 -48.42 -4.00
N GLY B 647 30.06 -47.84 -4.64
CA GLY B 647 31.33 -47.55 -4.00
C GLY B 647 32.49 -48.03 -4.83
N VAL B 648 33.68 -47.63 -4.38
CA VAL B 648 34.91 -48.02 -5.09
C VAL B 648 35.14 -49.51 -4.87
N PRO B 649 35.32 -50.31 -5.94
CA PRO B 649 35.44 -51.76 -5.75
C PRO B 649 36.74 -52.18 -5.08
N GLU B 650 37.86 -51.65 -5.55
CA GLU B 650 39.19 -52.05 -5.07
C GLU B 650 40.00 -50.89 -4.52
N SER B 651 39.35 -49.78 -4.16
CA SER B 651 39.98 -48.61 -3.54
C SER B 651 41.36 -48.27 -4.10
N ALA B 652 41.38 -47.97 -5.39
CA ALA B 652 42.61 -47.59 -6.07
C ALA B 652 43.07 -46.17 -5.71
N ASN B 653 44.23 -45.79 -6.22
CA ASN B 653 44.78 -44.47 -5.93
C ASN B 653 43.94 -43.38 -6.59
N SER B 654 43.99 -42.19 -6.00
CA SER B 654 43.18 -41.08 -6.52
C SER B 654 43.63 -40.66 -7.91
N SER B 655 44.93 -40.70 -8.17
CA SER B 655 45.44 -40.20 -9.44
C SER B 655 44.86 -40.97 -10.61
N THR B 656 44.78 -42.29 -10.50
CA THR B 656 44.25 -43.09 -11.60
C THR B 656 42.79 -42.75 -11.87
N LEU B 657 42.00 -42.55 -10.81
CA LEU B 657 40.59 -42.23 -10.99
C LEU B 657 40.41 -40.92 -11.76
N ILE B 658 41.23 -39.92 -11.44
CA ILE B 658 41.14 -38.63 -12.13
C ILE B 658 41.45 -38.82 -13.61
N LYS B 659 42.49 -39.59 -13.93
CA LYS B 659 42.84 -39.84 -15.32
C LYS B 659 41.72 -40.55 -16.06
N GLU B 660 40.95 -41.40 -15.36
CA GLU B 660 39.83 -42.07 -15.99
C GLU B 660 38.65 -41.12 -16.19
N ALA B 661 38.37 -40.27 -15.20
CA ALA B 661 37.23 -39.37 -15.30
C ALA B 661 37.38 -38.40 -16.46
N ILE B 662 38.57 -37.85 -16.64
CA ILE B 662 38.79 -36.90 -17.75
C ILE B 662 38.63 -37.60 -19.09
N HIS B 663 39.03 -38.86 -19.19
CA HIS B 663 38.99 -39.58 -20.46
C HIS B 663 37.59 -40.03 -20.84
N VAL B 664 36.66 -40.10 -19.88
CA VAL B 664 35.34 -40.68 -20.14
C VAL B 664 34.34 -39.61 -20.54
N ILE B 665 34.83 -38.40 -20.82
CA ILE B 665 33.96 -37.32 -21.28
C ILE B 665 34.48 -36.81 -22.62
N GLY B 666 35.06 -37.70 -23.41
CA GLY B 666 35.56 -37.32 -24.71
C GLY B 666 34.45 -36.86 -25.64
N CYS B 667 34.85 -36.08 -26.65
CA CYS B 667 33.88 -35.52 -27.58
C CYS B 667 33.15 -36.61 -28.35
N GLY B 668 33.88 -37.62 -28.81
CA GLY B 668 33.28 -38.68 -29.61
C GLY B 668 33.11 -39.99 -28.86
N PHE B 669 32.73 -39.90 -27.57
CA PHE B 669 32.54 -41.11 -26.79
C PHE B 669 31.26 -41.83 -27.17
N GLU B 670 30.18 -41.09 -27.41
CA GLU B 670 28.88 -41.68 -27.73
C GLU B 670 28.70 -41.81 -29.24
N GLU B 671 29.56 -42.64 -29.83
CA GLU B 671 29.50 -42.89 -31.27
C GLU B 671 28.69 -44.15 -31.58
N LYS B 672 29.12 -45.29 -31.06
CA LYS B 672 28.46 -46.56 -31.27
C LYS B 672 27.56 -46.95 -30.10
N THR B 673 27.47 -46.13 -29.07
CA THR B 673 26.67 -46.46 -27.89
C THR B 673 25.19 -46.16 -28.13
N GLU B 674 24.36 -46.62 -27.20
CA GLU B 674 22.93 -46.39 -27.25
C GLU B 674 22.49 -45.20 -26.42
N TRP B 675 23.43 -44.42 -25.90
CA TRP B 675 23.09 -43.26 -25.10
C TRP B 675 22.18 -42.32 -25.89
N GLY B 676 21.12 -41.87 -25.25
CA GLY B 676 20.15 -40.98 -25.90
C GLY B 676 19.02 -41.69 -26.58
N LYS B 677 19.33 -42.71 -27.39
CA LYS B 677 18.29 -43.44 -28.11
C LYS B 677 17.38 -44.17 -27.13
N GLU B 678 17.96 -44.97 -26.24
CA GLU B 678 17.19 -45.78 -25.30
C GLU B 678 17.68 -45.69 -23.86
N ILE B 679 18.82 -45.07 -23.60
CA ILE B 679 19.42 -45.01 -22.27
C ILE B 679 19.60 -43.55 -21.88
N GLY B 680 19.15 -43.21 -20.67
CA GLY B 680 19.32 -41.86 -20.18
C GLY B 680 18.36 -40.87 -20.85
N TRP B 681 18.72 -39.60 -20.74
CA TRP B 681 17.91 -38.55 -21.35
C TRP B 681 17.81 -38.74 -22.85
N ILE B 682 16.61 -38.57 -23.38
CA ILE B 682 16.34 -38.83 -24.79
C ILE B 682 16.50 -37.54 -25.58
N TYR B 683 17.29 -37.61 -26.66
CA TYR B 683 17.48 -36.47 -27.54
C TYR B 683 16.25 -36.28 -28.43
N GLY B 684 16.21 -35.17 -29.14
CA GLY B 684 15.13 -34.89 -30.08
C GLY B 684 14.40 -33.60 -29.80
N SER B 685 13.13 -33.72 -29.38
CA SER B 685 12.29 -32.55 -29.20
C SER B 685 12.83 -31.67 -28.07
N VAL B 686 12.46 -30.39 -28.13
CA VAL B 686 12.87 -29.44 -27.10
C VAL B 686 12.34 -29.87 -25.74
N THR B 687 11.07 -30.27 -25.68
CA THR B 687 10.45 -30.72 -24.44
C THR B 687 10.79 -32.20 -24.20
N GLU B 688 12.06 -32.43 -23.85
CA GLU B 688 12.55 -33.78 -23.65
C GLU B 688 12.11 -34.37 -22.31
N ASP B 689 11.69 -33.54 -21.36
CA ASP B 689 11.28 -34.05 -20.06
C ASP B 689 10.09 -34.98 -20.17
N ILE B 690 9.10 -34.62 -20.99
CA ILE B 690 7.93 -35.48 -21.17
C ILE B 690 8.32 -36.77 -21.88
N LEU B 691 9.12 -36.66 -22.94
CA LEU B 691 9.50 -37.84 -23.71
C LEU B 691 10.30 -38.82 -22.86
N SER B 692 11.23 -38.32 -22.04
CA SER B 692 12.03 -39.20 -21.21
C SER B 692 11.17 -39.97 -20.21
N GLY B 693 10.20 -39.29 -19.59
CA GLY B 693 9.35 -39.95 -18.63
C GLY B 693 8.45 -40.99 -19.26
N PHE B 694 7.98 -40.74 -20.48
CA PHE B 694 7.07 -41.67 -21.14
C PHE B 694 7.72 -43.04 -21.34
N LYS B 695 8.98 -43.05 -21.77
CA LYS B 695 9.66 -44.32 -22.02
C LYS B 695 9.79 -45.13 -20.75
N MET B 696 10.14 -44.48 -19.63
CA MET B 696 10.32 -45.21 -18.37
C MET B 696 9.03 -45.87 -17.92
N HIS B 697 7.90 -45.15 -18.02
CA HIS B 697 6.63 -45.70 -17.58
C HIS B 697 6.19 -46.88 -18.43
N CYS B 698 6.66 -46.97 -19.68
CA CYS B 698 6.25 -48.06 -20.55
C CYS B 698 6.81 -49.41 -20.12
N ARG B 699 7.79 -49.44 -19.21
CA ARG B 699 8.40 -50.67 -18.76
C ARG B 699 7.83 -51.18 -17.44
N GLY B 700 6.78 -50.55 -16.93
CA GLY B 700 6.10 -51.01 -15.74
C GLY B 700 6.47 -50.28 -14.46
N TRP B 701 7.42 -49.34 -14.52
CA TRP B 701 7.80 -48.60 -13.32
C TRP B 701 6.62 -47.76 -12.82
N ARG B 702 6.78 -47.25 -11.60
CA ARG B 702 5.76 -46.44 -10.95
C ARG B 702 6.41 -45.26 -10.26
N SER B 703 5.68 -44.16 -10.17
CA SER B 703 6.16 -42.93 -9.54
C SER B 703 5.21 -42.52 -8.42
N ILE B 704 5.72 -41.65 -7.54
CA ILE B 704 4.99 -41.21 -6.37
C ILE B 704 4.98 -39.68 -6.34
N TYR B 705 4.01 -39.13 -5.61
CA TYR B 705 3.84 -37.69 -5.49
C TYR B 705 3.94 -37.31 -4.01
N CYS B 706 4.59 -36.17 -3.74
CA CYS B 706 4.78 -35.67 -2.39
C CYS B 706 4.31 -34.23 -2.30
N MET B 707 3.78 -33.87 -1.13
CA MET B 707 3.28 -32.52 -0.88
C MET B 707 3.52 -32.16 0.57
N PRO B 708 4.76 -31.82 0.93
CA PRO B 708 5.04 -31.42 2.32
C PRO B 708 4.36 -30.11 2.67
N VAL B 709 4.25 -29.86 3.97
CA VAL B 709 3.60 -28.64 4.43
C VAL B 709 4.34 -27.42 3.91
N ARG B 710 5.67 -27.41 4.03
CA ARG B 710 6.47 -26.34 3.48
C ARG B 710 6.72 -26.58 1.99
N PRO B 711 6.88 -25.52 1.20
CA PRO B 711 7.12 -25.73 -0.24
C PRO B 711 8.33 -26.59 -0.53
N ALA B 712 9.41 -26.41 0.24
CA ALA B 712 10.64 -27.19 0.09
C ALA B 712 11.40 -26.82 -1.19
N PHE B 713 10.83 -25.96 -2.01
CA PHE B 713 11.45 -25.54 -3.26
C PHE B 713 10.78 -24.26 -3.74
N LYS B 714 11.59 -23.30 -4.16
CA LYS B 714 11.07 -22.02 -4.63
C LYS B 714 11.99 -21.50 -5.73
N GLY B 715 11.41 -20.72 -6.64
CA GLY B 715 12.15 -20.16 -7.76
C GLY B 715 11.59 -18.80 -8.14
N SER B 716 11.76 -18.45 -9.42
CA SER B 716 11.30 -17.17 -9.95
C SER B 716 10.43 -17.41 -11.18
N ALA B 717 9.65 -16.41 -11.53
CA ALA B 717 8.72 -16.48 -12.64
C ALA B 717 8.85 -15.23 -13.50
N PRO B 718 8.45 -15.29 -14.76
CA PRO B 718 8.49 -14.10 -15.61
C PRO B 718 7.47 -13.05 -15.16
N ILE B 719 7.68 -11.82 -15.63
CA ILE B 719 6.84 -10.68 -15.29
C ILE B 719 6.21 -10.06 -16.54
N ASN B 720 7.01 -9.81 -17.56
CA ASN B 720 6.51 -9.15 -18.76
C ASN B 720 5.66 -10.09 -19.60
N LEU B 721 4.71 -9.50 -20.32
CA LEU B 721 3.83 -10.30 -21.17
C LEU B 721 4.61 -10.98 -22.29
N SER B 722 5.57 -10.26 -22.89
CA SER B 722 6.33 -10.83 -23.99
C SER B 722 7.09 -12.08 -23.56
N ASP B 723 7.69 -12.05 -22.36
CA ASP B 723 8.38 -13.22 -21.86
C ASP B 723 7.43 -14.40 -21.68
N ARG B 724 6.24 -14.13 -21.14
CA ARG B 724 5.25 -15.19 -20.97
C ARG B 724 4.81 -15.77 -22.31
N LEU B 725 4.60 -14.90 -23.31
CA LEU B 725 4.15 -15.38 -24.61
C LEU B 725 5.19 -16.28 -25.26
N HIS B 726 6.47 -15.90 -25.19
CA HIS B 726 7.51 -16.71 -25.79
C HIS B 726 7.60 -18.08 -25.11
N GLN B 727 7.48 -18.11 -23.79
CA GLN B 727 7.56 -19.38 -23.07
C GLN B 727 6.45 -20.33 -23.50
N VAL B 728 5.23 -19.81 -23.65
CA VAL B 728 4.11 -20.66 -24.07
C VAL B 728 4.36 -21.20 -25.47
N LEU B 729 4.96 -20.40 -26.34
CA LEU B 729 5.19 -20.84 -27.72
C LEU B 729 6.12 -22.04 -27.76
N ARG B 730 7.18 -22.02 -26.93
CA ARG B 730 8.15 -23.11 -26.97
C ARG B 730 7.55 -24.42 -26.52
N TRP B 731 6.66 -24.38 -25.52
CA TRP B 731 6.04 -25.61 -25.03
C TRP B 731 5.24 -26.30 -26.13
N ALA B 732 4.44 -25.53 -26.87
CA ALA B 732 3.60 -26.12 -27.91
C ALA B 732 4.45 -26.71 -29.03
N LEU B 733 5.54 -26.03 -29.40
CA LEU B 733 6.37 -26.50 -30.50
C LEU B 733 6.96 -27.87 -30.21
N GLY B 734 7.41 -28.09 -28.97
CA GLY B 734 7.98 -29.39 -28.62
C GLY B 734 6.98 -30.53 -28.78
N SER B 735 5.75 -30.31 -28.34
CA SER B 735 4.72 -31.35 -28.48
C SER B 735 4.42 -31.64 -29.95
N VAL B 736 4.38 -30.60 -30.78
CA VAL B 736 4.12 -30.80 -32.20
C VAL B 736 5.20 -31.67 -32.83
N GLU B 737 6.46 -31.42 -32.46
CA GLU B 737 7.55 -32.22 -32.99
C GLU B 737 7.41 -33.69 -32.58
N ILE B 738 7.00 -33.93 -31.33
CA ILE B 738 6.84 -35.30 -30.85
C ILE B 738 5.75 -36.01 -31.65
N PHE B 739 4.70 -35.28 -32.03
CA PHE B 739 3.56 -35.91 -32.69
C PHE B 739 3.97 -36.56 -34.01
N PHE B 740 4.79 -35.88 -34.79
CA PHE B 740 5.22 -36.38 -36.10
C PHE B 740 6.42 -37.31 -36.02
N SER B 741 6.97 -37.54 -34.82
CA SER B 741 8.13 -38.41 -34.67
C SER B 741 7.69 -39.84 -34.42
N ARG B 742 8.68 -40.74 -34.37
CA ARG B 742 8.38 -42.16 -34.14
C ARG B 742 7.77 -42.36 -32.75
N HIS B 743 8.26 -41.63 -31.75
CA HIS B 743 7.77 -41.78 -30.39
C HIS B 743 6.39 -41.15 -30.24
N CYS B 744 5.38 -41.77 -30.86
CA CYS B 744 4.01 -41.30 -30.79
C CYS B 744 3.15 -42.29 -30.02
N PRO B 745 2.40 -41.86 -29.01
CA PRO B 745 1.58 -42.83 -28.25
C PRO B 745 0.53 -43.52 -29.11
N PHE B 746 0.19 -42.95 -30.27
CA PHE B 746 -0.87 -43.54 -31.09
C PHE B 746 -0.50 -44.94 -31.56
N TRP B 747 0.77 -45.17 -31.91
CA TRP B 747 1.23 -46.45 -32.42
C TRP B 747 2.52 -46.91 -31.75
N TYR B 748 2.69 -46.56 -30.47
CA TYR B 748 3.89 -46.93 -29.72
C TYR B 748 3.51 -47.48 -28.36
N GLY B 749 4.27 -48.47 -27.89
CA GLY B 749 4.11 -49.02 -26.56
C GLY B 749 3.09 -50.14 -26.45
N TYR B 750 2.35 -50.45 -27.51
CA TYR B 750 1.36 -51.51 -27.43
C TYR B 750 2.01 -52.86 -27.16
N GLY B 751 3.12 -53.14 -27.82
CA GLY B 751 3.81 -54.40 -27.62
C GLY B 751 4.32 -54.56 -26.20
N GLY B 752 3.94 -55.65 -25.54
CA GLY B 752 4.35 -55.92 -24.19
C GLY B 752 3.43 -55.37 -23.11
N GLY B 753 2.50 -54.48 -23.47
CA GLY B 753 1.60 -53.93 -22.48
C GLY B 753 2.34 -53.21 -21.38
N ARG B 754 1.94 -53.48 -20.14
CA ARG B 754 2.52 -52.91 -18.93
C ARG B 754 2.23 -51.42 -18.76
N LEU B 755 1.38 -50.86 -19.62
CA LEU B 755 0.94 -49.47 -19.50
C LEU B 755 -0.56 -49.46 -19.25
N LYS B 756 -0.98 -48.91 -18.12
CA LYS B 756 -2.39 -48.87 -17.80
C LYS B 756 -3.15 -48.06 -18.84
N TRP B 757 -4.32 -48.56 -19.24
CA TRP B 757 -5.06 -47.98 -20.35
C TRP B 757 -5.66 -46.62 -20.03
N LEU B 758 -5.80 -46.26 -18.76
CA LEU B 758 -6.22 -44.92 -18.40
C LEU B 758 -5.06 -43.93 -18.30
N GLN B 759 -3.81 -44.43 -18.31
CA GLN B 759 -2.65 -43.56 -18.40
C GLN B 759 -2.33 -43.19 -19.84
N ARG B 760 -2.67 -44.06 -20.79
CA ARG B 760 -2.46 -43.73 -22.20
C ARG B 760 -3.35 -42.58 -22.66
N LEU B 761 -4.57 -42.50 -22.11
CA LEU B 761 -5.46 -41.41 -22.46
C LEU B 761 -4.93 -40.05 -21.98
N ALA B 762 -4.23 -40.03 -20.85
CA ALA B 762 -3.64 -38.78 -20.38
C ALA B 762 -2.47 -38.35 -21.24
N TYR B 763 -1.70 -39.30 -21.77
CA TYR B 763 -0.59 -38.96 -22.65
C TYR B 763 -1.08 -38.42 -23.99
N ILE B 764 -2.16 -39.00 -24.52
CA ILE B 764 -2.71 -38.52 -25.80
C ILE B 764 -3.17 -37.07 -25.66
N ASN B 765 -3.73 -36.71 -24.51
CA ASN B 765 -4.22 -35.35 -24.32
C ASN B 765 -3.10 -34.33 -24.40
N THR B 766 -1.91 -34.66 -23.90
CA THR B 766 -0.79 -33.73 -23.85
C THR B 766 -0.03 -33.64 -25.17
N ILE B 767 -0.40 -34.45 -26.17
CA ILE B 767 0.30 -34.46 -27.45
C ILE B 767 -0.57 -33.94 -28.58
N VAL B 768 -1.88 -33.81 -28.39
CA VAL B 768 -2.79 -33.40 -29.46
C VAL B 768 -3.57 -32.16 -29.04
N TYR B 769 -3.18 -31.55 -27.92
CA TYR B 769 -3.88 -30.36 -27.43
C TYR B 769 -3.61 -29.14 -28.31
N PRO B 770 -2.43 -28.99 -28.93
CA PRO B 770 -2.21 -27.81 -29.77
C PRO B 770 -3.12 -27.75 -30.99
N PHE B 771 -3.67 -28.87 -31.43
CA PHE B 771 -4.47 -28.93 -32.64
C PHE B 771 -5.90 -28.44 -32.43
N THR B 772 -6.32 -28.19 -31.20
CA THR B 772 -7.66 -27.64 -30.94
C THR B 772 -7.74 -26.14 -31.22
N SER B 773 -6.60 -25.48 -31.44
CA SER B 773 -6.62 -24.05 -31.73
C SER B 773 -7.34 -23.76 -33.04
N LEU B 774 -7.11 -24.59 -34.06
CA LEU B 774 -7.74 -24.33 -35.36
C LEU B 774 -9.25 -24.30 -35.28
N PRO B 775 -9.94 -25.26 -34.67
CA PRO B 775 -11.40 -25.12 -34.52
C PRO B 775 -11.80 -23.87 -33.77
N LEU B 776 -11.02 -23.47 -32.77
CA LEU B 776 -11.39 -22.32 -31.94
C LEU B 776 -11.47 -21.04 -32.76
N ILE B 777 -10.47 -20.80 -33.62
CA ILE B 777 -10.45 -19.57 -34.39
C ILE B 777 -11.62 -19.52 -35.36
N ALA B 778 -11.98 -20.66 -35.94
CA ALA B 778 -13.10 -20.69 -36.88
C ALA B 778 -14.40 -20.31 -36.19
N TYR B 779 -14.61 -20.81 -34.97
CA TYR B 779 -15.83 -20.48 -34.23
C TYR B 779 -15.92 -18.99 -33.95
N CYS B 780 -14.80 -18.36 -33.61
CA CYS B 780 -14.80 -16.94 -33.26
C CYS B 780 -15.17 -16.06 -34.45
N THR B 781 -15.10 -16.59 -35.68
CA THR B 781 -15.48 -15.82 -36.85
C THR B 781 -16.97 -15.89 -37.15
N ILE B 782 -17.66 -16.95 -36.70
CA ILE B 782 -19.10 -17.04 -36.94
C ILE B 782 -19.85 -15.84 -36.41
N PRO B 783 -19.56 -15.30 -35.20
CA PRO B 783 -20.34 -14.16 -34.70
C PRO B 783 -20.52 -13.05 -35.72
N ALA B 784 -19.42 -12.54 -36.27
CA ALA B 784 -19.49 -11.37 -37.14
C ALA B 784 -20.29 -11.68 -38.42
N VAL B 785 -20.02 -12.82 -39.05
CA VAL B 785 -20.66 -13.12 -40.32
C VAL B 785 -22.16 -13.29 -40.14
N CYS B 786 -22.59 -13.99 -39.08
CA CYS B 786 -24.01 -14.19 -38.85
C CYS B 786 -24.71 -12.88 -38.51
N LEU B 787 -24.08 -12.03 -37.69
CA LEU B 787 -24.71 -10.79 -37.28
C LEU B 787 -24.83 -9.80 -38.42
N LEU B 788 -23.93 -9.88 -39.41
CA LEU B 788 -23.93 -8.90 -40.48
C LEU B 788 -24.99 -9.19 -41.53
N THR B 789 -24.91 -10.36 -42.17
CA THR B 789 -25.79 -10.70 -43.29
C THR B 789 -26.73 -11.85 -42.96
N GLY B 790 -26.20 -12.99 -42.52
CA GLY B 790 -27.02 -14.16 -42.26
C GLY B 790 -28.13 -13.91 -41.27
N LYS B 791 -27.76 -13.61 -40.02
CA LYS B 791 -28.73 -13.31 -38.97
C LYS B 791 -29.62 -14.51 -38.65
N PHE B 792 -29.09 -15.71 -38.83
CA PHE B 792 -29.83 -16.93 -38.50
C PHE B 792 -28.86 -18.08 -38.42
N ILE B 793 -28.82 -18.76 -37.27
CA ILE B 793 -27.94 -19.89 -37.04
C ILE B 793 -28.72 -21.18 -36.84
N ILE B 794 -29.81 -21.13 -36.08
CA ILE B 794 -30.64 -22.31 -35.84
C ILE B 794 -32.11 -21.93 -35.95
N PRO B 795 -32.96 -22.90 -36.29
CA PRO B 795 -34.40 -22.62 -36.34
C PRO B 795 -34.94 -22.27 -34.97
N THR B 796 -36.04 -21.50 -34.97
CA THR B 796 -36.66 -21.11 -33.71
C THR B 796 -37.09 -22.34 -32.92
N LEU B 797 -36.94 -22.26 -31.60
CA LEU B 797 -37.29 -23.39 -30.74
C LEU B 797 -38.73 -23.87 -30.88
N SER B 798 -38.91 -25.19 -30.89
CA SER B 798 -40.22 -25.81 -31.05
C SER B 798 -40.79 -26.30 -29.73
N ASN B 799 -40.52 -25.57 -28.65
CA ASN B 799 -40.98 -25.86 -27.29
C ASN B 799 -40.19 -27.00 -26.65
N LEU B 800 -39.29 -27.65 -27.39
CA LEU B 800 -38.46 -28.72 -26.85
C LEU B 800 -37.00 -28.33 -26.67
N ALA B 801 -36.50 -27.40 -27.48
CA ALA B 801 -35.11 -26.98 -27.35
C ALA B 801 -34.86 -26.23 -26.05
N SER B 802 -35.90 -25.58 -25.50
CA SER B 802 -35.72 -24.82 -24.27
C SER B 802 -35.25 -25.73 -23.13
N MET B 803 -35.88 -26.89 -23.00
CA MET B 803 -35.46 -27.84 -21.97
C MET B 803 -34.03 -28.32 -22.23
N LEU B 804 -33.72 -28.63 -23.49
CA LEU B 804 -32.36 -29.08 -23.82
C LEU B 804 -31.35 -27.97 -23.58
N PHE B 805 -31.65 -26.75 -24.03
CA PHE B 805 -30.74 -25.63 -23.81
C PHE B 805 -30.59 -25.32 -22.33
N LEU B 806 -31.70 -25.36 -21.58
CA LEU B 806 -31.64 -25.07 -20.16
C LEU B 806 -30.75 -26.07 -19.44
N GLY B 807 -30.90 -27.36 -19.75
CA GLY B 807 -30.12 -28.37 -19.08
C GLY B 807 -28.63 -28.24 -19.31
N LEU B 808 -28.23 -27.80 -20.51
CA LEU B 808 -26.81 -27.65 -20.81
C LEU B 808 -26.17 -26.61 -19.90
N PHE B 809 -26.85 -25.48 -19.69
CA PHE B 809 -26.26 -24.41 -18.89
C PHE B 809 -26.07 -24.85 -17.44
N ILE B 810 -27.13 -25.37 -16.81
CA ILE B 810 -27.05 -25.71 -15.39
C ILE B 810 -25.99 -26.76 -15.14
N SER B 811 -25.75 -27.64 -16.11
CA SER B 811 -24.79 -28.72 -15.91
C SER B 811 -23.40 -28.18 -15.65
N ILE B 812 -22.98 -27.16 -16.40
CA ILE B 812 -21.63 -26.62 -16.25
C ILE B 812 -21.44 -25.97 -14.89
N ILE B 813 -22.51 -25.55 -14.24
CA ILE B 813 -22.40 -24.81 -12.97
C ILE B 813 -22.26 -25.75 -11.79
N VAL B 814 -23.10 -26.78 -11.73
CA VAL B 814 -23.07 -27.69 -10.59
C VAL B 814 -21.73 -28.43 -10.52
N THR B 815 -21.21 -28.85 -11.67
CA THR B 815 -19.94 -29.58 -11.69
C THR B 815 -18.80 -28.71 -11.17
N ALA B 816 -18.78 -27.43 -11.55
CA ALA B 816 -17.71 -26.55 -11.12
C ALA B 816 -17.69 -26.38 -9.61
N VAL B 817 -18.87 -26.24 -9.00
CA VAL B 817 -18.93 -26.04 -7.55
C VAL B 817 -18.38 -27.26 -6.81
N LEU B 818 -18.74 -28.46 -7.25
CA LEU B 818 -18.28 -29.66 -6.57
C LEU B 818 -16.77 -29.79 -6.65
N GLU B 819 -16.19 -29.46 -7.81
CA GLU B 819 -14.73 -29.51 -7.95
C GLU B 819 -14.06 -28.60 -6.93
N LEU B 820 -14.60 -27.39 -6.73
CA LEU B 820 -14.02 -26.47 -5.76
C LEU B 820 -14.07 -27.04 -4.35
N ARG B 821 -15.14 -27.78 -4.03
CA ARG B 821 -15.34 -28.24 -2.66
C ARG B 821 -14.21 -29.14 -2.20
N TRP B 822 -13.79 -30.08 -3.04
CA TRP B 822 -12.79 -31.07 -2.65
C TRP B 822 -11.38 -30.70 -3.08
N SER B 823 -11.22 -30.01 -4.22
CA SER B 823 -9.88 -29.65 -4.68
C SER B 823 -9.24 -28.63 -3.75
N GLY B 824 -10.03 -27.71 -3.20
CA GLY B 824 -9.53 -26.66 -2.35
C GLY B 824 -9.14 -25.39 -3.07
N VAL B 825 -9.16 -25.39 -4.41
CA VAL B 825 -8.85 -24.20 -5.19
C VAL B 825 -9.99 -23.21 -5.02
N SER B 826 -9.78 -21.96 -5.45
CA SER B 826 -10.77 -20.91 -5.33
C SER B 826 -11.42 -20.64 -6.70
N ILE B 827 -12.63 -20.09 -6.65
CA ILE B 827 -13.40 -19.88 -7.87
C ILE B 827 -12.72 -18.87 -8.79
N GLU B 828 -12.13 -17.83 -8.20
CA GLU B 828 -11.52 -16.79 -9.02
C GLU B 828 -10.32 -17.33 -9.79
N ASP B 829 -9.55 -18.23 -9.17
CA ASP B 829 -8.46 -18.87 -9.88
C ASP B 829 -8.98 -19.69 -11.06
N LEU B 830 -10.11 -20.38 -10.87
CA LEU B 830 -10.70 -21.13 -11.97
C LEU B 830 -11.08 -20.22 -13.12
N TRP B 831 -11.71 -19.07 -12.81
CA TRP B 831 -12.09 -18.13 -13.85
C TRP B 831 -10.86 -17.57 -14.57
N ARG B 832 -9.81 -17.26 -13.82
CA ARG B 832 -8.60 -16.71 -14.42
C ARG B 832 -7.99 -17.70 -15.40
N ASN B 833 -7.92 -18.98 -15.03
CA ASN B 833 -7.34 -19.98 -15.92
C ASN B 833 -8.17 -20.15 -17.18
N GLU B 834 -9.50 -20.18 -17.04
CA GLU B 834 -10.37 -20.46 -18.19
C GLU B 834 -10.22 -19.38 -19.26
N GLN B 835 -10.30 -18.11 -18.87
CA GLN B 835 -10.19 -17.04 -19.86
C GLN B 835 -8.77 -16.90 -20.39
N PHE B 836 -7.77 -17.21 -19.57
CA PHE B 836 -6.39 -17.18 -20.05
C PHE B 836 -6.17 -18.20 -21.16
N TRP B 837 -6.81 -19.38 -21.03
CA TRP B 837 -6.67 -20.40 -22.08
C TRP B 837 -7.18 -19.90 -23.42
N VAL B 838 -8.22 -19.06 -23.42
CA VAL B 838 -8.79 -18.58 -24.68
C VAL B 838 -7.78 -17.76 -25.45
N ILE B 839 -7.15 -16.78 -24.79
CA ILE B 839 -6.23 -15.88 -25.48
C ILE B 839 -5.03 -16.66 -26.01
N GLY B 840 -4.49 -17.59 -25.21
CA GLY B 840 -3.34 -18.34 -25.66
C GLY B 840 -3.62 -19.14 -26.92
N GLY B 841 -4.84 -19.68 -27.05
CA GLY B 841 -5.17 -20.47 -28.20
C GLY B 841 -5.18 -19.67 -29.50
N VAL B 842 -5.65 -18.43 -29.43
CA VAL B 842 -5.83 -17.64 -30.65
C VAL B 842 -4.50 -17.32 -31.30
N SER B 843 -3.54 -16.83 -30.51
CA SER B 843 -2.28 -16.31 -31.05
C SER B 843 -1.15 -17.33 -31.02
N ALA B 844 -0.79 -17.81 -29.83
CA ALA B 844 0.42 -18.60 -29.69
C ALA B 844 0.32 -19.94 -30.41
N HIS B 845 -0.77 -20.68 -30.17
CA HIS B 845 -0.86 -22.03 -30.71
C HIS B 845 -1.16 -22.02 -32.20
N LEU B 846 -1.81 -20.98 -32.71
CA LEU B 846 -2.09 -20.91 -34.14
C LEU B 846 -0.80 -20.86 -34.94
N PHE B 847 0.11 -19.96 -34.56
CA PHE B 847 1.40 -19.87 -35.25
C PHE B 847 2.22 -21.13 -35.06
N ALA B 848 2.21 -21.69 -33.86
CA ALA B 848 3.03 -22.87 -33.59
C ALA B 848 2.62 -24.04 -34.48
N VAL B 849 1.32 -24.25 -34.66
CA VAL B 849 0.86 -25.35 -35.49
C VAL B 849 1.33 -25.17 -36.92
N PHE B 850 1.34 -23.93 -37.42
CA PHE B 850 1.75 -23.69 -38.80
C PHE B 850 3.25 -23.85 -38.99
N GLN B 851 4.05 -23.33 -38.05
CA GLN B 851 5.50 -23.41 -38.19
C GLN B 851 5.98 -24.86 -38.22
N GLY B 852 5.32 -25.75 -37.47
CA GLY B 852 5.68 -27.15 -37.49
C GLY B 852 5.30 -27.89 -38.75
N PHE B 853 4.36 -27.33 -39.53
CA PHE B 853 3.97 -27.95 -40.79
C PHE B 853 5.00 -27.74 -41.90
N LEU B 854 5.77 -26.65 -41.84
CA LEU B 854 6.73 -26.38 -42.91
C LEU B 854 7.92 -27.34 -42.83
N LYS B 855 8.52 -27.48 -41.65
CA LYS B 855 9.66 -28.39 -41.52
C LYS B 855 9.25 -29.83 -41.76
N MET B 856 8.00 -30.19 -41.42
CA MET B 856 7.52 -31.54 -41.70
C MET B 856 7.52 -31.81 -43.20
N LEU B 857 6.98 -30.87 -43.99
CA LEU B 857 6.95 -31.05 -45.44
C LEU B 857 8.35 -30.96 -46.03
N ALA B 858 9.19 -30.08 -45.48
CA ALA B 858 10.54 -29.91 -46.01
C ALA B 858 11.34 -31.20 -45.90
N GLY B 859 11.24 -31.89 -44.77
CA GLY B 859 11.96 -33.12 -44.55
C GLY B 859 13.35 -32.91 -43.98
N VAL B 882 9.54 -15.62 -34.55
CA VAL B 882 8.40 -14.70 -34.50
C VAL B 882 8.69 -13.59 -33.50
N LYS B 883 8.29 -12.37 -33.83
CA LYS B 883 8.49 -11.22 -32.97
C LYS B 883 7.25 -10.92 -32.15
N TRP B 884 7.43 -10.11 -31.10
CA TRP B 884 6.32 -9.76 -30.23
C TRP B 884 5.25 -8.99 -30.98
N THR B 885 5.65 -8.09 -31.88
CA THR B 885 4.68 -7.26 -32.59
C THR B 885 3.73 -8.12 -33.43
N THR B 886 4.28 -9.09 -34.17
CA THR B 886 3.45 -9.90 -35.05
C THR B 886 2.62 -10.93 -34.28
N LEU B 887 3.07 -11.33 -33.10
CA LEU B 887 2.34 -12.35 -32.33
C LEU B 887 0.94 -11.88 -31.94
N LEU B 888 0.72 -10.58 -31.85
CA LEU B 888 -0.57 -10.04 -31.43
C LEU B 888 -1.49 -9.74 -32.60
N ILE B 889 -1.06 -10.01 -33.84
CA ILE B 889 -1.89 -9.69 -35.01
C ILE B 889 -3.22 -10.46 -34.97
N PRO B 890 -3.24 -11.78 -34.80
CA PRO B 890 -4.52 -12.50 -34.81
C PRO B 890 -5.49 -11.96 -33.77
N PRO B 891 -5.07 -11.82 -32.51
CA PRO B 891 -6.03 -11.28 -31.51
C PRO B 891 -6.57 -9.92 -31.89
N THR B 892 -5.74 -9.07 -32.49
CA THR B 892 -6.21 -7.73 -32.85
C THR B 892 -7.32 -7.80 -33.89
N THR B 893 -7.18 -8.67 -34.89
CA THR B 893 -8.17 -8.74 -35.95
C THR B 893 -9.53 -9.18 -35.42
N LEU B 894 -9.55 -10.18 -34.53
CA LEU B 894 -10.82 -10.68 -34.02
C LEU B 894 -11.56 -9.61 -33.22
N LEU B 895 -10.83 -8.82 -32.43
CA LEU B 895 -11.46 -7.77 -31.65
C LEU B 895 -12.08 -6.70 -32.56
N ILE B 896 -11.37 -6.33 -33.63
CA ILE B 896 -11.85 -5.25 -34.49
C ILE B 896 -13.12 -5.67 -35.24
N ILE B 897 -13.10 -6.86 -35.83
CA ILE B 897 -14.24 -7.30 -36.63
C ILE B 897 -15.47 -7.47 -35.76
N ASN B 898 -15.29 -7.91 -34.51
CA ASN B 898 -16.43 -8.12 -33.63
C ASN B 898 -17.10 -6.79 -33.26
N ILE B 899 -16.29 -5.80 -32.87
CA ILE B 899 -16.85 -4.52 -32.42
C ILE B 899 -17.49 -3.76 -33.57
N VAL B 900 -16.86 -3.78 -34.75
CA VAL B 900 -17.41 -3.07 -35.88
C VAL B 900 -18.68 -3.75 -36.38
N GLY B 901 -18.69 -5.08 -36.39
CA GLY B 901 -19.88 -5.79 -36.85
C GLY B 901 -21.07 -5.60 -35.94
N VAL B 902 -20.85 -5.69 -34.62
CA VAL B 902 -21.97 -5.62 -33.67
C VAL B 902 -22.61 -4.25 -33.70
N VAL B 903 -21.80 -3.19 -33.73
CA VAL B 903 -22.34 -1.83 -33.69
C VAL B 903 -23.19 -1.57 -34.93
N ALA B 904 -22.74 -2.01 -36.10
CA ALA B 904 -23.48 -1.76 -37.33
C ALA B 904 -24.84 -2.46 -37.31
N GLY B 905 -24.94 -3.60 -36.64
CA GLY B 905 -26.20 -4.33 -36.63
C GLY B 905 -27.33 -3.55 -35.97
N PHE B 906 -27.03 -2.88 -34.86
CA PHE B 906 -28.07 -2.15 -34.14
C PHE B 906 -28.66 -1.03 -35.00
N SER B 907 -27.81 -0.30 -35.72
CA SER B 907 -28.30 0.82 -36.51
C SER B 907 -29.26 0.36 -37.60
N ASP B 908 -28.91 -0.74 -38.29
CA ASP B 908 -29.76 -1.23 -39.37
C ASP B 908 -31.13 -1.66 -38.85
N ALA B 909 -31.15 -2.34 -37.69
CA ALA B 909 -32.41 -2.84 -37.16
C ALA B 909 -33.38 -1.71 -36.85
N LEU B 910 -32.87 -0.62 -36.25
CA LEU B 910 -33.76 0.48 -35.89
C LEU B 910 -34.41 1.11 -37.11
N ASN B 911 -33.64 1.29 -38.18
CA ASN B 911 -34.21 1.82 -39.42
C ASN B 911 -35.25 0.87 -39.98
N LYS B 912 -35.00 -0.43 -39.90
CA LYS B 912 -35.97 -1.44 -40.33
C LYS B 912 -37.20 -1.39 -39.43
N GLY B 913 -38.19 -2.22 -39.73
CA GLY B 913 -39.42 -2.26 -38.95
C GLY B 913 -39.19 -2.34 -37.45
N TYR B 914 -38.01 -2.81 -37.05
CA TYR B 914 -37.62 -2.89 -35.63
C TYR B 914 -38.71 -3.53 -34.77
N GLU B 915 -39.48 -4.43 -35.37
CA GLU B 915 -40.52 -5.18 -34.67
C GLU B 915 -40.23 -6.66 -34.56
N ALA B 916 -39.60 -7.25 -35.56
CA ALA B 916 -39.28 -8.68 -35.56
C ALA B 916 -37.85 -8.90 -35.06
N TRP B 917 -37.60 -8.42 -33.84
CA TRP B 917 -36.31 -8.59 -33.19
C TRP B 917 -36.32 -9.59 -32.04
N GLY B 918 -35.13 -9.91 -31.56
CA GLY B 918 -34.93 -10.94 -30.57
C GLY B 918 -33.85 -11.90 -31.00
N PRO B 919 -33.82 -12.23 -32.30
CA PRO B 919 -32.57 -12.78 -32.87
C PRO B 919 -31.42 -11.81 -32.75
N LEU B 920 -31.70 -10.51 -32.82
CA LEU B 920 -30.65 -9.51 -32.61
C LEU B 920 -30.05 -9.66 -31.22
N PHE B 921 -30.89 -9.85 -30.20
CA PHE B 921 -30.39 -10.06 -28.84
C PHE B 921 -29.54 -11.33 -28.76
N GLY B 922 -30.00 -12.41 -29.39
CA GLY B 922 -29.25 -13.66 -29.32
C GLY B 922 -27.86 -13.53 -29.92
N LYS B 923 -27.77 -12.94 -31.11
CA LYS B 923 -26.47 -12.73 -31.73
C LYS B 923 -25.61 -11.76 -30.94
N VAL B 924 -26.22 -10.68 -30.44
CA VAL B 924 -25.46 -9.71 -29.65
C VAL B 924 -24.94 -10.36 -28.37
N PHE B 925 -25.79 -11.11 -27.68
CA PHE B 925 -25.34 -11.83 -26.49
C PHE B 925 -24.27 -12.86 -26.85
N PHE B 926 -24.49 -13.59 -27.94
CA PHE B 926 -23.48 -14.57 -28.38
C PHE B 926 -22.19 -13.86 -28.77
N ALA B 927 -22.29 -12.73 -29.47
CA ALA B 927 -21.10 -11.96 -29.80
C ALA B 927 -20.45 -11.38 -28.54
N PHE B 928 -21.27 -10.95 -27.58
CA PHE B 928 -20.73 -10.40 -26.34
C PHE B 928 -19.89 -11.43 -25.59
N TRP B 929 -20.21 -12.72 -25.76
CA TRP B 929 -19.43 -13.77 -25.11
C TRP B 929 -17.98 -13.74 -25.60
N VAL B 930 -17.80 -13.57 -26.91
CA VAL B 930 -16.44 -13.56 -27.47
C VAL B 930 -15.65 -12.38 -26.94
N ILE B 931 -16.28 -11.20 -26.87
CA ILE B 931 -15.56 -10.00 -26.48
C ILE B 931 -15.05 -10.11 -25.05
N LEU B 932 -15.89 -10.57 -24.13
CA LEU B 932 -15.55 -10.53 -22.72
C LEU B 932 -14.31 -11.38 -22.40
N HIS B 933 -14.07 -12.44 -23.17
CA HIS B 933 -12.98 -13.35 -22.85
C HIS B 933 -11.63 -12.75 -23.22
N LEU B 934 -11.43 -12.42 -24.49
CA LEU B 934 -10.15 -11.95 -24.98
C LEU B 934 -9.89 -10.44 -24.85
N TYR B 935 -10.86 -9.66 -24.38
CA TYR B 935 -10.71 -8.22 -24.29
C TYR B 935 -9.90 -7.80 -23.06
N PRO B 936 -10.21 -8.33 -21.87
CA PRO B 936 -9.56 -7.80 -20.66
C PRO B 936 -8.05 -7.87 -20.71
N PHE B 937 -7.47 -8.93 -21.29
CA PHE B 937 -6.01 -9.03 -21.33
C PHE B 937 -5.40 -7.91 -22.16
N LEU B 938 -6.01 -7.58 -23.29
CA LEU B 938 -5.51 -6.49 -24.12
C LEU B 938 -5.75 -5.13 -23.50
N LYS B 939 -6.68 -5.04 -22.54
CA LYS B 939 -6.98 -3.74 -21.92
C LYS B 939 -5.78 -3.22 -21.14
N GLY B 940 -5.05 -4.10 -20.45
CA GLY B 940 -3.95 -3.67 -19.61
C GLY B 940 -2.71 -3.24 -20.38
N LEU B 941 -2.66 -3.49 -21.69
CA LEU B 941 -1.51 -3.11 -22.49
C LEU B 941 -1.45 -1.60 -22.75
N MET B 942 -2.50 -0.86 -22.42
CA MET B 942 -2.57 0.56 -22.71
C MET B 942 -2.02 1.43 -21.59
N GLY B 943 -1.55 0.84 -20.50
CA GLY B 943 -0.98 1.61 -19.40
C GLY B 943 -1.53 1.20 -18.05
N ARG B 944 -1.78 2.18 -17.19
CA ARG B 944 -2.27 1.90 -15.85
C ARG B 944 -3.67 1.29 -15.91
N GLN B 945 -4.09 0.72 -14.78
CA GLN B 945 -5.39 0.06 -14.72
C GLN B 945 -6.51 1.04 -15.04
N ASN B 946 -7.48 0.58 -15.82
CA ASN B 946 -8.68 1.36 -16.13
C ASN B 946 -8.37 2.43 -17.16
N ARG B 947 -9.42 2.97 -17.79
CA ARG B 947 -9.27 3.99 -18.83
C ARG B 947 -10.43 4.97 -18.68
N THR B 948 -10.14 6.19 -18.24
CA THR B 948 -11.16 7.20 -18.01
C THR B 948 -11.62 7.87 -19.31
N PRO B 949 -10.70 8.44 -20.10
CA PRO B 949 -11.13 9.33 -21.20
C PRO B 949 -11.61 8.61 -22.44
N THR B 950 -11.01 7.46 -22.78
CA THR B 950 -11.32 6.81 -24.05
C THR B 950 -12.76 6.31 -24.19
N ILE B 951 -13.50 6.20 -23.09
CA ILE B 951 -14.89 5.74 -23.19
C ILE B 951 -15.76 6.80 -23.83
N VAL B 952 -15.57 8.07 -23.46
CA VAL B 952 -16.42 9.13 -24.00
C VAL B 952 -16.20 9.30 -25.50
N VAL B 953 -14.93 9.31 -25.93
CA VAL B 953 -14.64 9.53 -27.35
C VAL B 953 -15.23 8.41 -28.20
N LEU B 954 -15.18 7.18 -27.71
CA LEU B 954 -15.70 6.05 -28.49
C LEU B 954 -17.20 6.21 -28.77
N TRP B 955 -17.97 6.59 -27.75
CA TRP B 955 -19.41 6.76 -27.94
C TRP B 955 -19.70 7.89 -28.91
N SER B 956 -19.05 9.05 -28.71
CA SER B 956 -19.32 10.21 -29.55
C SER B 956 -18.87 9.97 -30.99
N VAL B 957 -17.72 9.32 -31.18
CA VAL B 957 -17.17 9.17 -32.52
C VAL B 957 -17.78 7.99 -33.28
N LEU B 958 -18.46 7.07 -32.59
CA LEU B 958 -19.00 5.88 -33.23
C LEU B 958 -20.52 5.86 -33.20
N LEU B 959 -21.13 5.96 -32.01
CA LEU B 959 -22.58 5.85 -31.91
C LEU B 959 -23.26 7.03 -32.60
N THR B 960 -22.79 8.25 -32.33
CA THR B 960 -23.37 9.42 -32.98
C THR B 960 -23.08 9.44 -34.47
N SER B 961 -21.90 8.96 -34.87
CA SER B 961 -21.54 8.96 -36.29
C SER B 961 -22.52 8.10 -37.10
N VAL B 962 -22.72 6.85 -36.66
CA VAL B 962 -23.62 5.96 -37.38
C VAL B 962 -25.05 6.46 -37.27
N PHE B 963 -25.43 6.99 -36.11
CA PHE B 963 -26.78 7.53 -35.95
C PHE B 963 -27.03 8.69 -36.89
N SER B 964 -26.05 9.59 -37.03
CA SER B 964 -26.18 10.70 -37.97
C SER B 964 -25.94 10.22 -39.41
N LEU B 965 -25.00 9.30 -39.60
CA LEU B 965 -24.75 8.76 -40.93
C LEU B 965 -25.97 8.02 -41.47
N VAL B 966 -26.61 7.21 -40.63
CA VAL B 966 -27.80 6.48 -41.06
C VAL B 966 -28.99 7.42 -41.20
N TRP B 967 -28.95 8.58 -40.53
CA TRP B 967 -30.00 9.58 -40.73
C TRP B 967 -30.03 10.07 -42.16
N VAL B 968 -28.91 10.00 -42.87
CA VAL B 968 -28.84 10.29 -44.29
C VAL B 968 -28.77 9.01 -45.11
N LYS B 969 -27.86 8.11 -44.75
CA LYS B 969 -27.69 6.84 -45.45
C LYS B 969 -28.95 5.99 -45.33
N GLU C 170 36.12 19.23 -34.32
CA GLU C 170 35.05 18.31 -33.95
C GLU C 170 33.98 19.04 -33.12
N PRO C 171 32.71 18.79 -33.42
CA PRO C 171 31.65 19.46 -32.66
C PRO C 171 31.52 18.91 -31.24
N LEU C 172 31.04 19.77 -30.35
CA LEU C 172 30.83 19.38 -28.95
C LEU C 172 29.40 18.95 -28.69
N SER C 173 28.44 19.44 -29.46
CA SER C 173 27.04 19.07 -29.29
C SER C 173 26.38 19.01 -30.66
N ILE C 174 25.26 18.30 -30.73
CA ILE C 174 24.53 18.13 -31.98
C ILE C 174 23.06 18.46 -31.76
N VAL C 175 22.41 18.85 -32.84
CA VAL C 175 20.98 19.18 -32.82
C VAL C 175 20.35 18.59 -34.08
N TYR C 176 19.21 17.92 -33.91
CA TYR C 176 18.50 17.31 -35.03
C TYR C 176 17.01 17.59 -34.91
N PRO C 177 16.30 17.69 -36.04
CA PRO C 177 14.85 17.87 -36.00
C PRO C 177 14.09 16.54 -35.99
N ILE C 178 12.77 16.62 -36.06
CA ILE C 178 11.96 15.40 -36.14
C ILE C 178 12.38 14.62 -37.38
N PRO C 179 12.40 13.27 -37.35
CA PRO C 179 12.85 12.51 -38.52
C PRO C 179 11.96 12.64 -39.75
N ARG C 180 10.94 13.49 -39.69
CA ARG C 180 10.00 13.81 -40.77
C ARG C 180 8.97 12.69 -40.97
N ASN C 181 9.10 11.56 -40.29
CA ASN C 181 8.10 10.51 -40.42
C ASN C 181 6.81 10.84 -39.67
N LYS C 182 6.85 11.81 -38.76
CA LYS C 182 5.69 12.17 -37.95
C LYS C 182 5.45 13.67 -37.94
N LEU C 183 5.79 14.34 -39.04
CA LEU C 183 5.68 15.80 -39.13
C LEU C 183 4.73 16.24 -40.24
N THR C 184 4.88 15.70 -41.45
CA THR C 184 4.03 16.12 -42.56
C THR C 184 2.55 15.84 -42.29
N PRO C 185 2.15 14.64 -41.83
CA PRO C 185 0.75 14.45 -41.48
C PRO C 185 0.28 15.39 -40.38
N TYR C 186 1.15 15.67 -39.40
CA TYR C 186 0.78 16.58 -38.33
C TYR C 186 0.45 17.97 -38.87
N ARG C 187 1.27 18.47 -39.79
CA ARG C 187 0.98 19.76 -40.40
C ARG C 187 -0.27 19.71 -41.26
N ALA C 188 -0.42 18.64 -42.05
CA ALA C 188 -1.56 18.54 -42.96
C ALA C 188 -2.88 18.50 -42.21
N VAL C 189 -2.90 17.83 -41.05
CA VAL C 189 -4.14 17.72 -40.29
C VAL C 189 -4.65 19.10 -39.89
N ILE C 190 -3.77 19.94 -39.33
CA ILE C 190 -4.18 21.28 -38.93
C ILE C 190 -4.50 22.13 -40.15
N ILE C 191 -3.75 21.95 -41.24
CA ILE C 191 -4.03 22.71 -42.45
C ILE C 191 -5.45 22.44 -42.93
N MET C 192 -5.86 21.17 -42.94
CA MET C 192 -7.22 20.83 -43.34
C MET C 192 -8.23 21.31 -42.31
N ARG C 193 -7.90 21.19 -41.02
CA ARG C 193 -8.83 21.60 -39.97
C ARG C 193 -9.16 23.07 -40.05
N LEU C 194 -8.20 23.90 -40.48
CA LEU C 194 -8.49 25.33 -40.62
C LEU C 194 -9.62 25.56 -41.62
N ILE C 195 -9.53 24.94 -42.80
CA ILE C 195 -10.56 25.09 -43.81
C ILE C 195 -11.88 24.51 -43.33
N ILE C 196 -11.82 23.38 -42.64
CA ILE C 196 -13.04 22.76 -42.13
C ILE C 196 -13.74 23.68 -41.14
N LEU C 197 -12.96 24.29 -40.23
CA LEU C 197 -13.53 25.23 -39.27
C LEU C 197 -14.13 26.44 -39.98
N GLY C 198 -13.45 26.95 -41.01
CA GLY C 198 -14.00 28.07 -41.75
C GLY C 198 -15.33 27.73 -42.40
N LEU C 199 -15.41 26.56 -43.03
CA LEU C 199 -16.67 26.14 -43.65
C LEU C 199 -17.77 25.98 -42.61
N PHE C 200 -17.45 25.39 -41.46
CA PHE C 200 -18.44 25.24 -40.40
C PHE C 200 -18.94 26.59 -39.91
N PHE C 201 -18.01 27.54 -39.75
CA PHE C 201 -18.40 28.87 -39.30
C PHE C 201 -19.31 29.55 -40.32
N HIS C 202 -18.99 29.42 -41.61
CA HIS C 202 -19.85 29.99 -42.64
C HIS C 202 -21.24 29.38 -42.59
N TYR C 203 -21.31 28.06 -42.47
CA TYR C 203 -22.62 27.39 -42.41
C TYR C 203 -23.41 27.87 -41.20
N ARG C 204 -22.77 27.96 -40.04
CA ARG C 204 -23.47 28.42 -38.84
C ARG C 204 -23.96 29.85 -39.01
N ILE C 205 -23.14 30.71 -39.62
CA ILE C 205 -23.56 32.09 -39.87
C ILE C 205 -24.74 32.14 -40.82
N THR C 206 -24.85 31.14 -41.71
CA THR C 206 -25.94 31.17 -42.69
C THR C 206 -27.31 31.16 -42.01
N ASN C 207 -27.49 30.31 -41.00
CA ASN C 207 -28.80 30.20 -40.36
C ASN C 207 -29.01 31.37 -39.41
N PRO C 208 -30.05 32.21 -39.62
CA PRO C 208 -30.22 33.39 -38.76
C PRO C 208 -31.22 33.20 -37.62
N VAL C 209 -31.98 32.12 -37.61
CA VAL C 209 -33.12 31.96 -36.70
C VAL C 209 -33.07 30.59 -36.05
N ASP C 210 -33.33 30.56 -34.73
CA ASP C 210 -33.53 29.31 -34.01
C ASP C 210 -34.65 29.43 -32.99
N SER C 211 -35.57 30.37 -33.18
CA SER C 211 -36.65 30.73 -32.25
C SER C 211 -36.13 31.63 -31.13
N ALA C 212 -34.85 31.99 -31.12
CA ALA C 212 -34.30 32.90 -30.11
C ALA C 212 -33.07 33.55 -30.69
N PHE C 213 -33.15 34.85 -30.98
CA PHE C 213 -32.04 35.54 -31.62
C PHE C 213 -30.87 35.74 -30.67
N GLY C 214 -31.16 36.05 -29.41
CA GLY C 214 -30.08 36.33 -28.46
C GLY C 214 -29.17 35.13 -28.25
N LEU C 215 -29.76 33.93 -28.12
CA LEU C 215 -28.95 32.73 -27.97
C LEU C 215 -28.06 32.51 -29.19
N TRP C 216 -28.62 32.70 -30.39
CA TRP C 216 -27.84 32.55 -31.61
C TRP C 216 -26.66 33.52 -31.63
N LEU C 217 -26.91 34.78 -31.33
CA LEU C 217 -25.85 35.78 -31.35
C LEU C 217 -24.76 35.44 -30.34
N THR C 218 -25.17 35.10 -29.11
CA THR C 218 -24.19 34.80 -28.06
C THR C 218 -23.36 33.57 -28.43
N SER C 219 -24.01 32.53 -28.93
CA SER C 219 -23.28 31.31 -29.31
C SER C 219 -22.30 31.59 -30.43
N VAL C 220 -22.72 32.37 -31.44
CA VAL C 220 -21.84 32.68 -32.55
C VAL C 220 -20.62 33.45 -32.06
N ILE C 221 -20.84 34.46 -31.21
CA ILE C 221 -19.73 35.26 -30.71
C ILE C 221 -18.77 34.39 -29.90
N CYS C 222 -19.31 33.53 -29.04
CA CYS C 222 -18.46 32.69 -28.20
C CYS C 222 -17.66 31.71 -29.06
N GLU C 223 -18.29 31.13 -30.09
CA GLU C 223 -17.57 30.23 -30.98
C GLU C 223 -16.46 30.96 -31.72
N ILE C 224 -16.72 32.18 -32.17
CA ILE C 224 -15.68 32.96 -32.83
C ILE C 224 -14.51 33.20 -31.88
N TRP C 225 -14.82 33.56 -30.63
CA TRP C 225 -13.75 33.78 -29.65
C TRP C 225 -12.93 32.51 -29.44
N PHE C 226 -13.61 31.37 -29.30
CA PHE C 226 -12.88 30.12 -29.08
C PHE C 226 -12.01 29.76 -30.27
N ALA C 227 -12.52 29.97 -31.48
CA ALA C 227 -11.73 29.69 -32.67
C ALA C 227 -10.50 30.58 -32.74
N PHE C 228 -10.66 31.86 -32.43
CA PHE C 228 -9.51 32.76 -32.40
C PHE C 228 -8.49 32.31 -31.36
N SER C 229 -8.97 31.88 -30.18
CA SER C 229 -8.06 31.41 -29.14
C SER C 229 -7.27 30.19 -29.61
N TRP C 230 -7.95 29.24 -30.25
CA TRP C 230 -7.26 28.04 -30.74
C TRP C 230 -6.23 28.40 -31.82
N VAL C 231 -6.61 29.31 -32.73
CA VAL C 231 -5.69 29.72 -33.79
C VAL C 231 -4.44 30.35 -33.19
N LEU C 232 -4.61 31.22 -32.19
CA LEU C 232 -3.47 31.80 -31.51
C LEU C 232 -2.64 30.73 -30.80
N ASP C 233 -3.32 29.75 -30.18
CA ASP C 233 -2.64 28.81 -29.31
C ASP C 233 -1.75 27.84 -30.07
N GLN C 234 -2.26 27.24 -31.15
CA GLN C 234 -1.58 26.07 -31.68
C GLN C 234 -0.42 26.39 -32.62
N PHE C 235 -0.46 27.49 -33.37
CA PHE C 235 0.52 27.70 -34.41
C PHE C 235 1.97 27.73 -33.93
N PRO C 236 2.30 28.22 -32.73
CA PRO C 236 3.71 28.26 -32.32
C PRO C 236 4.37 26.89 -32.19
N LYS C 237 3.65 25.82 -32.52
CA LYS C 237 4.17 24.46 -32.44
C LYS C 237 4.40 23.88 -33.83
N TRP C 238 4.90 24.70 -34.75
CA TRP C 238 5.12 24.30 -36.14
C TRP C 238 6.49 23.66 -36.36
N LYS C 239 7.39 23.69 -35.38
CA LYS C 239 8.75 23.24 -35.63
C LYS C 239 9.43 22.82 -34.32
N PRO C 240 9.37 21.54 -33.96
CA PRO C 240 10.12 21.06 -32.80
C PRO C 240 11.56 20.71 -33.17
N VAL C 241 12.40 20.60 -32.13
CA VAL C 241 13.81 20.31 -32.30
C VAL C 241 14.29 19.50 -31.10
N ASN C 242 15.37 18.74 -31.31
CA ASN C 242 15.99 17.94 -30.25
C ASN C 242 17.50 18.16 -30.28
N ARG C 243 18.13 17.95 -29.12
CA ARG C 243 19.54 18.24 -28.94
C ARG C 243 20.21 17.12 -28.17
N GLU C 244 21.55 17.07 -28.27
CA GLU C 244 22.35 16.09 -27.55
C GLU C 244 23.74 16.66 -27.31
N THR C 245 24.35 16.25 -26.20
CA THR C 245 25.65 16.77 -25.78
C THR C 245 26.48 15.64 -25.19
N PHE C 246 27.81 15.84 -25.21
CA PHE C 246 28.76 14.90 -24.64
C PHE C 246 29.73 15.66 -23.74
N ILE C 247 30.38 14.92 -22.84
CA ILE C 247 31.25 15.51 -21.83
C ILE C 247 32.69 15.07 -22.03
N GLU C 248 32.88 13.86 -22.57
CA GLU C 248 34.23 13.30 -22.71
C GLU C 248 35.07 14.15 -23.64
N ARG C 249 34.51 14.57 -24.77
CA ARG C 249 35.27 15.39 -25.71
C ARG C 249 35.64 16.73 -25.09
N LEU C 250 34.71 17.36 -24.37
CA LEU C 250 35.00 18.62 -23.71
C LEU C 250 36.12 18.46 -22.71
N SER C 251 36.06 17.40 -21.90
CA SER C 251 37.12 17.15 -20.93
C SER C 251 38.46 16.98 -21.62
N ALA C 252 38.52 16.09 -22.61
CA ALA C 252 39.78 15.84 -23.30
C ALA C 252 40.33 17.10 -23.95
N ARG C 253 39.44 17.98 -24.43
CA ARG C 253 39.89 19.19 -25.10
C ARG C 253 40.42 20.23 -24.11
N TYR C 254 39.75 20.41 -22.97
CA TYR C 254 40.06 21.52 -22.08
C TYR C 254 40.99 21.14 -20.94
N GLU C 255 40.74 20.02 -20.25
CA GLU C 255 41.64 19.63 -19.16
C GLU C 255 43.05 19.44 -19.69
N ARG C 256 43.19 18.73 -20.81
CA ARG C 256 44.45 18.64 -21.55
C ARG C 256 45.48 17.77 -20.83
N GLU C 257 45.21 17.40 -19.59
CA GLU C 257 46.12 16.55 -18.82
C GLU C 257 47.53 17.16 -18.73
N GLY C 258 47.64 18.45 -19.09
CA GLY C 258 48.93 19.13 -19.11
C GLY C 258 49.28 19.87 -17.85
N GLU C 259 48.37 19.89 -16.86
CA GLU C 259 48.47 20.48 -15.51
C GLU C 259 47.68 21.78 -15.46
N PRO C 260 47.98 22.79 -16.29
CA PRO C 260 47.12 23.98 -16.30
C PRO C 260 45.69 23.63 -16.71
N SER C 261 44.74 24.35 -16.13
CA SER C 261 43.33 24.21 -16.48
C SER C 261 42.86 25.44 -17.25
N GLN C 262 41.80 25.25 -18.05
CA GLN C 262 41.28 26.31 -18.90
C GLN C 262 39.76 26.41 -18.82
N LEU C 263 39.15 25.89 -17.76
CA LEU C 263 37.71 25.97 -17.60
C LEU C 263 37.32 27.30 -16.98
N ALA C 264 36.04 27.65 -17.13
CA ALA C 264 35.51 28.90 -16.62
C ALA C 264 34.95 28.72 -15.21
N ALA C 265 34.72 29.85 -14.55
CA ALA C 265 34.21 29.87 -13.18
C ALA C 265 32.70 30.08 -13.17
N VAL C 266 32.08 29.68 -12.06
CA VAL C 266 30.64 29.80 -11.88
C VAL C 266 30.38 30.35 -10.48
N ASP C 267 29.19 30.92 -10.30
CA ASP C 267 28.76 31.49 -9.03
C ASP C 267 27.36 31.02 -8.71
N PHE C 268 27.06 30.92 -7.41
CA PHE C 268 25.76 30.47 -6.92
C PHE C 268 25.20 31.50 -5.96
N PHE C 269 23.87 31.61 -5.93
CA PHE C 269 23.17 32.53 -5.04
C PHE C 269 22.09 31.78 -4.28
N VAL C 270 21.97 32.09 -2.99
CA VAL C 270 20.93 31.52 -2.13
C VAL C 270 20.26 32.66 -1.39
N SER C 271 18.92 32.64 -1.36
CA SER C 271 18.13 33.69 -0.75
C SER C 271 17.20 33.11 0.30
N THR C 272 17.09 33.81 1.43
CA THR C 272 16.19 33.42 2.51
C THR C 272 15.48 34.67 3.03
N VAL C 273 14.32 34.44 3.65
CA VAL C 273 13.46 35.53 4.12
C VAL C 273 13.28 35.49 5.63
N ASP C 274 12.90 34.33 6.17
CA ASP C 274 12.62 34.21 7.61
C ASP C 274 12.93 32.79 8.06
N PRO C 275 13.44 32.62 9.27
CA PRO C 275 13.77 31.26 9.75
C PRO C 275 12.56 30.50 10.27
N LEU C 276 11.62 31.21 10.90
CA LEU C 276 10.48 30.54 11.52
C LEU C 276 9.51 30.00 10.47
N LYS C 277 9.25 30.79 9.42
CA LYS C 277 8.29 30.35 8.42
C LYS C 277 8.78 29.14 7.64
N GLU C 278 10.09 29.05 7.39
CA GLU C 278 10.67 27.94 6.64
C GLU C 278 11.80 27.33 7.47
N PRO C 279 11.80 26.02 7.69
CA PRO C 279 12.82 25.43 8.56
C PRO C 279 14.20 25.59 7.97
N PRO C 280 15.24 25.68 8.80
CA PRO C 280 16.61 25.86 8.29
C PRO C 280 17.31 24.57 7.87
N LEU C 281 16.81 23.40 8.28
CA LEU C 281 17.44 22.08 7.93
C LEU C 281 17.05 21.71 6.51
N ILE C 282 16.42 22.58 5.74
CA ILE C 282 16.17 22.39 4.28
C ILE C 282 17.12 23.35 3.56
N THR C 283 17.50 24.51 4.12
CA THR C 283 18.52 25.44 3.65
C THR C 283 19.92 24.88 3.85
N ALA C 284 20.17 24.26 5.00
CA ALA C 284 21.48 23.66 5.24
C ALA C 284 21.77 22.54 4.26
N ASN C 285 20.77 21.72 3.89
CA ASN C 285 20.94 20.56 2.97
C ASN C 285 21.06 21.08 1.55
N THR C 286 20.52 22.25 1.23
CA THR C 286 20.76 22.86 -0.07
C THR C 286 22.17 23.44 -0.15
N VAL C 287 22.62 24.08 0.93
CA VAL C 287 23.98 24.64 0.93
C VAL C 287 25.01 23.53 0.80
N LEU C 288 24.80 22.42 1.52
CA LEU C 288 25.73 21.29 1.41
C LEU C 288 25.74 20.72 0.00
N SER C 289 24.56 20.58 -0.61
CA SER C 289 24.49 20.07 -1.98
C SER C 289 25.22 20.99 -2.94
N ILE C 290 25.05 22.31 -2.78
CA ILE C 290 25.76 23.27 -3.62
C ILE C 290 27.26 23.13 -3.44
N LEU C 291 27.71 23.01 -2.19
CA LEU C 291 29.15 22.89 -1.92
C LEU C 291 29.73 21.57 -2.41
N ALA C 292 28.89 20.55 -2.58
CA ALA C 292 29.36 19.21 -2.97
C ALA C 292 29.25 18.98 -4.47
N VAL C 293 29.48 20.01 -5.29
CA VAL C 293 29.44 19.86 -6.75
C VAL C 293 30.72 19.20 -7.23
N ASP C 294 30.72 18.75 -8.48
CA ASP C 294 31.89 18.12 -9.11
C ASP C 294 32.49 19.14 -10.07
N TYR C 295 33.56 19.80 -9.64
CA TYR C 295 34.21 20.85 -10.41
C TYR C 295 35.48 21.25 -9.67
N PRO C 296 36.46 21.83 -10.36
CA PRO C 296 37.67 22.28 -9.67
C PRO C 296 37.33 23.24 -8.53
N VAL C 297 38.00 23.05 -7.40
CA VAL C 297 37.69 23.81 -6.19
C VAL C 297 38.17 25.25 -6.25
N ASP C 298 38.93 25.61 -7.28
CA ASP C 298 39.45 26.96 -7.41
C ASP C 298 38.55 27.87 -8.24
N LYS C 299 37.37 27.39 -8.65
CA LYS C 299 36.48 28.15 -9.53
C LYS C 299 35.14 28.46 -8.90
N VAL C 300 34.49 27.48 -8.27
CA VAL C 300 33.13 27.65 -7.79
C VAL C 300 33.13 28.46 -6.49
N SER C 301 32.02 29.14 -6.24
CA SER C 301 31.83 29.92 -5.03
C SER C 301 30.36 29.93 -4.66
N CYS C 302 30.07 30.21 -3.40
CA CYS C 302 28.72 30.18 -2.87
C CYS C 302 28.42 31.46 -2.11
N TYR C 303 27.22 32.01 -2.33
CA TYR C 303 26.76 33.23 -1.70
C TYR C 303 25.40 33.00 -1.05
N VAL C 304 25.22 33.55 0.14
CA VAL C 304 23.97 33.44 0.90
C VAL C 304 23.54 34.82 1.34
N SER C 305 22.24 35.10 1.21
CA SER C 305 21.67 36.38 1.63
C SER C 305 20.34 36.13 2.31
N ASP C 306 20.14 36.78 3.46
CA ASP C 306 18.90 36.70 4.21
C ASP C 306 18.33 38.10 4.39
N ASP C 307 17.09 38.29 3.97
CA ASP C 307 16.46 39.62 4.07
C ASP C 307 16.34 40.05 5.52
N GLY C 308 15.87 39.16 6.38
CA GLY C 308 15.72 39.46 7.80
C GLY C 308 16.85 38.91 8.63
N ALA C 309 17.65 39.80 9.24
CA ALA C 309 18.78 39.35 10.05
C ALA C 309 18.30 38.48 11.19
N ALA C 310 18.98 37.36 11.39
CA ALA C 310 18.63 36.41 12.44
C ALA C 310 19.87 35.67 12.89
N MET C 311 20.00 35.47 14.21
CA MET C 311 21.14 34.75 14.75
C MET C 311 21.04 33.26 14.48
N LEU C 312 19.82 32.73 14.37
CA LEU C 312 19.64 31.31 14.10
C LEU C 312 20.25 30.93 12.77
N THR C 313 20.05 31.75 11.73
CA THR C 313 20.63 31.45 10.43
C THR C 313 22.16 31.45 10.50
N PHE C 314 22.74 32.43 11.20
CA PHE C 314 24.19 32.47 11.34
C PHE C 314 24.72 31.23 12.04
N GLU C 315 24.07 30.83 13.13
CA GLU C 315 24.50 29.63 13.85
C GLU C 315 24.37 28.38 12.98
N SER C 316 23.28 28.27 12.22
CA SER C 316 23.09 27.13 11.34
C SER C 316 24.17 27.10 10.27
N LEU C 317 24.51 28.26 9.70
CA LEU C 317 25.56 28.32 8.69
C LEU C 317 26.90 27.90 9.29
N VAL C 318 27.20 28.35 10.50
CA VAL C 318 28.45 27.96 11.14
C VAL C 318 28.49 26.45 11.34
N GLU C 319 27.39 25.87 11.82
CA GLU C 319 27.35 24.42 12.03
C GLU C 319 27.50 23.66 10.72
N THR C 320 26.85 24.14 9.65
CA THR C 320 26.97 23.49 8.36
C THR C 320 28.40 23.56 7.84
N ALA C 321 29.05 24.72 8.00
CA ALA C 321 30.45 24.84 7.59
C ALA C 321 31.33 23.88 8.37
N GLU C 322 31.08 23.75 9.68
CA GLU C 322 31.86 22.81 10.48
C GLU C 322 31.66 21.37 9.98
N PHE C 323 30.42 21.00 9.66
CA PHE C 323 30.15 19.62 9.25
C PHE C 323 30.64 19.33 7.84
N ALA C 324 30.75 20.36 7.00
CA ALA C 324 31.19 20.15 5.62
C ALA C 324 32.56 19.49 5.57
N ARG C 325 33.43 19.78 6.53
CA ARG C 325 34.76 19.18 6.54
C ARG C 325 34.69 17.66 6.44
N LYS C 326 33.84 17.05 7.27
CA LYS C 326 33.67 15.61 7.20
C LYS C 326 32.80 15.20 6.01
N TRP C 327 31.78 16.00 5.68
CA TRP C 327 30.82 15.59 4.66
C TRP C 327 31.47 15.46 3.29
N VAL C 328 32.33 16.41 2.93
CA VAL C 328 32.82 16.52 1.56
C VAL C 328 33.65 15.31 1.15
N PRO C 329 34.78 15.04 1.81
CA PRO C 329 35.70 14.02 1.26
C PRO C 329 35.07 12.65 1.10
N PHE C 330 34.19 12.24 2.00
CA PHE C 330 33.55 10.94 1.88
C PHE C 330 32.79 10.82 0.56
N CYS C 331 31.92 11.78 0.28
CA CYS C 331 31.18 11.78 -0.97
C CYS C 331 32.11 11.89 -2.18
N LYS C 332 33.12 12.77 -2.08
CA LYS C 332 34.02 12.95 -3.21
C LYS C 332 34.74 11.65 -3.55
N LYS C 333 35.13 10.89 -2.53
CA LYS C 333 35.84 9.63 -2.78
C LYS C 333 34.89 8.55 -3.29
N PHE C 334 33.70 8.43 -2.71
CA PHE C 334 32.82 7.30 -3.00
C PHE C 334 31.86 7.55 -4.16
N SER C 335 31.84 8.75 -4.73
CA SER C 335 31.05 9.03 -5.93
C SER C 335 29.60 8.58 -5.75
N ILE C 336 28.98 9.05 -4.67
CA ILE C 336 27.61 8.70 -4.34
C ILE C 336 26.69 9.84 -4.78
N GLU C 337 25.45 9.49 -5.12
CA GLU C 337 24.45 10.45 -5.55
C GLU C 337 23.09 9.97 -5.08
N PRO C 338 22.21 10.85 -4.59
CA PRO C 338 22.43 12.30 -4.42
C PRO C 338 23.35 12.63 -3.25
N ARG C 339 23.89 13.83 -3.22
CA ARG C 339 24.86 14.25 -2.22
C ARG C 339 24.23 15.01 -1.07
N ALA C 340 22.91 15.22 -1.02
CA ALA C 340 22.21 15.94 0.08
C ALA C 340 22.06 14.97 1.23
N PRO C 341 22.55 15.21 2.45
CA PRO C 341 22.56 14.15 3.45
C PRO C 341 21.20 13.54 3.76
N GLU C 342 20.11 14.28 3.88
CA GLU C 342 18.81 13.76 4.38
C GLU C 342 18.11 12.90 3.34
N PHE C 343 18.44 13.01 2.06
CA PHE C 343 17.74 12.29 0.96
C PHE C 343 18.60 11.14 0.45
N TYR C 344 19.81 10.91 0.97
CA TYR C 344 20.66 9.74 0.62
C TYR C 344 20.42 8.65 1.66
N PHE C 345 20.15 8.99 2.93
CA PHE C 345 20.01 8.04 4.06
C PHE C 345 18.53 7.73 4.30
N SER C 346 17.59 8.31 3.56
CA SER C 346 16.12 8.13 3.73
C SER C 346 15.55 7.60 2.42
N GLN C 347 16.17 6.58 1.88
CA GLN C 347 15.85 5.97 0.60
C GLN C 347 15.71 4.47 0.78
N LYS C 348 14.79 3.87 0.03
CA LYS C 348 14.55 2.44 0.07
C LYS C 348 15.35 1.67 -0.98
N ILE C 349 16.10 2.37 -1.83
CA ILE C 349 16.89 1.70 -2.85
C ILE C 349 18.10 1.03 -2.21
N ASP C 350 18.48 -0.13 -2.75
CA ASP C 350 19.65 -0.82 -2.25
C ASP C 350 20.89 0.02 -2.48
N TYR C 351 21.70 0.20 -1.43
CA TYR C 351 22.90 1.01 -1.51
C TYR C 351 24.12 0.23 -1.97
N LEU C 352 24.02 -1.08 -2.12
CA LEU C 352 25.11 -1.92 -2.61
C LEU C 352 24.67 -2.48 -3.96
N LYS C 353 24.88 -1.70 -5.02
CA LYS C 353 24.50 -2.09 -6.38
C LYS C 353 25.71 -2.23 -7.29
N ASP C 354 26.57 -1.22 -7.35
CA ASP C 354 27.74 -1.24 -8.22
C ASP C 354 29.04 -0.88 -7.50
N LYS C 355 29.00 -0.68 -6.19
CA LYS C 355 30.21 -0.33 -5.46
C LYS C 355 31.20 -1.48 -5.48
N VAL C 356 32.49 -1.15 -5.55
CA VAL C 356 33.54 -2.16 -5.62
C VAL C 356 34.59 -1.90 -4.55
N GLN C 357 34.50 -0.76 -3.86
CA GLN C 357 35.47 -0.43 -2.85
C GLN C 357 35.32 -1.37 -1.64
N PRO C 358 36.44 -1.70 -0.96
CA PRO C 358 36.38 -2.72 0.09
C PRO C 358 35.84 -2.21 1.42
N SER C 359 36.10 -0.95 1.77
CA SER C 359 35.83 -0.42 3.11
C SER C 359 34.66 0.57 3.09
N PHE C 360 33.62 0.27 2.34
CA PHE C 360 32.48 1.19 2.23
C PHE C 360 31.67 1.23 3.51
N VAL C 361 31.32 0.06 4.05
CA VAL C 361 30.38 -0.01 5.17
C VAL C 361 30.97 0.58 6.44
N LYS C 362 32.27 0.36 6.67
CA LYS C 362 32.90 0.85 7.88
C LYS C 362 32.80 2.37 7.97
N GLU C 363 33.02 3.05 6.85
CA GLU C 363 32.88 4.50 6.83
C GLU C 363 31.41 4.92 6.81
N ARG C 364 30.54 4.14 6.16
CA ARG C 364 29.13 4.50 6.08
C ARG C 364 28.48 4.55 7.46
N ARG C 365 28.79 3.56 8.31
CA ARG C 365 28.21 3.54 9.64
C ARG C 365 28.62 4.76 10.45
N ALA C 366 29.91 5.11 10.41
CA ALA C 366 30.39 6.28 11.13
C ALA C 366 29.76 7.56 10.58
N MET C 367 29.61 7.65 9.25
CA MET C 367 29.00 8.82 8.66
C MET C 367 27.55 8.97 9.12
N LYS C 368 26.81 7.87 9.17
CA LYS C 368 25.43 7.93 9.64
C LYS C 368 25.36 8.39 11.10
N ARG C 369 26.24 7.84 11.94
CA ARG C 369 26.25 8.27 13.34
C ARG C 369 26.55 9.76 13.46
N ASP C 370 27.55 10.23 12.71
CA ASP C 370 27.91 11.65 12.76
C ASP C 370 26.77 12.51 12.25
N TYR C 371 26.06 12.15 11.21
CA TYR C 371 24.92 12.93 10.72
C TYR C 371 23.94 13.01 11.86
N GLU C 372 23.53 11.89 12.44
CA GLU C 372 22.51 11.98 13.50
C GLU C 372 22.95 12.93 14.61
N GLU C 373 24.22 12.82 15.02
CA GLU C 373 24.73 13.71 16.06
C GLU C 373 24.64 15.17 15.63
N TYR C 374 24.99 15.45 14.38
CA TYR C 374 24.87 16.82 13.87
C TYR C 374 23.42 17.28 13.83
N LYS C 375 22.48 16.42 13.43
CA LYS C 375 21.03 16.77 13.29
C LYS C 375 20.43 17.08 14.62
N VAL C 376 20.95 16.52 15.71
CA VAL C 376 20.40 16.86 17.03
C VAL C 376 20.68 18.31 17.40
N ARG C 377 21.86 18.83 17.03
CA ARG C 377 22.27 20.15 17.51
C ARG C 377 21.46 21.28 16.87
N VAL C 378 21.02 21.11 15.63
CA VAL C 378 20.19 22.14 15.00
C VAL C 378 18.86 22.28 15.75
N ASN C 379 18.25 21.15 16.12
CA ASN C 379 17.04 21.19 16.92
C ASN C 379 17.30 21.85 18.27
N ALA C 380 18.44 21.53 18.88
CA ALA C 380 18.79 22.17 20.15
C ALA C 380 18.88 23.70 19.99
N LEU C 381 19.54 24.15 18.93
CA LEU C 381 19.67 25.59 18.68
C LEU C 381 18.32 26.24 18.48
N VAL C 382 17.45 25.60 17.71
CA VAL C 382 16.12 26.17 17.46
C VAL C 382 15.33 26.25 18.77
N ALA C 383 15.41 25.20 19.60
CA ALA C 383 14.71 25.22 20.88
C ALA C 383 15.21 26.36 21.74
N LYS C 384 16.53 26.58 21.78
CA LYS C 384 17.05 27.69 22.57
C LYS C 384 16.57 29.03 22.01
N ALA C 385 16.60 29.18 20.68
CA ALA C 385 16.23 30.45 20.05
C ALA C 385 14.74 30.73 20.11
N GLN C 386 13.91 29.74 20.47
CA GLN C 386 12.47 29.97 20.53
C GLN C 386 12.14 31.22 21.35
N LYS C 387 12.72 31.35 22.53
CA LYS C 387 12.44 32.48 23.42
C LYS C 387 13.55 33.51 23.33
N THR C 388 13.16 34.79 23.25
CA THR C 388 14.13 35.87 23.12
C THR C 388 14.33 36.58 24.46
N PRO C 389 15.55 36.99 24.78
CA PRO C 389 15.76 37.75 26.02
C PRO C 389 15.18 39.15 25.92
N ASP C 390 14.86 39.70 27.10
CA ASP C 390 14.27 41.04 27.14
C ASP C 390 15.23 42.09 26.60
N GLU C 391 16.51 42.02 26.99
CA GLU C 391 17.48 43.02 26.56
C GLU C 391 17.83 42.86 25.09
N GLY C 392 18.06 41.62 24.65
CA GLY C 392 18.42 41.35 23.27
C GLY C 392 19.46 40.27 23.14
N TRP C 393 19.64 39.75 21.93
CA TRP C 393 20.62 38.71 21.70
C TRP C 393 22.04 39.27 21.82
N THR C 394 22.95 38.45 22.34
CA THR C 394 24.35 38.82 22.51
C THR C 394 25.24 37.74 21.91
N MET C 395 26.32 38.17 21.28
CA MET C 395 27.24 37.24 20.65
C MET C 395 28.12 36.55 21.69
N GLN C 396 28.74 35.44 21.28
CA GLN C 396 29.56 34.66 22.20
C GLN C 396 30.75 35.47 22.70
N ASP C 397 31.38 36.26 21.83
CA ASP C 397 32.53 37.04 22.24
C ASP C 397 32.17 38.03 23.34
N GLY C 398 30.92 38.47 23.39
CA GLY C 398 30.48 39.38 24.44
C GLY C 398 30.04 40.74 23.93
N THR C 399 29.51 40.78 22.71
CA THR C 399 29.02 42.02 22.11
C THR C 399 27.61 41.80 21.58
N PRO C 400 26.80 42.86 21.55
CA PRO C 400 25.42 42.71 21.07
C PRO C 400 25.38 42.40 19.58
N TRP C 401 24.34 41.69 19.18
CA TRP C 401 24.12 41.41 17.76
C TRP C 401 23.84 42.72 17.03
N PRO C 402 24.56 43.02 15.94
CA PRO C 402 24.36 44.35 15.31
C PRO C 402 22.91 44.62 14.91
N GLY C 403 22.19 43.61 14.43
CA GLY C 403 20.81 43.80 14.03
C GLY C 403 19.82 43.36 15.09
N ASN C 404 19.31 44.31 15.86
CA ASN C 404 18.33 44.02 16.91
C ASN C 404 16.91 44.36 16.49
N ASN C 405 16.74 45.10 15.40
CA ASN C 405 15.42 45.45 14.87
C ASN C 405 15.30 44.92 13.45
N THR C 406 14.21 44.21 13.17
CA THR C 406 14.02 43.65 11.84
C THR C 406 13.98 44.74 10.77
N ARG C 407 13.46 45.92 11.11
CA ARG C 407 13.33 47.01 10.17
C ARG C 407 14.50 47.98 10.20
N ASP C 408 15.54 47.71 11.00
CA ASP C 408 16.69 48.60 11.10
C ASP C 408 17.90 47.77 11.48
N HIS C 409 18.83 47.61 10.54
CA HIS C 409 20.07 46.89 10.79
C HIS C 409 21.12 47.26 9.75
N PRO C 410 22.31 47.69 10.15
CA PRO C 410 23.36 47.97 9.16
C PRO C 410 23.77 46.72 8.41
N GLY C 411 24.20 46.91 7.16
CA GLY C 411 24.62 45.78 6.35
C GLY C 411 25.84 45.10 6.92
N MET C 412 25.94 43.80 6.64
CA MET C 412 27.03 42.98 7.16
C MET C 412 27.51 42.02 6.08
N ILE C 413 28.79 41.69 6.12
CA ILE C 413 29.40 40.76 5.19
C ILE C 413 30.40 39.90 5.95
N GLN C 414 30.44 38.61 5.61
CA GLN C 414 31.40 37.70 6.24
C GLN C 414 31.74 36.58 5.26
N VAL C 415 32.91 35.99 5.49
CA VAL C 415 33.43 34.91 4.64
C VAL C 415 33.78 33.73 5.52
N PHE C 416 33.33 32.54 5.13
CA PHE C 416 33.59 31.32 5.85
C PHE C 416 34.08 30.24 4.89
N LEU C 417 34.92 29.34 5.41
CA LEU C 417 35.42 28.20 4.64
C LEU C 417 36.12 28.66 3.36
N GLY C 418 36.83 29.77 3.45
CA GLY C 418 37.53 30.32 2.30
C GLY C 418 38.85 29.64 2.06
N ASN C 419 39.58 30.17 1.08
CA ASN C 419 40.89 29.61 0.74
C ASN C 419 41.85 29.71 1.92
N THR C 420 41.85 30.86 2.60
CA THR C 420 42.68 31.08 3.78
C THR C 420 41.81 30.87 5.00
N GLY C 421 41.75 29.62 5.47
CA GLY C 421 40.93 29.29 6.63
C GLY C 421 40.86 27.80 6.89
N ALA C 422 39.66 27.31 7.18
CA ALA C 422 39.49 25.89 7.49
C ALA C 422 39.87 25.04 6.29
N ARG C 423 40.44 23.88 6.57
CA ARG C 423 40.85 22.92 5.54
C ARG C 423 40.29 21.55 5.88
N ASP C 424 40.16 20.72 4.85
CA ASP C 424 39.63 19.37 5.02
C ASP C 424 40.54 18.58 5.95
N ILE C 425 40.01 17.44 6.41
CA ILE C 425 40.78 16.58 7.32
C ILE C 425 42.04 16.09 6.63
N GLU C 426 41.93 15.67 5.37
CA GLU C 426 43.10 15.20 4.66
C GLU C 426 44.13 16.30 4.50
N GLY C 427 43.69 17.51 4.19
CA GLY C 427 44.59 18.63 4.03
C GLY C 427 44.32 19.47 2.80
N ASN C 428 43.25 19.15 2.07
CA ASN C 428 42.91 19.88 0.86
C ASN C 428 42.05 21.10 1.22
N GLU C 429 41.65 21.84 0.19
CA GLU C 429 40.84 23.03 0.35
C GLU C 429 39.40 22.76 -0.08
N LEU C 430 38.52 23.70 0.23
CA LEU C 430 37.10 23.61 -0.05
C LEU C 430 36.61 24.93 -0.63
N PRO C 431 35.49 24.92 -1.35
CA PRO C 431 34.98 26.17 -1.93
C PRO C 431 34.66 27.20 -0.86
N ARG C 432 34.89 28.46 -1.20
CA ARG C 432 34.62 29.55 -0.28
C ARG C 432 33.12 29.80 -0.16
N LEU C 433 32.71 30.36 0.98
CA LEU C 433 31.33 30.70 1.25
C LEU C 433 31.25 32.13 1.73
N VAL C 434 30.26 32.87 1.25
CA VAL C 434 30.06 34.27 1.62
C VAL C 434 28.65 34.45 2.14
N TYR C 435 28.52 35.20 3.24
CA TYR C 435 27.22 35.53 3.83
C TYR C 435 27.07 37.05 3.87
N VAL C 436 25.96 37.55 3.32
CA VAL C 436 25.75 38.98 3.19
C VAL C 436 24.34 39.32 3.65
N SER C 437 24.21 40.43 4.37
CA SER C 437 22.93 40.97 4.82
C SER C 437 22.88 42.45 4.46
N ARG C 438 21.76 42.88 3.87
CA ARG C 438 21.63 44.24 3.39
C ARG C 438 21.38 45.20 4.55
N GLU C 439 21.22 46.48 4.23
CA GLU C 439 20.95 47.53 5.19
C GLU C 439 19.54 48.07 4.95
N LYS C 440 18.78 48.25 6.02
CA LYS C 440 17.41 48.74 5.94
C LYS C 440 17.23 49.90 6.90
N ARG C 441 16.55 50.94 6.44
CA ARG C 441 16.21 52.11 7.26
C ARG C 441 14.77 52.51 6.98
N PRO C 442 14.09 53.11 7.95
CA PRO C 442 12.70 53.50 7.73
C PRO C 442 12.59 54.63 6.72
N GLY C 443 11.44 54.67 6.04
CA GLY C 443 11.16 55.72 5.09
C GLY C 443 11.46 55.40 3.64
N TYR C 444 11.77 54.15 3.31
CA TYR C 444 12.08 53.74 1.95
C TYR C 444 11.33 52.47 1.62
N GLN C 445 11.33 52.14 0.32
CA GLN C 445 10.72 50.92 -0.18
C GLN C 445 11.81 49.98 -0.68
N HIS C 446 11.72 48.71 -0.28
CA HIS C 446 12.70 47.69 -0.66
C HIS C 446 11.96 46.57 -1.38
N HIS C 447 12.17 46.48 -2.69
CA HIS C 447 11.54 45.42 -3.47
C HIS C 447 12.01 44.06 -2.97
N LYS C 448 11.09 43.09 -2.99
CA LYS C 448 11.32 41.84 -2.28
C LYS C 448 12.53 41.09 -2.82
N LYS C 449 12.47 40.65 -4.08
CA LYS C 449 13.48 39.76 -4.65
C LYS C 449 14.42 40.42 -5.64
N ALA C 450 13.91 41.33 -6.48
CA ALA C 450 14.76 41.95 -7.50
C ALA C 450 15.86 42.77 -6.86
N GLY C 451 15.53 43.54 -5.81
CA GLY C 451 16.54 44.33 -5.14
C GLY C 451 17.62 43.47 -4.50
N ALA C 452 17.22 42.37 -3.85
CA ALA C 452 18.20 41.45 -3.26
C ALA C 452 19.08 40.84 -4.34
N GLU C 453 18.50 40.45 -5.46
CA GLU C 453 19.29 39.87 -6.54
C GLU C 453 20.30 40.87 -7.09
N ASN C 454 19.87 42.13 -7.28
CA ASN C 454 20.79 43.15 -7.77
C ASN C 454 21.91 43.41 -6.77
N ALA C 455 21.57 43.47 -5.47
CA ALA C 455 22.59 43.68 -4.46
C ALA C 455 23.60 42.53 -4.45
N LEU C 456 23.10 41.29 -4.57
CA LEU C 456 24.00 40.14 -4.62
C LEU C 456 24.90 40.21 -5.84
N VAL C 457 24.34 40.59 -6.99
CA VAL C 457 25.14 40.68 -8.22
C VAL C 457 26.25 41.71 -8.03
N ARG C 458 25.90 42.88 -7.49
CA ARG C 458 26.91 43.93 -7.30
C ARG C 458 27.98 43.49 -6.31
N VAL C 459 27.58 42.83 -5.22
CA VAL C 459 28.55 42.39 -4.22
C VAL C 459 29.49 41.34 -4.83
N SER C 460 28.93 40.40 -5.60
CA SER C 460 29.77 39.39 -6.24
C SER C 460 30.74 40.04 -7.23
N ALA C 461 30.26 41.01 -8.01
CA ALA C 461 31.15 41.68 -8.96
C ALA C 461 32.28 42.39 -8.23
N VAL C 462 31.96 43.05 -7.11
CA VAL C 462 33.00 43.75 -6.36
C VAL C 462 34.00 42.76 -5.78
N LEU C 463 33.52 41.65 -5.23
CA LEU C 463 34.40 40.74 -4.50
C LEU C 463 35.21 39.85 -5.43
N THR C 464 34.52 39.00 -6.20
CA THR C 464 35.17 38.02 -7.07
C THR C 464 34.40 37.97 -8.38
N ASN C 465 34.96 38.58 -9.42
CA ASN C 465 34.31 38.60 -10.72
C ASN C 465 34.27 37.21 -11.33
N ALA C 466 33.12 36.86 -11.92
CA ALA C 466 32.95 35.60 -12.62
C ALA C 466 32.21 35.87 -13.92
N PRO C 467 32.38 35.00 -14.93
CA PRO C 467 31.71 35.21 -16.21
C PRO C 467 30.30 34.64 -16.33
N TYR C 468 29.83 33.90 -15.33
CA TYR C 468 28.50 33.32 -15.38
C TYR C 468 27.91 33.33 -13.97
N ILE C 469 26.58 33.36 -13.91
CA ILE C 469 25.85 33.43 -12.65
C ILE C 469 24.79 32.35 -12.64
N LEU C 470 24.69 31.61 -11.54
CA LEU C 470 23.68 30.57 -11.36
C LEU C 470 22.75 30.98 -10.24
N ASN C 471 21.45 30.82 -10.47
CA ASN C 471 20.42 31.21 -9.50
C ASN C 471 19.64 29.97 -9.06
N LEU C 472 19.32 29.93 -7.77
CA LEU C 472 18.56 28.81 -7.21
C LEU C 472 17.74 29.31 -6.03
N ASP C 473 16.70 28.56 -5.69
CA ASP C 473 15.78 28.91 -4.58
C ASP C 473 16.32 28.26 -3.33
N CYS C 474 15.61 28.31 -2.22
CA CYS C 474 15.99 27.71 -0.95
C CYS C 474 15.35 26.35 -0.74
N ASP C 475 14.54 25.85 -1.66
CA ASP C 475 13.92 24.50 -1.58
C ASP C 475 14.59 23.55 -2.59
N HIS C 476 14.79 23.96 -3.84
CA HIS C 476 15.35 23.04 -4.83
C HIS C 476 16.80 22.71 -4.48
N TYR C 477 17.21 21.50 -4.86
CA TYR C 477 18.57 21.03 -4.60
C TYR C 477 19.10 20.30 -5.83
N VAL C 478 20.43 20.26 -5.93
CA VAL C 478 21.08 19.64 -7.08
C VAL C 478 21.03 18.13 -6.93
N ASN C 479 20.62 17.44 -8.01
CA ASN C 479 20.54 15.99 -8.02
C ASN C 479 21.64 15.31 -8.82
N ASN C 480 22.27 16.02 -9.76
CA ASN C 480 23.33 15.47 -10.58
C ASN C 480 24.61 16.28 -10.39
N SER C 481 25.73 15.57 -10.26
CA SER C 481 27.02 16.21 -10.04
C SER C 481 27.67 16.71 -11.33
N LYS C 482 27.17 16.29 -12.49
CA LYS C 482 27.74 16.68 -13.78
C LYS C 482 26.95 17.77 -14.47
N ALA C 483 26.02 18.43 -13.76
CA ALA C 483 25.20 19.46 -14.38
C ALA C 483 26.04 20.63 -14.85
N VAL C 484 27.05 21.02 -14.08
CA VAL C 484 27.89 22.14 -14.46
C VAL C 484 28.63 21.84 -15.76
N ARG C 485 29.21 20.64 -15.85
CA ARG C 485 29.90 20.25 -17.07
C ARG C 485 28.94 20.16 -18.24
N GLU C 486 27.74 19.63 -18.01
CA GLU C 486 26.75 19.52 -19.07
C GLU C 486 26.28 20.87 -19.57
N ALA C 487 26.22 21.88 -18.70
CA ALA C 487 25.81 23.21 -19.10
C ALA C 487 26.95 24.02 -19.71
N MET C 488 28.20 23.73 -19.36
CA MET C 488 29.33 24.46 -19.94
C MET C 488 29.62 24.07 -21.38
N CYS C 489 29.25 22.85 -21.81
CA CYS C 489 29.57 22.43 -23.17
C CYS C 489 28.75 23.17 -24.22
N ILE C 490 27.71 23.89 -23.83
CA ILE C 490 26.95 24.70 -24.75
C ILE C 490 27.36 26.17 -24.71
N LEU C 491 27.96 26.64 -23.62
CA LEU C 491 28.36 28.02 -23.48
C LEU C 491 29.84 28.26 -23.76
N MET C 492 30.67 27.22 -23.78
CA MET C 492 32.08 27.35 -24.09
C MET C 492 32.43 26.79 -25.46
N ASP C 493 31.44 26.61 -26.32
CA ASP C 493 31.68 26.12 -27.68
C ASP C 493 31.95 27.31 -28.60
N PRO C 494 33.14 27.40 -29.22
CA PRO C 494 33.49 28.65 -29.91
C PRO C 494 32.48 29.13 -30.93
N GLN C 495 31.86 28.22 -31.67
CA GLN C 495 30.97 28.62 -32.76
C GLN C 495 29.54 28.89 -32.28
N VAL C 496 28.92 27.91 -31.61
CA VAL C 496 27.52 28.04 -31.23
C VAL C 496 27.30 28.85 -29.96
N GLY C 497 28.35 29.12 -29.19
CA GLY C 497 28.23 29.89 -27.97
C GLY C 497 28.43 31.39 -28.15
N ARG C 498 28.54 31.88 -29.38
CA ARG C 498 28.79 33.30 -29.60
C ARG C 498 27.66 34.15 -29.05
N ASP C 499 26.41 33.76 -29.30
CA ASP C 499 25.22 34.52 -28.91
C ASP C 499 24.28 33.62 -28.13
N VAL C 500 24.49 33.55 -26.81
CA VAL C 500 23.62 32.79 -25.92
C VAL C 500 23.48 33.57 -24.63
N CYS C 501 22.25 33.90 -24.24
CA CYS C 501 22.03 34.67 -23.03
C CYS C 501 21.99 33.77 -21.80
N TYR C 502 21.23 32.67 -21.87
CA TYR C 502 21.14 31.75 -20.76
C TYR C 502 20.66 30.39 -21.26
N VAL C 503 20.84 29.38 -20.42
CA VAL C 503 20.42 28.02 -20.71
C VAL C 503 19.38 27.62 -19.67
N GLN C 504 18.22 27.16 -20.14
CA GLN C 504 17.11 26.80 -19.26
C GLN C 504 17.13 25.30 -18.97
N PHE C 505 16.74 24.95 -17.74
CA PHE C 505 16.62 23.57 -17.32
C PHE C 505 15.21 23.28 -16.82
N PRO C 506 14.63 22.13 -17.16
CA PRO C 506 13.29 21.82 -16.66
C PRO C 506 13.30 21.61 -15.15
N GLN C 507 12.17 21.93 -14.52
CA GLN C 507 12.01 21.79 -13.09
C GLN C 507 11.12 20.57 -12.80
N ARG C 508 11.56 19.72 -11.88
CA ARG C 508 10.86 18.52 -11.52
C ARG C 508 10.64 18.48 -10.01
N PHE C 509 9.54 17.86 -9.60
CA PHE C 509 9.16 17.76 -8.20
C PHE C 509 9.09 16.31 -7.77
N ASP C 510 9.40 16.06 -6.51
CA ASP C 510 9.35 14.73 -5.91
C ASP C 510 8.27 14.70 -4.84
N GLY C 511 8.16 13.55 -4.18
CA GLY C 511 7.16 13.39 -3.13
C GLY C 511 5.74 13.57 -3.65
N ILE C 512 5.44 13.00 -4.81
CA ILE C 512 4.14 13.11 -5.44
C ILE C 512 3.57 11.71 -5.62
N ASP C 513 2.30 11.55 -5.26
CA ASP C 513 1.65 10.25 -5.40
C ASP C 513 1.57 9.84 -6.87
N ARG C 514 1.46 8.53 -7.10
CA ARG C 514 1.38 8.02 -8.46
C ARG C 514 0.25 8.67 -9.24
N SER C 515 -0.86 8.98 -8.57
CA SER C 515 -2.01 9.64 -9.20
C SER C 515 -1.88 11.13 -8.95
N ASP C 516 -1.44 11.86 -9.98
CA ASP C 516 -1.31 13.32 -9.89
C ASP C 516 -2.69 13.94 -10.01
N ARG C 517 -3.43 13.89 -8.89
CA ARG C 517 -4.81 14.37 -8.89
C ARG C 517 -4.88 15.85 -9.24
N TYR C 518 -4.00 16.66 -8.66
CA TYR C 518 -4.04 18.11 -8.84
C TYR C 518 -3.15 18.59 -9.97
N ALA C 519 -2.57 17.68 -10.75
CA ALA C 519 -1.70 18.04 -11.87
C ALA C 519 -0.56 18.94 -11.42
N ASN C 520 -0.01 18.64 -10.24
CA ASN C 520 1.09 19.43 -9.73
C ASN C 520 2.34 19.30 -10.61
N ARG C 521 2.52 18.14 -11.23
CA ARG C 521 3.70 17.93 -12.08
C ARG C 521 3.72 18.92 -13.24
N ASN C 522 2.59 19.09 -13.91
CA ASN C 522 2.49 19.96 -15.09
C ASN C 522 3.50 19.52 -16.15
N ILE C 523 3.40 18.27 -16.58
CA ILE C 523 4.37 17.73 -17.53
C ILE C 523 4.09 18.19 -18.95
N VAL C 524 2.82 18.47 -19.28
CA VAL C 524 2.47 18.77 -20.67
C VAL C 524 3.14 20.05 -21.13
N PHE C 525 3.10 21.10 -20.31
CA PHE C 525 3.72 22.36 -20.69
C PHE C 525 5.20 22.14 -21.01
N PHE C 526 5.93 21.55 -20.06
CA PHE C 526 7.37 21.39 -20.23
C PHE C 526 7.70 20.49 -21.41
N ASP C 527 6.93 19.42 -21.63
CA ASP C 527 7.26 18.44 -22.64
C ASP C 527 6.71 18.78 -24.02
N VAL C 528 5.88 19.81 -24.14
CA VAL C 528 5.33 20.17 -25.45
C VAL C 528 5.67 21.62 -25.81
N ASN C 529 5.22 22.57 -24.98
CA ASN C 529 5.31 23.97 -25.37
C ASN C 529 6.76 24.44 -25.40
N MET C 530 7.56 24.07 -24.40
CA MET C 530 8.96 24.47 -24.37
C MET C 530 9.72 23.88 -25.55
N LYS C 531 9.49 22.61 -25.85
CA LYS C 531 10.16 21.99 -26.99
C LYS C 531 9.76 22.65 -28.29
N GLY C 532 8.47 22.99 -28.43
CA GLY C 532 8.02 23.65 -29.65
C GLY C 532 8.62 25.04 -29.81
N LEU C 533 8.69 25.80 -28.71
CA LEU C 533 9.22 27.15 -28.77
C LEU C 533 10.75 27.20 -28.81
N ASP C 534 11.41 26.08 -28.51
CA ASP C 534 12.87 26.05 -28.59
C ASP C 534 13.39 26.18 -30.01
N GLY C 535 12.53 26.06 -31.02
CA GLY C 535 12.98 26.07 -32.40
C GLY C 535 13.12 27.46 -32.99
N ILE C 536 12.48 28.46 -32.39
CA ILE C 536 12.50 29.81 -32.94
C ILE C 536 13.70 30.57 -32.37
N GLN C 537 13.67 30.85 -31.09
CA GLN C 537 14.80 31.46 -30.38
C GLN C 537 15.16 30.72 -29.11
N GLY C 538 14.17 30.20 -28.38
CA GLY C 538 14.43 29.46 -27.17
C GLY C 538 13.28 29.56 -26.18
N PRO C 539 13.43 28.89 -25.02
CA PRO C 539 12.36 28.92 -24.02
C PRO C 539 12.29 30.24 -23.27
N MET C 540 11.42 30.31 -22.27
CA MET C 540 11.24 31.47 -21.42
C MET C 540 11.86 31.24 -20.06
N TYR C 541 11.96 32.32 -19.29
CA TYR C 541 12.53 32.24 -17.93
C TYR C 541 11.44 31.86 -16.94
N VAL C 542 11.72 30.85 -16.13
CA VAL C 542 10.78 30.37 -15.11
C VAL C 542 11.09 30.94 -13.75
N GLY C 543 12.38 31.06 -13.40
CA GLY C 543 12.77 31.65 -12.14
C GLY C 543 13.91 30.92 -11.45
N THR C 544 14.05 29.63 -11.69
CA THR C 544 15.07 28.82 -11.04
C THR C 544 15.77 27.94 -12.08
N GLY C 545 17.03 27.63 -11.81
CA GLY C 545 17.81 26.76 -12.66
C GLY C 545 18.15 27.40 -14.00
N CYS C 546 18.97 28.45 -13.97
CA CYS C 546 19.39 29.12 -15.18
C CYS C 546 20.79 29.68 -14.99
N VAL C 547 21.57 29.67 -16.06
CA VAL C 547 22.92 30.20 -16.09
C VAL C 547 22.90 31.47 -16.95
N PHE C 548 23.14 32.61 -16.32
CA PHE C 548 23.08 33.91 -16.99
C PHE C 548 24.48 34.46 -17.21
N ASN C 549 24.63 35.21 -18.30
CA ASN C 549 25.89 35.85 -18.64
C ASN C 549 25.98 37.22 -17.98
N ARG C 550 27.16 37.55 -17.47
CA ARG C 550 27.34 38.84 -16.81
C ARG C 550 27.13 40.00 -17.76
N GLN C 551 27.69 39.90 -18.98
CA GLN C 551 27.49 40.96 -19.96
C GLN C 551 26.03 41.06 -20.38
N ALA C 552 25.36 39.92 -20.55
CA ALA C 552 23.94 39.95 -20.89
C ALA C 552 23.13 40.63 -19.80
N LEU C 553 23.46 40.33 -18.53
CA LEU C 553 22.76 40.98 -17.42
C LEU C 553 23.01 42.49 -17.43
N TYR C 554 24.25 42.91 -17.66
CA TYR C 554 24.54 44.33 -17.80
C TYR C 554 23.76 44.94 -18.95
N GLY C 555 23.45 44.14 -19.96
CA GLY C 555 22.61 44.59 -21.06
C GLY C 555 23.36 45.41 -22.11
N TYR C 556 24.32 44.78 -22.78
CA TYR C 556 25.05 45.43 -23.87
C TYR C 556 24.48 45.06 -25.23
N GLY C 557 24.39 43.76 -25.53
CA GLY C 557 23.89 43.30 -26.80
C GLY C 557 24.73 42.18 -27.38
N PRO C 558 24.24 41.54 -28.43
CA PRO C 558 24.99 40.42 -29.02
C PRO C 558 26.34 40.88 -29.54
N PRO C 559 27.38 40.05 -29.39
CA PRO C 559 28.72 40.49 -29.85
C PRO C 559 28.82 40.65 -31.36
N SER C 560 28.00 39.96 -32.14
CA SER C 560 28.11 40.00 -33.60
C SER C 560 27.35 41.18 -34.20
N MET C 561 26.10 41.36 -33.79
CA MET C 561 25.30 42.44 -34.36
C MET C 561 25.92 43.79 -34.01
N PRO C 562 26.14 44.66 -34.98
CA PRO C 562 26.78 45.96 -34.71
C PRO C 562 25.80 46.95 -34.10
N SER C 623 31.37 58.15 -21.99
CA SER C 623 32.28 58.99 -21.21
C SER C 623 32.15 58.68 -19.73
N GLN C 624 32.97 59.34 -18.91
CA GLN C 624 32.93 59.10 -17.47
C GLN C 624 31.58 59.48 -16.89
N LEU C 625 31.03 60.63 -17.31
CA LEU C 625 29.73 61.05 -16.78
C LEU C 625 28.63 60.08 -17.19
N SER C 626 28.66 59.63 -18.44
CA SER C 626 27.66 58.67 -18.91
C SER C 626 27.76 57.36 -18.12
N PHE C 627 28.97 56.86 -17.93
CA PHE C 627 29.15 55.63 -17.16
C PHE C 627 28.65 55.81 -15.73
N GLU C 628 28.99 56.94 -15.11
CA GLU C 628 28.53 57.18 -13.74
C GLU C 628 27.01 57.19 -13.66
N LYS C 629 26.37 58.01 -14.49
CA LYS C 629 24.91 58.09 -14.47
C LYS C 629 24.18 56.84 -14.94
N THR C 630 24.88 55.93 -15.63
CA THR C 630 24.27 54.67 -16.02
C THR C 630 24.45 53.56 -14.99
N PHE C 631 25.55 53.57 -14.24
CA PHE C 631 25.84 52.48 -13.31
C PHE C 631 25.71 52.91 -11.84
N GLY C 632 26.42 53.96 -11.43
CA GLY C 632 26.47 54.30 -10.02
C GLY C 632 27.62 55.27 -9.76
N LEU C 633 27.81 55.55 -8.48
CA LEU C 633 28.88 56.46 -8.06
C LEU C 633 30.14 55.75 -7.63
N SER C 634 30.09 54.46 -7.34
CA SER C 634 31.27 53.73 -6.93
C SER C 634 32.22 53.58 -8.11
N PRO C 635 33.50 53.97 -7.98
CA PRO C 635 34.42 53.85 -9.12
C PRO C 635 34.96 52.44 -9.31
N VAL C 636 35.08 51.69 -8.22
CA VAL C 636 35.61 50.33 -8.31
C VAL C 636 34.70 49.47 -9.17
N PHE C 637 33.38 49.57 -8.95
CA PHE C 637 32.44 48.80 -9.74
C PHE C 637 32.50 49.22 -11.21
N ILE C 638 32.62 50.52 -11.47
CA ILE C 638 32.67 51.00 -12.84
C ILE C 638 33.89 50.44 -13.55
N GLU C 639 35.05 50.48 -12.90
CA GLU C 639 36.28 49.98 -13.53
C GLU C 639 36.35 48.46 -13.58
N SER C 640 35.60 47.75 -12.74
CA SER C 640 35.66 46.29 -12.77
C SER C 640 35.14 45.74 -14.09
N THR C 641 34.07 46.32 -14.63
CA THR C 641 33.44 45.76 -15.82
C THR C 641 34.34 45.82 -17.05
N LEU C 642 35.38 46.66 -17.03
CA LEU C 642 36.23 46.80 -18.20
C LEU C 642 37.03 45.55 -18.51
N MET C 643 37.12 44.61 -17.57
CA MET C 643 37.91 43.41 -17.79
C MET C 643 37.34 42.57 -18.92
N GLU C 644 38.23 41.99 -19.72
CA GLU C 644 37.80 41.12 -20.81
C GLU C 644 37.29 39.79 -20.28
N ASN C 645 37.93 39.26 -19.23
CA ASN C 645 37.58 37.96 -18.66
C ASN C 645 37.02 38.10 -17.24
N GLY C 646 37.75 38.73 -16.34
CA GLY C 646 37.32 38.92 -14.97
C GLY C 646 38.41 38.54 -13.99
N GLY C 647 38.37 39.14 -12.82
CA GLY C 647 39.33 38.89 -11.76
C GLY C 647 39.62 40.15 -10.99
N VAL C 648 40.73 40.11 -10.25
CA VAL C 648 41.17 41.26 -9.46
C VAL C 648 42.24 42.00 -10.26
N PRO C 649 42.05 43.29 -10.57
CA PRO C 649 42.96 43.95 -11.52
C PRO C 649 44.39 44.11 -11.03
N GLU C 650 44.57 44.72 -9.85
CA GLU C 650 45.89 45.08 -9.36
C GLU C 650 46.28 44.35 -8.09
N SER C 651 45.40 43.51 -7.54
CA SER C 651 45.64 42.70 -6.34
C SER C 651 45.85 43.50 -5.05
N ALA C 652 44.90 44.39 -4.77
CA ALA C 652 44.94 45.18 -3.54
C ALA C 652 44.65 44.34 -2.29
N ASN C 653 44.71 44.99 -1.14
CA ASN C 653 44.47 44.31 0.13
C ASN C 653 42.99 44.01 0.31
N SER C 654 42.71 43.05 1.20
CA SER C 654 41.34 42.59 1.40
C SER C 654 40.50 43.58 2.18
N SER C 655 41.11 44.36 3.08
CA SER C 655 40.34 45.31 3.87
C SER C 655 39.70 46.38 2.98
N THR C 656 40.44 46.86 1.98
CA THR C 656 39.89 47.85 1.07
C THR C 656 38.71 47.29 0.29
N LEU C 657 38.82 46.05 -0.18
CA LEU C 657 37.72 45.43 -0.92
C LEU C 657 36.50 45.25 -0.01
N ILE C 658 36.72 44.83 1.23
CA ILE C 658 35.61 44.65 2.16
C ILE C 658 34.92 45.99 2.41
N LYS C 659 35.69 47.05 2.62
CA LYS C 659 35.11 48.37 2.84
C LYS C 659 34.35 48.83 1.60
N GLU C 660 34.89 48.59 0.41
CA GLU C 660 34.22 48.99 -0.81
C GLU C 660 32.89 48.26 -0.97
N ALA C 661 32.86 46.96 -0.65
CA ALA C 661 31.61 46.21 -0.73
C ALA C 661 30.60 46.73 0.29
N ILE C 662 31.05 47.00 1.52
CA ILE C 662 30.13 47.52 2.54
C ILE C 662 29.59 48.88 2.11
N HIS C 663 30.38 49.66 1.39
CA HIS C 663 29.89 50.94 0.88
C HIS C 663 28.90 50.74 -0.27
N VAL C 664 29.23 49.85 -1.21
CA VAL C 664 28.38 49.64 -2.38
C VAL C 664 27.08 48.91 -2.04
N ILE C 665 26.96 48.37 -0.84
CA ILE C 665 25.71 47.73 -0.43
C ILE C 665 24.88 48.73 0.36
N GLY C 666 25.15 50.02 0.17
CA GLY C 666 24.41 51.04 0.88
C GLY C 666 22.95 51.09 0.47
N CYS C 667 22.16 51.78 1.29
CA CYS C 667 20.71 51.84 1.12
C CYS C 667 20.25 52.89 0.12
N GLY C 668 21.12 53.82 -0.28
CA GLY C 668 20.73 54.86 -1.22
C GLY C 668 21.55 54.84 -2.49
N PHE C 669 22.14 53.68 -2.81
CA PHE C 669 23.01 53.58 -3.97
C PHE C 669 22.24 53.83 -5.27
N GLU C 670 21.03 53.27 -5.39
CA GLU C 670 20.25 53.35 -6.62
C GLU C 670 19.25 54.50 -6.50
N GLU C 671 19.70 55.70 -6.85
CA GLU C 671 18.84 56.87 -6.89
C GLU C 671 18.66 57.41 -8.30
N LYS C 672 19.76 57.71 -9.01
CA LYS C 672 19.72 58.18 -10.38
C LYS C 672 20.19 57.11 -11.37
N THR C 673 20.36 55.87 -10.91
CA THR C 673 20.87 54.80 -11.75
C THR C 673 19.75 54.17 -12.56
N GLU C 674 20.15 53.39 -13.56
CA GLU C 674 19.21 52.67 -14.43
C GLU C 674 18.91 51.26 -13.94
N TRP C 675 19.40 50.90 -12.75
CA TRP C 675 19.10 49.59 -12.19
C TRP C 675 17.59 49.41 -12.07
N GLY C 676 17.10 48.27 -12.53
CA GLY C 676 15.67 48.00 -12.54
C GLY C 676 14.97 48.55 -13.78
N LYS C 677 15.22 49.82 -14.11
CA LYS C 677 14.59 50.41 -15.28
C LYS C 677 15.09 49.75 -16.57
N GLU C 678 16.41 49.64 -16.73
CA GLU C 678 16.97 49.06 -17.93
C GLU C 678 18.16 48.15 -17.68
N ILE C 679 18.55 47.90 -16.43
CA ILE C 679 19.70 47.07 -16.12
C ILE C 679 19.31 46.08 -15.02
N GLY C 680 19.66 44.82 -15.20
CA GLY C 680 19.40 43.82 -14.18
C GLY C 680 17.93 43.45 -14.11
N TRP C 681 17.57 42.86 -12.96
CA TRP C 681 16.18 42.47 -12.74
C TRP C 681 15.28 43.68 -12.77
N ILE C 682 14.14 43.54 -13.43
CA ILE C 682 13.23 44.66 -13.67
C ILE C 682 12.21 44.70 -12.54
N TYR C 683 12.08 45.87 -11.92
CA TYR C 683 11.06 46.07 -10.88
C TYR C 683 9.69 46.24 -11.51
N GLY C 684 8.65 45.99 -10.71
CA GLY C 684 7.29 46.16 -11.17
C GLY C 684 6.38 45.00 -10.80
N SER C 685 5.84 44.33 -11.80
CA SER C 685 4.88 43.25 -11.57
C SER C 685 5.49 42.16 -10.69
N VAL C 686 4.61 41.35 -10.11
CA VAL C 686 5.06 40.26 -9.25
C VAL C 686 5.89 39.27 -10.06
N THR C 687 5.41 38.91 -11.26
CA THR C 687 6.13 37.97 -12.13
C THR C 687 7.08 38.77 -13.02
N GLU C 688 8.18 39.22 -12.40
CA GLU C 688 9.17 40.01 -13.12
C GLU C 688 10.06 39.17 -14.03
N ASP C 689 10.09 37.84 -13.84
CA ASP C 689 10.95 37.00 -14.66
C ASP C 689 10.54 37.06 -16.12
N ILE C 690 9.24 37.00 -16.41
CA ILE C 690 8.78 37.04 -17.79
C ILE C 690 9.14 38.37 -18.43
N LEU C 691 8.95 39.47 -17.70
CA LEU C 691 9.29 40.79 -18.23
C LEU C 691 10.78 40.90 -18.51
N SER C 692 11.61 40.41 -17.59
CA SER C 692 13.05 40.44 -17.80
C SER C 692 13.45 39.62 -19.01
N GLY C 693 12.87 38.43 -19.16
CA GLY C 693 13.18 37.61 -20.31
C GLY C 693 12.76 38.25 -21.62
N PHE C 694 11.58 38.87 -21.64
CA PHE C 694 11.13 39.56 -22.85
C PHE C 694 12.05 40.72 -23.19
N LYS C 695 12.43 41.52 -22.19
CA LYS C 695 13.35 42.62 -22.43
C LYS C 695 14.68 42.11 -22.97
N MET C 696 15.19 41.02 -22.40
CA MET C 696 16.46 40.47 -22.85
C MET C 696 16.36 39.96 -24.28
N HIS C 697 15.27 39.28 -24.62
CA HIS C 697 15.10 38.74 -25.97
C HIS C 697 14.86 39.83 -27.00
N CYS C 698 14.31 40.98 -26.59
CA CYS C 698 14.02 42.03 -27.55
C CYS C 698 15.28 42.56 -28.25
N ARG C 699 16.46 42.32 -27.71
CA ARG C 699 17.70 42.84 -28.26
C ARG C 699 18.41 41.85 -29.18
N GLY C 700 17.82 40.69 -29.44
CA GLY C 700 18.36 39.75 -30.41
C GLY C 700 19.13 38.58 -29.85
N TRP C 701 19.19 38.42 -28.53
CA TRP C 701 19.88 37.29 -27.94
C TRP C 701 19.11 36.00 -28.19
N ARG C 702 19.80 34.88 -28.04
CA ARG C 702 19.21 33.55 -28.19
C ARG C 702 19.41 32.75 -26.90
N SER C 703 18.50 31.82 -26.66
CA SER C 703 18.56 30.96 -25.49
C SER C 703 18.45 29.51 -25.91
N ILE C 704 18.99 28.62 -25.08
CA ILE C 704 19.05 27.19 -25.38
C ILE C 704 18.32 26.42 -24.30
N TYR C 705 17.91 25.20 -24.64
CA TYR C 705 17.19 24.32 -23.74
C TYR C 705 17.99 23.03 -23.55
N CYS C 706 17.92 22.48 -22.34
CA CYS C 706 18.66 21.27 -21.99
C CYS C 706 17.72 20.28 -21.33
N MET C 707 18.02 19.00 -21.50
CA MET C 707 17.22 17.91 -20.91
C MET C 707 18.11 16.72 -20.65
N PRO C 708 18.93 16.76 -19.59
CA PRO C 708 19.76 15.62 -19.26
C PRO C 708 18.93 14.43 -18.83
N VAL C 709 19.56 13.25 -18.89
CA VAL C 709 18.86 12.02 -18.52
C VAL C 709 18.40 12.09 -17.06
N ARG C 710 19.27 12.55 -16.16
CA ARG C 710 18.88 12.76 -14.78
C ARG C 710 18.21 14.12 -14.63
N PRO C 711 17.30 14.26 -13.67
CA PRO C 711 16.63 15.57 -13.50
C PRO C 711 17.59 16.72 -13.28
N ALA C 712 18.66 16.49 -12.51
CA ALA C 712 19.67 17.48 -12.15
C ALA C 712 19.14 18.56 -11.22
N PHE C 713 17.85 18.56 -10.91
CA PHE C 713 17.27 19.56 -10.02
C PHE C 713 15.95 19.02 -9.49
N LYS C 714 15.74 19.07 -8.18
CA LYS C 714 14.54 18.57 -7.56
C LYS C 714 14.16 19.46 -6.39
N GLY C 715 12.85 19.63 -6.19
CA GLY C 715 12.34 20.46 -5.12
C GLY C 715 11.08 19.89 -4.49
N SER C 716 10.22 20.77 -3.98
CA SER C 716 8.98 20.38 -3.34
C SER C 716 7.81 21.06 -4.03
N ALA C 717 6.63 20.48 -3.86
CA ALA C 717 5.40 20.95 -4.48
C ALA C 717 4.32 21.14 -3.43
N PRO C 718 3.33 21.99 -3.70
CA PRO C 718 2.25 22.18 -2.72
C PRO C 718 1.45 20.91 -2.52
N ILE C 719 0.90 20.76 -1.32
CA ILE C 719 0.12 19.58 -0.95
C ILE C 719 -1.32 19.94 -0.65
N ASN C 720 -1.74 21.18 -0.91
CA ASN C 720 -3.07 21.63 -0.53
C ASN C 720 -3.73 22.40 -1.67
N LEU C 721 -5.06 22.23 -1.76
CA LEU C 721 -5.85 22.93 -2.76
C LEU C 721 -5.76 24.44 -2.56
N SER C 722 -5.76 24.89 -1.31
CA SER C 722 -5.65 26.32 -1.04
C SER C 722 -4.36 26.88 -1.60
N ASP C 723 -3.24 26.19 -1.35
CA ASP C 723 -1.96 26.66 -1.85
C ASP C 723 -1.94 26.63 -3.38
N ARG C 724 -2.49 25.59 -3.99
CA ARG C 724 -2.51 25.51 -5.45
C ARG C 724 -3.29 26.68 -6.04
N LEU C 725 -4.47 26.96 -5.48
CA LEU C 725 -5.30 28.06 -5.98
C LEU C 725 -4.62 29.40 -5.76
N HIS C 726 -3.97 29.58 -4.61
CA HIS C 726 -3.27 30.84 -4.37
C HIS C 726 -2.14 31.03 -5.37
N GLN C 727 -1.39 29.97 -5.67
CA GLN C 727 -0.34 30.07 -6.68
C GLN C 727 -0.90 30.42 -8.04
N VAL C 728 -2.03 29.80 -8.41
CA VAL C 728 -2.64 30.09 -9.71
C VAL C 728 -3.07 31.56 -9.76
N LEU C 729 -3.69 32.05 -8.69
CA LEU C 729 -4.14 33.44 -8.67
C LEU C 729 -2.96 34.41 -8.73
N ARG C 730 -1.88 34.09 -8.02
CA ARG C 730 -0.70 34.95 -8.07
C ARG C 730 -0.11 34.98 -9.48
N TRP C 731 -0.07 33.83 -10.15
CA TRP C 731 0.36 33.83 -11.54
C TRP C 731 -0.55 34.69 -12.41
N ALA C 732 -1.86 34.55 -12.22
CA ALA C 732 -2.81 35.25 -13.08
C ALA C 732 -2.68 36.77 -12.94
N LEU C 733 -2.53 37.26 -11.71
CA LEU C 733 -2.54 38.71 -11.49
C LEU C 733 -1.43 39.41 -12.25
N GLY C 734 -0.23 38.82 -12.26
CA GLY C 734 0.91 39.47 -12.91
C GLY C 734 0.73 39.63 -14.40
N SER C 735 0.07 38.66 -15.05
CA SER C 735 -0.15 38.77 -16.49
C SER C 735 -1.01 39.99 -16.81
N VAL C 736 -2.09 40.20 -16.05
CA VAL C 736 -2.93 41.37 -16.28
C VAL C 736 -2.16 42.65 -15.97
N GLU C 737 -1.36 42.62 -14.90
CA GLU C 737 -0.56 43.80 -14.56
C GLU C 737 0.36 44.18 -15.71
N ILE C 738 1.05 43.19 -16.28
CA ILE C 738 1.96 43.45 -17.39
C ILE C 738 1.19 43.90 -18.62
N PHE C 739 0.01 43.31 -18.86
CA PHE C 739 -0.79 43.73 -20.01
C PHE C 739 -1.16 45.20 -19.91
N PHE C 740 -1.54 45.66 -18.72
CA PHE C 740 -1.91 47.06 -18.55
C PHE C 740 -0.70 47.97 -18.41
N SER C 741 0.48 47.42 -18.13
CA SER C 741 1.68 48.24 -18.02
C SER C 741 2.16 48.69 -19.39
N ARG C 742 3.19 49.56 -19.38
CA ARG C 742 3.73 50.08 -20.64
C ARG C 742 4.38 48.98 -21.46
N HIS C 743 5.04 48.01 -20.81
CA HIS C 743 5.74 46.96 -21.52
C HIS C 743 4.75 45.97 -22.12
N CYS C 744 4.01 46.41 -23.13
CA CYS C 744 3.01 45.58 -23.79
C CYS C 744 3.49 45.20 -25.17
N PRO C 745 3.59 43.90 -25.51
CA PRO C 745 4.06 43.53 -26.85
C PRO C 745 3.19 44.06 -27.97
N PHE C 746 1.94 44.45 -27.68
CA PHE C 746 1.06 44.95 -28.73
C PHE C 746 1.65 46.17 -29.41
N TRP C 747 2.34 47.03 -28.64
CA TRP C 747 2.94 48.25 -29.19
C TRP C 747 4.36 48.48 -28.68
N TYR C 748 5.05 47.43 -28.24
CA TYR C 748 6.41 47.53 -27.75
C TYR C 748 7.33 46.62 -28.55
N GLY C 749 8.55 47.10 -28.82
CA GLY C 749 9.56 46.31 -29.49
C GLY C 749 9.54 46.38 -31.00
N TYR C 750 8.57 47.06 -31.60
CA TYR C 750 8.52 47.15 -33.06
C TYR C 750 9.74 47.87 -33.61
N GLY C 751 10.14 48.97 -32.97
CA GLY C 751 11.31 49.72 -33.40
C GLY C 751 12.58 48.91 -33.28
N GLY C 752 13.31 48.77 -34.38
CA GLY C 752 14.56 48.03 -34.40
C GLY C 752 14.41 46.55 -34.69
N GLY C 753 13.19 46.02 -34.67
CA GLY C 753 13.00 44.61 -34.98
C GLY C 753 13.79 43.72 -34.03
N ARG C 754 14.48 42.74 -34.61
CA ARG C 754 15.32 41.76 -33.91
C ARG C 754 14.51 40.76 -33.10
N LEU C 755 13.18 40.86 -33.08
CA LEU C 755 12.32 39.88 -32.42
C LEU C 755 11.50 39.16 -33.47
N LYS C 756 11.48 37.83 -33.39
CA LYS C 756 10.79 37.03 -34.39
C LYS C 756 9.28 37.23 -34.30
N TRP C 757 8.64 37.33 -35.47
CA TRP C 757 7.20 37.53 -35.52
C TRP C 757 6.42 36.31 -35.08
N LEU C 758 7.05 35.13 -35.06
CA LEU C 758 6.40 33.93 -34.57
C LEU C 758 6.52 33.76 -33.07
N GLN C 759 7.50 34.41 -32.44
CA GLN C 759 7.63 34.43 -30.98
C GLN C 759 6.89 35.60 -30.35
N ARG C 760 6.74 36.70 -31.09
CA ARG C 760 5.85 37.77 -30.62
C ARG C 760 4.46 37.21 -30.35
N LEU C 761 3.99 36.30 -31.21
CA LEU C 761 2.69 35.68 -31.00
C LEU C 761 2.67 34.84 -29.72
N ALA C 762 3.75 34.11 -29.45
CA ALA C 762 3.80 33.32 -28.23
C ALA C 762 3.74 34.21 -27.00
N TYR C 763 4.47 35.33 -27.02
CA TYR C 763 4.41 36.27 -25.90
C TYR C 763 3.02 36.87 -25.75
N ILE C 764 2.38 37.22 -26.88
CA ILE C 764 1.03 37.76 -26.84
C ILE C 764 0.08 36.74 -26.22
N ASN C 765 0.20 35.48 -26.60
CA ASN C 765 -0.64 34.43 -26.03
C ASN C 765 -0.42 34.32 -24.54
N THR C 766 0.84 34.26 -24.10
CA THR C 766 1.12 34.13 -22.67
C THR C 766 0.63 35.33 -21.88
N ILE C 767 0.57 36.51 -22.51
CA ILE C 767 0.10 37.70 -21.81
C ILE C 767 -1.42 37.85 -21.83
N VAL C 768 -2.10 37.33 -22.85
CA VAL C 768 -3.52 37.58 -23.04
C VAL C 768 -4.37 36.35 -22.71
N TYR C 769 -3.76 35.23 -22.34
CA TYR C 769 -4.57 34.06 -22.00
C TYR C 769 -5.57 34.35 -20.87
N PRO C 770 -5.22 35.12 -19.84
CA PRO C 770 -6.14 35.25 -18.71
C PRO C 770 -7.49 35.85 -19.06
N PHE C 771 -7.58 36.60 -20.15
CA PHE C 771 -8.78 37.36 -20.46
C PHE C 771 -9.84 36.57 -21.21
N THR C 772 -9.60 35.30 -21.54
CA THR C 772 -10.56 34.49 -22.27
C THR C 772 -11.40 33.62 -21.36
N SER C 773 -11.34 33.84 -20.04
CA SER C 773 -12.13 33.05 -19.10
C SER C 773 -13.61 33.40 -19.12
N LEU C 774 -13.95 34.65 -19.49
CA LEU C 774 -15.36 35.04 -19.49
C LEU C 774 -16.17 34.23 -20.51
N PRO C 775 -15.73 34.05 -21.76
CA PRO C 775 -16.51 33.20 -22.68
C PRO C 775 -16.72 31.79 -22.17
N LEU C 776 -15.78 31.25 -21.39
CA LEU C 776 -15.96 29.91 -20.86
C LEU C 776 -17.21 29.83 -20.00
N ILE C 777 -17.34 30.74 -19.03
CA ILE C 777 -18.51 30.74 -18.16
C ILE C 777 -19.76 31.11 -18.95
N ALA C 778 -19.63 32.02 -19.92
CA ALA C 778 -20.79 32.38 -20.74
C ALA C 778 -21.34 31.15 -21.46
N TYR C 779 -20.45 30.32 -22.01
CA TYR C 779 -20.90 29.11 -22.70
C TYR C 779 -21.43 28.08 -21.71
N CYS C 780 -20.75 27.91 -20.57
CA CYS C 780 -21.21 26.94 -19.58
C CYS C 780 -22.58 27.29 -19.03
N THR C 781 -22.96 28.57 -19.05
CA THR C 781 -24.27 28.96 -18.54
C THR C 781 -25.38 28.57 -19.52
N ILE C 782 -25.08 28.47 -20.81
CA ILE C 782 -26.14 28.30 -21.81
C ILE C 782 -26.95 27.02 -21.61
N PRO C 783 -26.34 25.84 -21.45
CA PRO C 783 -27.13 24.60 -21.52
C PRO C 783 -28.29 24.55 -20.55
N ALA C 784 -28.11 25.08 -19.33
CA ALA C 784 -29.17 25.02 -18.34
C ALA C 784 -30.40 25.80 -18.82
N VAL C 785 -30.19 27.06 -19.22
CA VAL C 785 -31.31 27.88 -19.70
C VAL C 785 -31.92 27.25 -20.95
N CYS C 786 -31.06 26.75 -21.85
CA CYS C 786 -31.56 26.11 -23.05
C CYS C 786 -32.53 24.98 -22.69
N LEU C 787 -32.02 23.96 -21.99
CA LEU C 787 -32.85 22.81 -21.64
C LEU C 787 -34.08 23.23 -20.84
N LEU C 788 -33.98 24.27 -20.01
CA LEU C 788 -35.10 24.64 -19.16
C LEU C 788 -36.23 25.28 -19.97
N THR C 789 -35.90 26.20 -20.87
CA THR C 789 -36.93 27.00 -21.53
C THR C 789 -36.95 26.85 -23.05
N GLY C 790 -35.81 26.91 -23.72
CA GLY C 790 -35.80 26.98 -25.16
C GLY C 790 -35.78 25.63 -25.84
N LYS C 791 -34.79 24.80 -25.48
CA LYS C 791 -34.65 23.47 -26.04
C LYS C 791 -34.35 23.50 -27.54
N PHE C 792 -33.83 24.63 -28.03
CA PHE C 792 -33.55 24.77 -29.45
C PHE C 792 -32.46 25.82 -29.60
N ILE C 793 -31.27 25.39 -30.05
CA ILE C 793 -30.13 26.27 -30.22
C ILE C 793 -29.76 26.43 -31.70
N ILE C 794 -29.83 25.36 -32.47
CA ILE C 794 -29.54 25.40 -33.90
C ILE C 794 -30.72 24.77 -34.65
N PRO C 795 -31.00 25.19 -35.89
CA PRO C 795 -32.06 24.52 -36.66
C PRO C 795 -31.67 23.08 -36.98
N THR C 796 -32.67 22.30 -37.37
CA THR C 796 -32.45 20.89 -37.66
C THR C 796 -31.45 20.73 -38.80
N LEU C 797 -30.63 19.68 -38.71
CA LEU C 797 -29.58 19.46 -39.69
C LEU C 797 -30.10 19.17 -41.10
N SER C 798 -29.28 19.50 -42.09
CA SER C 798 -29.62 19.35 -43.50
C SER C 798 -28.55 18.58 -44.26
N ASN C 799 -28.04 17.50 -43.66
CA ASN C 799 -27.16 16.56 -44.34
C ASN C 799 -25.73 17.07 -44.43
N LEU C 800 -25.53 18.18 -45.14
CA LEU C 800 -24.20 18.78 -45.20
C LEU C 800 -23.73 19.21 -43.82
N ALA C 801 -24.66 19.66 -42.97
CA ALA C 801 -24.31 19.99 -41.60
C ALA C 801 -23.76 18.78 -40.86
N SER C 802 -24.41 17.63 -41.01
CA SER C 802 -23.94 16.42 -40.35
C SER C 802 -22.59 15.99 -40.89
N MET C 803 -22.41 16.10 -42.21
CA MET C 803 -21.11 15.79 -42.79
C MET C 803 -20.01 16.69 -42.21
N LEU C 804 -20.29 17.99 -42.08
CA LEU C 804 -19.30 18.90 -41.53
C LEU C 804 -19.02 18.61 -40.06
N PHE C 805 -20.05 18.25 -39.30
CA PHE C 805 -19.86 17.88 -37.90
C PHE C 805 -18.97 16.66 -37.79
N LEU C 806 -19.22 15.65 -38.63
CA LEU C 806 -18.39 14.46 -38.64
C LEU C 806 -16.95 14.79 -38.99
N GLY C 807 -16.76 15.67 -39.98
CA GLY C 807 -15.41 16.09 -40.33
C GLY C 807 -14.70 16.77 -39.17
N LEU C 808 -15.41 17.67 -38.48
CA LEU C 808 -14.83 18.35 -37.32
C LEU C 808 -14.37 17.32 -36.29
N PHE C 809 -15.25 16.37 -35.95
CA PHE C 809 -14.92 15.41 -34.91
C PHE C 809 -13.75 14.53 -35.30
N ILE C 810 -13.74 14.04 -36.55
CA ILE C 810 -12.65 13.16 -36.98
C ILE C 810 -11.34 13.93 -37.01
N SER C 811 -11.36 15.19 -37.45
CA SER C 811 -10.14 15.98 -37.45
C SER C 811 -9.61 16.18 -36.04
N ILE C 812 -10.48 16.47 -35.09
CA ILE C 812 -10.04 16.66 -33.71
C ILE C 812 -9.41 15.37 -33.18
N ILE C 813 -10.07 14.23 -33.43
CA ILE C 813 -9.54 12.97 -32.92
C ILE C 813 -8.18 12.68 -33.54
N VAL C 814 -8.05 12.88 -34.85
CA VAL C 814 -6.80 12.56 -35.53
C VAL C 814 -5.67 13.46 -35.06
N THR C 815 -5.94 14.75 -34.89
CA THR C 815 -4.88 15.66 -34.43
C THR C 815 -4.45 15.31 -33.02
N ALA C 816 -5.40 14.95 -32.14
CA ALA C 816 -5.02 14.54 -30.80
C ALA C 816 -4.17 13.29 -30.83
N VAL C 817 -4.55 12.31 -31.66
CA VAL C 817 -3.78 11.07 -31.74
C VAL C 817 -2.37 11.34 -32.23
N LEU C 818 -2.23 12.18 -33.27
CA LEU C 818 -0.89 12.47 -33.80
C LEU C 818 -0.06 13.25 -32.78
N GLU C 819 -0.67 14.19 -32.07
CA GLU C 819 0.06 14.91 -31.03
C GLU C 819 0.60 13.95 -29.99
N LEU C 820 -0.25 13.03 -29.52
CA LEU C 820 0.20 12.05 -28.55
C LEU C 820 1.33 11.21 -29.11
N ARG C 821 1.17 10.75 -30.36
CA ARG C 821 2.16 9.85 -30.94
C ARG C 821 3.53 10.52 -31.02
N TRP C 822 3.57 11.77 -31.50
CA TRP C 822 4.87 12.42 -31.67
C TRP C 822 5.40 13.03 -30.38
N SER C 823 4.57 13.19 -29.35
CA SER C 823 5.04 13.79 -28.11
C SER C 823 5.49 12.77 -27.09
N GLY C 824 4.76 11.66 -26.95
CA GLY C 824 5.05 10.68 -25.92
C GLY C 824 4.29 10.90 -24.63
N VAL C 825 3.61 12.03 -24.47
CA VAL C 825 2.79 12.24 -23.28
C VAL C 825 1.58 11.32 -23.33
N SER C 826 1.03 11.03 -22.15
CA SER C 826 -0.04 10.06 -22.01
C SER C 826 -1.41 10.72 -22.15
N ILE C 827 -2.37 9.93 -22.65
CA ILE C 827 -3.74 10.40 -22.77
C ILE C 827 -4.30 10.75 -21.40
N GLU C 828 -3.92 9.99 -20.37
CA GLU C 828 -4.38 10.29 -19.01
C GLU C 828 -3.90 11.67 -18.58
N ASP C 829 -2.63 11.98 -18.81
CA ASP C 829 -2.11 13.29 -18.45
C ASP C 829 -2.77 14.39 -19.26
N LEU C 830 -3.01 14.16 -20.55
CA LEU C 830 -3.68 15.16 -21.38
C LEU C 830 -5.07 15.45 -20.83
N TRP C 831 -5.84 14.41 -20.50
CA TRP C 831 -7.17 14.59 -19.96
C TRP C 831 -7.12 15.30 -18.62
N ARG C 832 -6.16 14.94 -17.77
CA ARG C 832 -6.02 15.60 -16.48
C ARG C 832 -5.72 17.08 -16.65
N ASN C 833 -4.84 17.43 -17.59
CA ASN C 833 -4.52 18.83 -17.83
C ASN C 833 -5.74 19.59 -18.31
N GLU C 834 -6.52 19.00 -19.23
CA GLU C 834 -7.71 19.68 -19.72
C GLU C 834 -8.71 19.90 -18.59
N GLN C 835 -8.94 18.87 -17.78
CA GLN C 835 -9.93 18.96 -16.70
C GLN C 835 -9.46 19.85 -15.57
N PHE C 836 -8.15 20.06 -15.43
CA PHE C 836 -7.65 21.02 -14.46
C PHE C 836 -7.73 22.45 -15.00
N TRP C 837 -7.45 22.63 -16.29
CA TRP C 837 -7.53 23.95 -16.88
C TRP C 837 -8.95 24.49 -16.83
N VAL C 838 -9.95 23.64 -17.11
CA VAL C 838 -11.33 24.12 -17.09
C VAL C 838 -11.71 24.60 -15.69
N ILE C 839 -11.36 23.81 -14.67
CA ILE C 839 -11.74 24.15 -13.30
C ILE C 839 -10.98 25.38 -12.81
N GLY C 840 -9.72 25.53 -13.23
CA GLY C 840 -9.00 26.75 -12.89
C GLY C 840 -9.59 27.98 -13.54
N GLY C 841 -9.95 27.86 -14.83
CA GLY C 841 -10.49 29.00 -15.55
C GLY C 841 -11.83 29.45 -15.02
N VAL C 842 -12.69 28.49 -14.64
CA VAL C 842 -14.02 28.88 -14.17
C VAL C 842 -13.92 29.73 -12.91
N SER C 843 -13.00 29.39 -12.00
CA SER C 843 -12.94 30.03 -10.69
C SER C 843 -11.92 31.16 -10.61
N ALA C 844 -10.64 30.86 -10.82
CA ALA C 844 -9.59 31.80 -10.38
C ALA C 844 -9.51 33.02 -11.28
N HIS C 845 -9.57 32.81 -12.60
CA HIS C 845 -9.27 33.90 -13.53
C HIS C 845 -10.32 35.00 -13.50
N LEU C 846 -11.59 34.65 -13.24
CA LEU C 846 -12.62 35.67 -13.12
C LEU C 846 -12.29 36.67 -12.03
N PHE C 847 -12.01 36.15 -10.82
CA PHE C 847 -11.64 37.03 -9.71
C PHE C 847 -10.37 37.80 -10.03
N ALA C 848 -9.37 37.13 -10.62
CA ALA C 848 -8.12 37.81 -10.93
C ALA C 848 -8.36 39.00 -11.85
N VAL C 849 -9.11 38.78 -12.93
CA VAL C 849 -9.35 39.83 -13.92
C VAL C 849 -10.14 40.97 -13.29
N PHE C 850 -11.19 40.63 -12.54
CA PHE C 850 -12.01 41.68 -11.94
C PHE C 850 -11.19 42.54 -10.97
N GLN C 851 -10.40 41.89 -10.12
CA GLN C 851 -9.59 42.64 -9.16
C GLN C 851 -8.56 43.51 -9.87
N GLY C 852 -7.92 42.97 -10.91
CA GLY C 852 -6.94 43.77 -11.63
C GLY C 852 -7.56 44.99 -12.28
N PHE C 853 -8.71 44.81 -12.93
CA PHE C 853 -9.36 45.93 -13.59
C PHE C 853 -9.78 46.98 -12.56
N LEU C 854 -10.35 46.55 -11.43
CA LEU C 854 -10.79 47.50 -10.43
C LEU C 854 -9.60 48.26 -9.85
N LYS C 855 -8.49 47.58 -9.58
CA LYS C 855 -7.31 48.24 -9.04
C LYS C 855 -6.74 49.23 -10.05
N MET C 856 -6.72 48.86 -11.33
CA MET C 856 -6.21 49.79 -12.33
C MET C 856 -7.09 51.02 -12.35
N LEU C 857 -8.41 50.81 -12.41
CA LEU C 857 -9.34 51.93 -12.47
C LEU C 857 -9.15 52.84 -11.27
N ALA C 858 -8.95 52.26 -10.09
CA ALA C 858 -8.66 53.08 -8.91
C ALA C 858 -7.37 53.87 -9.09
N GLY C 859 -6.35 53.24 -9.67
CA GLY C 859 -5.08 53.89 -9.91
C GLY C 859 -3.92 52.92 -9.77
N VAL C 882 -9.64 36.47 -2.05
CA VAL C 882 -9.01 36.85 -0.79
C VAL C 882 -8.99 35.66 0.16
N LYS C 883 -10.04 34.84 0.10
CA LYS C 883 -10.18 33.68 0.97
C LYS C 883 -10.60 32.47 0.13
N TRP C 884 -10.24 31.28 0.63
CA TRP C 884 -10.54 30.04 -0.09
C TRP C 884 -12.05 29.82 -0.20
N THR C 885 -12.79 30.10 0.87
CA THR C 885 -14.24 29.94 0.81
C THR C 885 -14.82 30.79 -0.31
N THR C 886 -14.50 32.09 -0.33
CA THR C 886 -14.98 32.96 -1.39
C THR C 886 -14.51 32.51 -2.75
N LEU C 887 -13.29 31.96 -2.83
CA LEU C 887 -12.77 31.42 -4.08
C LEU C 887 -13.60 30.24 -4.58
N LEU C 888 -14.24 29.49 -3.68
CA LEU C 888 -14.94 28.26 -4.06
C LEU C 888 -16.41 28.48 -4.39
N ILE C 889 -16.85 29.70 -4.62
CA ILE C 889 -18.28 30.00 -4.75
C ILE C 889 -18.84 29.58 -6.11
N PRO C 890 -18.37 30.13 -7.24
CA PRO C 890 -19.09 29.95 -8.52
C PRO C 890 -19.29 28.48 -8.87
N PRO C 891 -18.23 27.67 -8.85
CA PRO C 891 -18.41 26.28 -9.31
C PRO C 891 -19.59 25.57 -8.68
N THR C 892 -19.84 25.78 -7.38
CA THR C 892 -20.96 25.12 -6.74
C THR C 892 -22.26 25.39 -7.49
N THR C 893 -22.55 26.67 -7.74
CA THR C 893 -23.75 27.00 -8.52
C THR C 893 -23.67 26.37 -9.90
N LEU C 894 -22.49 26.43 -10.53
CA LEU C 894 -22.35 25.85 -11.87
C LEU C 894 -22.73 24.38 -11.86
N LEU C 895 -22.59 23.73 -10.71
CA LEU C 895 -23.09 22.37 -10.54
C LEU C 895 -24.60 22.40 -10.37
N ILE C 896 -25.06 23.08 -9.33
CA ILE C 896 -26.46 23.00 -8.93
C ILE C 896 -27.36 23.23 -10.14
N ILE C 897 -27.24 24.41 -10.74
CA ILE C 897 -28.12 24.78 -11.84
C ILE C 897 -28.30 23.61 -12.80
N ASN C 898 -27.18 23.01 -13.24
CA ASN C 898 -27.27 21.97 -14.26
C ASN C 898 -27.93 20.70 -13.69
N ILE C 899 -27.49 20.26 -12.52
CA ILE C 899 -27.98 18.99 -11.99
C ILE C 899 -29.48 19.09 -11.69
N VAL C 900 -29.93 20.23 -11.19
CA VAL C 900 -31.36 20.42 -10.98
C VAL C 900 -32.09 20.52 -12.32
N GLY C 901 -31.46 21.08 -13.35
CA GLY C 901 -32.17 21.27 -14.59
C GLY C 901 -32.41 19.98 -15.36
N VAL C 902 -31.32 19.28 -15.67
CA VAL C 902 -31.39 18.21 -16.68
C VAL C 902 -32.49 17.21 -16.32
N VAL C 903 -32.49 16.75 -15.07
CA VAL C 903 -33.45 15.73 -14.66
C VAL C 903 -34.86 16.21 -14.94
N ALA C 904 -35.18 17.42 -14.47
CA ALA C 904 -36.52 17.95 -14.70
C ALA C 904 -36.82 17.99 -16.19
N GLY C 905 -35.86 18.42 -16.99
CA GLY C 905 -36.09 18.43 -18.42
C GLY C 905 -36.55 17.07 -18.90
N PHE C 906 -35.82 16.02 -18.50
CA PHE C 906 -36.21 14.67 -18.87
C PHE C 906 -37.65 14.41 -18.43
N SER C 907 -37.93 14.67 -17.15
CA SER C 907 -39.23 14.33 -16.59
C SER C 907 -40.33 15.04 -17.35
N ASP C 908 -40.00 16.13 -18.03
CA ASP C 908 -40.98 16.81 -18.85
C ASP C 908 -41.09 16.14 -20.22
N ALA C 909 -39.96 16.01 -20.91
CA ALA C 909 -39.98 15.62 -22.32
C ALA C 909 -40.53 14.21 -22.47
N LEU C 910 -40.05 13.28 -21.66
CA LEU C 910 -40.52 11.91 -21.80
C LEU C 910 -41.99 11.76 -21.39
N ASN C 911 -42.56 12.77 -20.73
CA ASN C 911 -43.96 12.67 -20.33
C ASN C 911 -44.88 12.67 -21.55
N LYS C 912 -44.67 13.59 -22.48
CA LYS C 912 -45.54 13.73 -23.64
C LYS C 912 -44.83 13.53 -24.97
N GLY C 913 -43.67 14.17 -25.17
CA GLY C 913 -43.08 14.20 -26.50
C GLY C 913 -42.51 12.86 -26.90
N TYR C 914 -42.92 12.38 -28.07
CA TYR C 914 -42.32 11.22 -28.71
C TYR C 914 -41.87 11.58 -30.12
N GLU C 915 -40.77 10.98 -30.55
CA GLU C 915 -40.09 11.29 -31.80
C GLU C 915 -39.29 12.59 -31.70
N ALA C 916 -39.39 13.32 -30.59
CA ALA C 916 -38.65 14.55 -30.37
C ALA C 916 -37.62 14.39 -29.26
N TRP C 917 -37.08 13.18 -29.10
CA TRP C 917 -36.11 12.89 -28.04
C TRP C 917 -34.66 12.78 -28.50
N GLY C 918 -34.37 13.23 -29.72
CA GLY C 918 -33.01 13.31 -30.20
C GLY C 918 -32.33 14.57 -29.72
N PRO C 919 -32.98 15.73 -29.90
CA PRO C 919 -32.45 16.96 -29.29
C PRO C 919 -32.32 16.85 -27.78
N LEU C 920 -33.25 16.15 -27.14
CA LEU C 920 -33.11 15.90 -25.70
C LEU C 920 -31.85 15.10 -25.41
N PHE C 921 -31.56 14.09 -26.23
CA PHE C 921 -30.34 13.31 -26.05
C PHE C 921 -29.10 14.19 -26.22
N GLY C 922 -29.11 15.07 -27.23
CA GLY C 922 -27.97 15.95 -27.42
C GLY C 922 -27.77 16.90 -26.26
N LYS C 923 -28.86 17.48 -25.76
CA LYS C 923 -28.76 18.38 -24.61
C LYS C 923 -28.25 17.62 -23.38
N VAL C 924 -28.73 16.40 -23.17
CA VAL C 924 -28.27 15.61 -22.03
C VAL C 924 -26.79 15.29 -22.17
N PHE C 925 -26.34 14.96 -23.39
CA PHE C 925 -24.93 14.68 -23.61
C PHE C 925 -24.07 15.90 -23.34
N PHE C 926 -24.53 17.07 -23.78
CA PHE C 926 -23.78 18.30 -23.52
C PHE C 926 -23.72 18.60 -22.02
N ALA C 927 -24.84 18.41 -21.33
CA ALA C 927 -24.86 18.61 -19.88
C ALA C 927 -23.92 17.64 -19.19
N PHE C 928 -23.88 16.39 -19.64
CA PHE C 928 -22.96 15.41 -19.06
C PHE C 928 -21.50 15.79 -19.32
N TRP C 929 -21.21 16.28 -20.53
CA TRP C 929 -19.86 16.77 -20.80
C TRP C 929 -19.48 17.88 -19.84
N VAL C 930 -20.40 18.81 -19.61
CA VAL C 930 -20.13 19.90 -18.67
C VAL C 930 -19.92 19.36 -17.26
N ILE C 931 -20.76 18.41 -16.85
CA ILE C 931 -20.78 17.98 -15.46
C ILE C 931 -19.55 17.15 -15.13
N LEU C 932 -19.08 16.34 -16.10
CA LEU C 932 -17.99 15.41 -15.82
C LEU C 932 -16.68 16.14 -15.58
N HIS C 933 -16.45 17.25 -16.29
CA HIS C 933 -15.18 17.96 -16.15
C HIS C 933 -15.01 18.49 -14.74
N LEU C 934 -16.07 19.04 -14.15
CA LEU C 934 -15.96 19.73 -12.87
C LEU C 934 -16.64 19.07 -11.68
N TYR C 935 -17.16 17.84 -11.82
CA TYR C 935 -17.66 17.16 -10.64
C TYR C 935 -16.53 16.54 -9.81
N PRO C 936 -15.58 15.81 -10.43
CA PRO C 936 -14.60 15.08 -9.62
C PRO C 936 -13.75 15.97 -8.73
N PHE C 937 -13.09 16.98 -9.30
CA PHE C 937 -12.25 17.85 -8.48
C PHE C 937 -13.07 18.64 -7.48
N LEU C 938 -14.24 19.11 -7.89
CA LEU C 938 -15.08 19.93 -7.01
C LEU C 938 -15.69 19.13 -5.88
N LYS C 939 -15.71 17.80 -5.99
CA LYS C 939 -16.34 16.95 -4.98
C LYS C 939 -15.31 16.25 -4.10
N GLY C 940 -14.29 15.63 -4.69
CA GLY C 940 -13.43 14.73 -3.95
C GLY C 940 -12.74 15.38 -2.77
N LEU C 941 -12.54 16.69 -2.81
CA LEU C 941 -11.87 17.37 -1.70
C LEU C 941 -12.60 17.15 -0.38
N MET C 942 -13.91 16.95 -0.43
CA MET C 942 -14.70 16.67 0.76
C MET C 942 -14.80 15.15 0.94
N GLY C 943 -14.62 14.69 2.18
CA GLY C 943 -14.64 13.28 2.47
C GLY C 943 -13.26 12.66 2.43
N ARG C 944 -13.21 11.37 2.77
CA ARG C 944 -11.94 10.63 2.82
C ARG C 944 -11.64 10.03 1.44
N GLN C 945 -12.54 9.18 0.95
CA GLN C 945 -12.46 8.64 -0.40
C GLN C 945 -13.74 8.86 -1.18
N ASN C 946 -14.89 8.54 -0.59
CA ASN C 946 -16.18 8.72 -1.24
C ASN C 946 -17.31 8.58 -0.23
N ARG C 947 -18.21 9.55 -0.19
CA ARG C 947 -19.40 9.50 0.65
C ARG C 947 -20.61 8.93 -0.08
N THR C 948 -20.36 8.05 -1.05
CA THR C 948 -21.44 7.45 -1.84
C THR C 948 -22.50 6.75 -0.98
N PRO C 949 -22.14 5.92 0.04
CA PRO C 949 -23.16 5.17 0.78
C PRO C 949 -24.43 5.94 1.07
N THR C 950 -24.29 7.15 1.63
CA THR C 950 -25.45 7.97 1.94
C THR C 950 -25.80 8.93 0.81
N ILE C 951 -24.82 9.31 -0.01
CA ILE C 951 -25.07 10.29 -1.07
C ILE C 951 -26.04 9.72 -2.09
N VAL C 952 -25.88 8.45 -2.47
CA VAL C 952 -26.75 7.86 -3.49
C VAL C 952 -28.20 7.87 -3.01
N VAL C 953 -28.42 7.40 -1.78
CA VAL C 953 -29.79 7.36 -1.26
C VAL C 953 -30.34 8.77 -1.09
N LEU C 954 -29.50 9.72 -0.67
CA LEU C 954 -29.95 11.10 -0.53
C LEU C 954 -30.43 11.66 -1.87
N TRP C 955 -29.63 11.45 -2.92
CA TRP C 955 -30.01 11.95 -4.24
C TRP C 955 -31.29 11.27 -4.72
N SER C 956 -31.40 9.95 -4.52
CA SER C 956 -32.59 9.23 -4.97
C SER C 956 -33.85 9.75 -4.26
N VAL C 957 -33.76 9.91 -2.93
CA VAL C 957 -34.93 10.36 -2.19
C VAL C 957 -35.29 11.79 -2.56
N LEU C 958 -34.29 12.65 -2.76
CA LEU C 958 -34.56 14.02 -3.19
C LEU C 958 -35.27 14.02 -4.55
N LEU C 959 -34.76 13.21 -5.48
CA LEU C 959 -35.36 13.16 -6.81
C LEU C 959 -36.81 12.70 -6.74
N THR C 960 -37.07 11.59 -6.06
CA THR C 960 -38.43 11.07 -6.00
C THR C 960 -39.37 12.03 -5.28
N SER C 961 -38.89 12.64 -4.19
CA SER C 961 -39.74 13.57 -3.44
C SER C 961 -40.10 14.78 -4.29
N VAL C 962 -39.11 15.35 -4.99
CA VAL C 962 -39.39 16.51 -5.84
C VAL C 962 -40.35 16.12 -6.95
N PHE C 963 -40.11 14.96 -7.58
CA PHE C 963 -40.99 14.53 -8.67
C PHE C 963 -42.42 14.37 -8.18
N SER C 964 -42.61 13.71 -7.04
CA SER C 964 -43.96 13.51 -6.52
C SER C 964 -44.61 14.84 -6.17
N LEU C 965 -43.87 15.72 -5.49
CA LEU C 965 -44.45 16.99 -5.06
C LEU C 965 -44.88 17.84 -6.25
N VAL C 966 -44.03 17.91 -7.29
CA VAL C 966 -44.40 18.70 -8.45
C VAL C 966 -45.52 18.02 -9.23
N TRP C 967 -45.56 16.68 -9.23
CA TRP C 967 -46.64 15.98 -9.92
C TRP C 967 -47.99 16.25 -9.26
N VAL C 968 -48.03 16.28 -7.93
CA VAL C 968 -49.26 16.55 -7.21
C VAL C 968 -49.86 17.87 -7.69
#